data_4INH
#
_entry.id   4INH
#
_cell.length_a   56.335
_cell.length_b   66.917
_cell.length_c   100.459
_cell.angle_alpha   89.99
_cell.angle_beta   90.09
_cell.angle_gamma   75.93
#
_symmetry.space_group_name_H-M   'P 1'
#
loop_
_entity.id
_entity.type
_entity.pdbx_description
1 polymer 'Genome polyprotein'
2 polymer 'peptide inhibitor, syc59'
3 non-polymer 'DIMETHYL SULFOXIDE'
4 water water
#
loop_
_entity_poly.entity_id
_entity_poly.type
_entity_poly.pdbx_seq_one_letter_code
_entity_poly.pdbx_strand_id
1 'polypeptide(L)'
;DDDKAPPTLWSRVTKFGSGWGFWVSPTVFITTTHVVPTGVKEFFGEPLSSIAIHQAGEFTQFRFSKKMRPDLTGMVLEEG
CPEGTVCSVLIKRDSGELLPLAVRMGAIASMRIQGRLVHGQSGMLLTGANAKGMDLGTIPGDCGAPYVHKRGNDWVVCGV
HAAATKSGNTVVCAVQAGEGETALE
;
A,B,C,D,E,F,G,H
2 'polypeptide(L)' (PHQ)AL(1HB) J,M,S,T,N,O,P,Q
#
loop_
_chem_comp.id
_chem_comp.type
_chem_comp.name
_chem_comp.formula
1HB peptide-like (4S)-4-amino-5-hydroxy-N,N-dimethylpentanamide 'C7 H16 N2 O2'
DMS non-polymer 'DIMETHYL SULFOXIDE' 'C2 H6 O S'
PHQ non-polymer 'benzyl chlorocarbonate' 'C8 H7 Cl O2'
#
# COMPACT_ATOMS: atom_id res chain seq x y z
N ASP A 1 -1.35 -11.50 -30.80
CA ASP A 1 -0.08 -12.09 -31.22
C ASP A 1 -0.39 -13.03 -32.39
N ASP A 2 0.57 -13.83 -32.89
CA ASP A 2 1.72 -14.31 -32.14
C ASP A 2 3.11 -13.85 -32.59
N ASP A 3 3.22 -12.65 -33.15
CA ASP A 3 4.48 -12.26 -33.77
C ASP A 3 5.30 -11.29 -32.94
N LYS A 4 4.81 -10.99 -31.75
CA LYS A 4 5.53 -10.23 -30.74
C LYS A 4 5.86 -8.78 -31.04
N ALA A 5 6.76 -8.59 -31.97
CA ALA A 5 7.11 -7.25 -32.42
C ALA A 5 6.02 -6.60 -33.29
N PRO A 6 5.88 -5.26 -33.23
CA PRO A 6 4.92 -4.53 -34.07
C PRO A 6 5.33 -4.51 -35.55
N PRO A 7 4.36 -4.23 -36.45
CA PRO A 7 4.63 -4.28 -37.89
C PRO A 7 5.79 -3.36 -38.26
N THR A 8 5.89 -2.18 -37.65
CA THR A 8 6.97 -1.26 -38.01
C THR A 8 8.34 -1.86 -37.73
N LEU A 9 8.46 -2.60 -36.63
CA LEU A 9 9.73 -3.23 -36.25
C LEU A 9 10.05 -4.33 -37.25
N TRP A 10 9.07 -5.17 -37.56
CA TRP A 10 9.27 -6.15 -38.63
C TRP A 10 9.68 -5.49 -39.95
N SER A 11 9.13 -4.33 -40.25
CA SER A 11 9.43 -3.71 -41.52
C SER A 11 10.88 -3.21 -41.61
N ARG A 12 11.62 -3.24 -40.49
CA ARG A 12 13.04 -2.87 -40.54
C ARG A 12 13.90 -4.02 -41.07
N VAL A 13 13.37 -5.24 -41.00
CA VAL A 13 14.11 -6.42 -41.45
C VAL A 13 13.99 -6.46 -42.97
N THR A 14 15.14 -6.51 -43.64
CA THR A 14 15.24 -6.16 -45.05
C THR A 14 16.06 -7.19 -45.81
N LYS A 15 15.52 -7.73 -46.90
CA LYS A 15 16.28 -8.70 -47.67
C LYS A 15 17.54 -8.00 -48.18
N PHE A 16 18.69 -8.66 -48.07
CA PHE A 16 19.97 -8.03 -48.45
C PHE A 16 21.00 -9.08 -48.77
N GLY A 17 21.56 -9.06 -49.99
CA GLY A 17 22.60 -10.02 -50.34
C GLY A 17 22.12 -11.44 -50.11
N SER A 18 22.96 -12.25 -49.50
CA SER A 18 22.61 -13.64 -49.21
C SER A 18 22.06 -13.78 -47.80
N GLY A 19 21.22 -12.83 -47.40
CA GLY A 19 20.61 -12.85 -46.08
C GLY A 19 19.64 -11.72 -45.82
N TRP A 20 19.92 -10.93 -44.79
CA TRP A 20 19.04 -9.83 -44.38
C TRP A 20 19.89 -8.74 -43.72
N GLY A 21 19.30 -7.57 -43.55
CA GLY A 21 19.87 -6.53 -42.72
C GLY A 21 18.75 -5.85 -41.98
N PHE A 22 19.10 -4.81 -41.21
CA PHE A 22 18.15 -4.18 -40.31
C PHE A 22 18.34 -2.67 -40.27
N TRP A 23 17.27 -1.93 -40.52
CA TRP A 23 17.29 -0.47 -40.39
C TRP A 23 17.15 -0.07 -38.93
N VAL A 24 18.25 0.41 -38.36
CA VAL A 24 18.28 0.90 -36.98
C VAL A 24 17.63 2.28 -36.91
N SER A 25 17.75 3.01 -38.01
CA SER A 25 17.16 4.35 -38.10
C SER A 25 16.97 4.68 -39.58
N PRO A 26 16.50 5.90 -39.89
CA PRO A 26 16.33 6.21 -41.32
C PRO A 26 17.64 6.16 -42.11
N THR A 27 18.78 6.32 -41.44
CA THR A 27 20.06 6.34 -42.14
C THR A 27 21.03 5.21 -41.84
N VAL A 28 20.76 4.45 -40.78
CA VAL A 28 21.71 3.41 -40.35
C VAL A 28 21.19 2.00 -40.59
N PHE A 29 21.97 1.19 -41.30
CA PHE A 29 21.56 -0.17 -41.68
C PHE A 29 22.64 -1.11 -41.18
N ILE A 30 22.24 -2.20 -40.52
CA ILE A 30 23.24 -3.16 -40.05
C ILE A 30 23.00 -4.55 -40.62
N THR A 31 24.08 -5.32 -40.76
CA THR A 31 23.96 -6.67 -41.29
C THR A 31 25.22 -7.43 -40.92
N THR A 32 25.27 -8.71 -41.33
CA THR A 32 26.41 -9.56 -41.07
C THR A 32 27.37 -9.49 -42.28
N THR A 33 28.66 -9.31 -42.02
CA THR A 33 29.57 -8.99 -43.12
C THR A 33 29.53 -9.98 -44.27
N HIS A 34 29.49 -11.27 -43.97
CA HIS A 34 29.57 -12.26 -45.05
C HIS A 34 28.34 -12.30 -45.98
N VAL A 35 27.23 -11.64 -45.62
CA VAL A 35 26.09 -11.61 -46.54
C VAL A 35 26.13 -10.40 -47.47
N VAL A 36 27.00 -9.44 -47.16
CA VAL A 36 27.05 -8.22 -47.96
C VAL A 36 27.53 -8.48 -49.41
N PRO A 37 26.77 -8.00 -50.40
CA PRO A 37 27.23 -8.19 -51.79
C PRO A 37 28.59 -7.53 -52.05
N THR A 38 29.47 -8.17 -52.83
CA THR A 38 30.74 -7.53 -53.15
C THR A 38 30.77 -7.13 -54.62
N GLY A 39 31.71 -6.26 -54.96
CA GLY A 39 31.89 -5.82 -56.33
C GLY A 39 30.80 -4.91 -56.83
N VAL A 40 30.09 -4.23 -55.93
CA VAL A 40 29.03 -3.32 -56.34
C VAL A 40 29.44 -1.88 -56.13
N LYS A 41 28.75 -0.96 -56.80
CA LYS A 41 29.07 0.46 -56.74
C LYS A 41 28.10 1.21 -55.90
N GLU A 42 27.02 0.54 -55.52
CA GLU A 42 26.00 1.22 -54.76
C GLU A 42 25.29 0.21 -53.89
N PHE A 43 24.67 0.72 -52.82
CA PHE A 43 23.72 -0.06 -52.04
C PHE A 43 22.39 0.70 -51.99
N PHE A 44 21.29 -0.03 -52.18
CA PHE A 44 19.96 0.60 -52.22
C PHE A 44 19.92 1.84 -53.12
N GLY A 45 20.64 1.78 -54.25
CA GLY A 45 20.66 2.86 -55.22
C GLY A 45 21.58 4.02 -54.88
N GLU A 46 22.22 3.99 -53.73
CA GLU A 46 23.12 5.06 -53.30
C GLU A 46 24.58 4.69 -53.56
N PRO A 47 25.37 5.62 -54.15
CA PRO A 47 26.77 5.32 -54.42
C PRO A 47 27.57 5.20 -53.12
N LEU A 48 28.63 4.38 -53.15
CA LEU A 48 29.45 4.17 -51.96
C LEU A 48 29.94 5.49 -51.36
N SER A 49 30.18 6.49 -52.20
CA SER A 49 30.72 7.74 -51.69
C SER A 49 29.70 8.47 -50.83
N SER A 50 28.47 7.97 -50.79
CA SER A 50 27.46 8.61 -49.95
C SER A 50 27.06 7.71 -48.80
N ILE A 51 27.96 6.79 -48.46
CA ILE A 51 27.71 5.83 -47.38
C ILE A 51 28.99 5.65 -46.58
N ALA A 52 28.89 5.81 -45.26
CA ALA A 52 30.01 5.53 -44.38
C ALA A 52 29.87 4.09 -43.93
N ILE A 53 30.85 3.27 -44.28
CA ILE A 53 30.80 1.84 -43.99
C ILE A 53 31.85 1.42 -42.95
N HIS A 54 31.41 0.72 -41.90
CA HIS A 54 32.34 0.17 -40.90
C HIS A 54 32.10 -1.32 -40.77
N GLN A 55 33.14 -2.11 -40.92
CA GLN A 55 33.02 -3.55 -40.84
C GLN A 55 34.11 -4.10 -39.92
N ALA A 56 33.74 -5.05 -39.07
CA ALA A 56 34.69 -5.68 -38.14
C ALA A 56 34.04 -6.87 -37.44
N GLY A 57 34.74 -8.01 -37.40
CA GLY A 57 34.27 -9.15 -36.63
C GLY A 57 32.90 -9.68 -37.05
N GLU A 58 32.62 -9.57 -38.36
CA GLU A 58 31.35 -9.96 -39.01
C GLU A 58 30.18 -9.02 -38.80
N PHE A 59 30.42 -7.89 -38.15
CA PHE A 59 29.38 -6.89 -38.00
C PHE A 59 29.63 -5.76 -38.99
N THR A 60 28.62 -5.43 -39.80
CA THR A 60 28.76 -4.35 -40.79
C THR A 60 27.72 -3.27 -40.50
N GLN A 61 28.13 -2.01 -40.48
CA GLN A 61 27.19 -0.91 -40.36
C GLN A 61 27.33 0.05 -41.54
N PHE A 62 26.21 0.47 -42.10
CA PHE A 62 26.16 1.46 -43.17
C PHE A 62 25.51 2.70 -42.57
N ARG A 63 26.12 3.87 -42.76
CA ARG A 63 25.42 5.13 -42.46
C ARG A 63 25.28 5.94 -43.75
N PHE A 64 24.03 6.05 -44.22
CA PHE A 64 23.72 6.80 -45.44
C PHE A 64 23.63 8.28 -45.17
N SER A 65 24.17 9.10 -46.08
CA SER A 65 23.99 10.55 -46.03
C SER A 65 22.52 10.90 -46.16
N LYS A 66 21.85 10.18 -47.05
CA LYS A 66 20.44 10.38 -47.39
C LYS A 66 19.53 9.57 -46.48
N LYS A 67 18.41 10.14 -46.04
CA LYS A 67 17.48 9.33 -45.25
C LYS A 67 16.84 8.29 -46.18
N MET A 68 17.05 7.01 -45.87
CA MET A 68 16.54 5.93 -46.72
C MET A 68 15.20 5.38 -46.20
N ARG A 69 15.01 5.43 -44.89
CA ARG A 69 13.74 4.97 -44.29
C ARG A 69 13.21 6.03 -43.32
N PRO A 70 12.80 7.19 -43.84
CA PRO A 70 12.31 8.27 -42.99
C PRO A 70 10.96 7.98 -42.30
N ASP A 71 10.33 6.87 -42.65
CA ASP A 71 9.16 6.36 -41.93
C ASP A 71 9.53 5.82 -40.53
N LEU A 72 10.81 5.53 -40.29
CA LEU A 72 11.24 4.93 -39.02
C LEU A 72 11.75 5.95 -38.00
N THR A 73 11.57 5.63 -36.71
CA THR A 73 12.30 6.32 -35.66
C THR A 73 13.66 5.64 -35.44
N GLY A 74 14.58 6.37 -34.83
CA GLY A 74 15.87 5.78 -34.48
C GLY A 74 15.72 4.89 -33.25
N MET A 75 16.37 3.74 -33.30
CA MET A 75 16.39 2.77 -32.21
C MET A 75 17.78 2.73 -31.59
N VAL A 76 17.87 2.31 -30.34
CA VAL A 76 19.15 2.07 -29.71
C VAL A 76 19.74 0.76 -30.19
N LEU A 77 21.00 0.84 -30.63
CA LEU A 77 21.82 -0.32 -30.94
C LEU A 77 22.80 -0.48 -29.79
N GLU A 78 22.69 -1.60 -29.08
CA GLU A 78 23.59 -1.92 -27.97
C GLU A 78 24.63 -2.93 -28.42
N GLU A 79 25.76 -2.97 -27.70
CA GLU A 79 26.76 -3.99 -27.95
C GLU A 79 26.40 -5.32 -27.25
N GLY A 80 25.59 -6.15 -27.92
CA GLY A 80 25.09 -7.39 -27.32
C GLY A 80 24.03 -7.12 -26.27
N CYS A 81 23.58 -8.13 -25.55
CA CYS A 81 22.72 -7.89 -24.37
C CYS A 81 23.29 -8.53 -23.12
N PRO A 82 22.72 -8.20 -21.95
CA PRO A 82 23.30 -8.85 -20.79
C PRO A 82 23.06 -10.31 -20.97
N GLU A 83 24.08 -11.04 -20.58
CA GLU A 83 24.03 -12.47 -20.51
C GLU A 83 22.82 -12.84 -19.72
N GLY A 84 22.24 -13.96 -20.09
CA GLY A 84 21.12 -14.50 -19.38
C GLY A 84 19.79 -13.97 -19.84
N THR A 85 19.80 -12.84 -20.57
CA THR A 85 18.58 -12.23 -21.08
C THR A 85 17.93 -13.10 -22.15
N VAL A 86 16.61 -13.27 -22.07
CA VAL A 86 15.91 -13.81 -23.22
C VAL A 86 15.64 -12.71 -24.22
N CYS A 87 16.20 -12.90 -25.41
CA CYS A 87 16.05 -12.00 -26.54
C CYS A 87 15.31 -12.71 -27.70
N SER A 88 14.95 -11.98 -28.75
CA SER A 88 14.27 -12.59 -29.89
C SER A 88 15.02 -12.35 -31.19
N VAL A 89 15.11 -13.38 -32.04
CA VAL A 89 15.64 -13.11 -33.38
C VAL A 89 14.46 -12.89 -34.34
N LEU A 90 14.41 -11.73 -35.01
CA LEU A 90 13.30 -11.43 -35.88
C LEU A 90 13.55 -11.99 -37.29
N ILE A 91 13.14 -13.23 -37.48
CA ILE A 91 13.42 -13.92 -38.75
C ILE A 91 12.30 -13.73 -39.75
N LYS A 92 12.66 -13.22 -40.93
CA LYS A 92 11.79 -13.31 -42.09
C LYS A 92 12.27 -14.43 -43.00
N ARG A 93 11.31 -15.15 -43.55
CA ARG A 93 11.64 -16.21 -44.50
C ARG A 93 11.29 -15.75 -45.90
N ASP A 94 11.87 -16.40 -46.91
CA ASP A 94 11.65 -16.00 -48.28
C ASP A 94 10.17 -16.08 -48.67
N SER A 95 9.43 -16.99 -48.02
CA SER A 95 7.97 -17.12 -48.24
C SER A 95 7.17 -15.92 -47.77
N GLY A 96 7.78 -15.11 -46.93
CA GLY A 96 7.06 -14.04 -46.24
C GLY A 96 6.75 -14.32 -44.77
N GLU A 97 6.82 -15.58 -44.35
CA GLU A 97 6.53 -15.94 -42.96
C GLU A 97 7.41 -15.19 -41.96
N LEU A 98 6.81 -14.70 -40.88
CA LEU A 98 7.53 -14.07 -39.77
C LEU A 98 7.73 -15.10 -38.63
N LEU A 99 8.95 -15.16 -38.08
CA LEU A 99 9.29 -16.10 -37.02
C LEU A 99 10.14 -15.46 -35.94
N PRO A 100 9.51 -14.94 -34.88
CA PRO A 100 10.32 -14.40 -33.78
C PRO A 100 10.85 -15.54 -32.92
N LEU A 101 12.13 -15.87 -33.05
CA LEU A 101 12.69 -16.97 -32.25
C LEU A 101 13.27 -16.50 -30.93
N ALA A 102 12.85 -17.12 -29.82
CA ALA A 102 13.40 -16.76 -28.51
C ALA A 102 14.74 -17.42 -28.29
N VAL A 103 15.69 -16.63 -27.80
CA VAL A 103 17.02 -17.15 -27.55
C VAL A 103 17.53 -16.63 -26.22
N ARG A 104 18.23 -17.48 -25.47
CA ARG A 104 18.89 -16.97 -24.28
C ARG A 104 20.36 -16.74 -24.53
N MET A 105 20.78 -15.52 -24.30
CA MET A 105 22.12 -15.15 -24.66
C MET A 105 23.14 -15.35 -23.57
N GLY A 106 24.32 -15.73 -24.01
CA GLY A 106 25.42 -15.99 -23.12
C GLY A 106 26.52 -14.99 -23.32
N ALA A 107 27.74 -15.48 -23.29
CA ALA A 107 28.92 -14.62 -23.25
C ALA A 107 29.27 -13.99 -24.62
N ILE A 108 29.76 -12.76 -24.58
CA ILE A 108 30.35 -12.10 -25.74
C ILE A 108 31.79 -12.53 -25.82
N ALA A 109 32.22 -12.95 -27.01
CA ALA A 109 33.56 -13.46 -27.19
C ALA A 109 34.04 -13.29 -28.63
N SER A 110 35.34 -13.50 -28.82
CA SER A 110 35.90 -13.60 -30.16
C SER A 110 35.98 -15.08 -30.50
N MET A 111 35.42 -15.42 -31.64
CA MET A 111 35.28 -16.80 -32.04
C MET A 111 35.84 -16.89 -33.45
N ARG A 112 36.17 -18.08 -33.88
CA ARG A 112 36.66 -18.30 -35.23
C ARG A 112 35.68 -19.26 -35.82
N ILE A 113 34.93 -18.85 -36.84
CA ILE A 113 33.85 -19.72 -37.29
C ILE A 113 34.16 -20.64 -38.46
N GLN A 114 34.07 -20.15 -39.68
CA GLN A 114 34.56 -20.93 -40.79
C GLN A 114 35.70 -20.15 -41.36
N GLY A 115 36.70 -19.94 -40.52
CA GLY A 115 37.85 -19.15 -40.88
C GLY A 115 37.62 -17.65 -40.75
N ARG A 116 36.41 -17.21 -40.38
CA ARG A 116 36.16 -15.80 -40.16
C ARG A 116 36.22 -15.45 -38.70
N LEU A 117 36.81 -14.29 -38.38
CA LEU A 117 36.85 -13.82 -37.02
C LEU A 117 35.50 -13.19 -36.65
N VAL A 118 34.81 -13.78 -35.70
CA VAL A 118 33.51 -13.26 -35.31
C VAL A 118 33.58 -12.63 -33.91
N HIS A 119 33.21 -11.36 -33.82
CA HIS A 119 33.05 -10.74 -32.52
C HIS A 119 31.57 -10.80 -32.21
N GLY A 120 31.21 -11.64 -31.24
CA GLY A 120 29.78 -11.90 -31.05
C GLY A 120 29.41 -12.59 -29.78
N GLN A 121 28.13 -12.96 -29.71
CA GLN A 121 27.56 -13.51 -28.52
C GLN A 121 26.92 -14.85 -28.86
N SER A 122 27.23 -15.89 -28.11
CA SER A 122 26.50 -17.15 -28.31
C SER A 122 25.18 -17.06 -27.58
N GLY A 123 24.26 -17.92 -27.98
CA GLY A 123 22.98 -18.05 -27.31
C GLY A 123 22.38 -19.42 -27.54
N MET A 124 21.41 -19.77 -26.72
CA MET A 124 20.68 -21.03 -26.89
C MET A 124 19.25 -20.77 -27.34
N LEU A 125 18.86 -21.43 -28.42
CA LEU A 125 17.47 -21.47 -28.83
C LEU A 125 16.67 -22.14 -27.74
N LEU A 126 15.59 -21.52 -27.30
CA LEU A 126 14.83 -22.06 -26.18
C LEU A 126 13.88 -23.21 -26.54
N THR A 127 13.87 -24.25 -25.72
CA THR A 127 12.90 -25.34 -25.85
C THR A 127 11.50 -24.75 -25.80
N GLY A 128 10.61 -25.26 -26.66
CA GLY A 128 9.22 -24.86 -26.62
C GLY A 128 8.36 -26.12 -26.63
N ASP A 135 11.68 -27.22 -39.10
CA ASP A 135 12.52 -27.21 -37.90
C ASP A 135 12.04 -26.12 -36.94
N LEU A 136 12.72 -26.01 -35.80
CA LEU A 136 12.32 -24.97 -34.87
C LEU A 136 13.23 -23.74 -34.99
N GLY A 137 14.34 -23.90 -35.71
CA GLY A 137 15.44 -22.95 -35.59
C GLY A 137 15.77 -22.07 -36.77
N THR A 138 17.00 -21.56 -36.78
CA THR A 138 17.48 -20.75 -37.91
C THR A 138 17.92 -21.64 -39.07
N ILE A 139 18.04 -21.04 -40.24
CA ILE A 139 18.55 -21.73 -41.43
C ILE A 139 19.64 -20.89 -42.07
N PRO A 140 20.38 -21.48 -43.02
CA PRO A 140 21.46 -20.71 -43.65
C PRO A 140 21.07 -19.36 -44.28
N GLY A 141 19.84 -19.20 -44.76
CA GLY A 141 19.44 -17.93 -45.36
C GLY A 141 19.06 -16.83 -44.38
N ASP A 142 19.19 -17.11 -43.07
CA ASP A 142 18.73 -16.22 -42.02
C ASP A 142 19.78 -15.20 -41.56
N CYS A 143 21.00 -15.26 -42.09
CA CYS A 143 22.02 -14.34 -41.54
C CYS A 143 21.65 -12.89 -41.75
N GLY A 144 21.95 -12.07 -40.75
CA GLY A 144 21.61 -10.66 -40.81
C GLY A 144 20.35 -10.30 -40.06
N ALA A 145 19.51 -11.29 -39.72
CA ALA A 145 18.30 -11.02 -38.93
C ALA A 145 18.70 -10.45 -37.56
N PRO A 146 17.94 -9.48 -37.04
CA PRO A 146 18.35 -8.80 -35.82
C PRO A 146 18.00 -9.54 -34.52
N TYR A 147 18.83 -9.42 -33.50
CA TYR A 147 18.52 -9.93 -32.17
C TYR A 147 18.04 -8.75 -31.37
N VAL A 148 16.82 -8.82 -30.84
CA VAL A 148 16.22 -7.66 -30.18
C VAL A 148 15.63 -7.99 -28.81
N HIS A 149 15.37 -6.95 -28.04
CA HIS A 149 14.64 -7.12 -26.81
C HIS A 149 14.03 -5.78 -26.42
N LYS A 150 13.08 -5.84 -25.51
CA LYS A 150 12.34 -4.65 -25.19
C LYS A 150 12.75 -4.15 -23.84
N ARG A 151 13.03 -2.86 -23.78
CA ARG A 151 13.56 -2.22 -22.59
C ARG A 151 12.67 -1.06 -22.20
N GLY A 152 11.98 -1.20 -21.07
CA GLY A 152 10.92 -0.26 -20.80
C GLY A 152 9.94 -0.42 -21.93
N ASN A 153 9.56 0.70 -22.56
CA ASN A 153 8.58 0.67 -23.64
C ASN A 153 9.23 0.63 -25.01
N ASP A 154 10.56 0.62 -25.04
CA ASP A 154 11.28 0.75 -26.31
C ASP A 154 11.94 -0.54 -26.72
N TRP A 155 11.99 -0.78 -28.02
CA TRP A 155 12.75 -1.90 -28.52
C TRP A 155 14.21 -1.54 -28.76
N VAL A 156 15.09 -2.48 -28.51
CA VAL A 156 16.53 -2.27 -28.66
C VAL A 156 17.08 -3.40 -29.53
N VAL A 157 18.08 -3.11 -30.35
CA VAL A 157 18.68 -4.16 -31.19
C VAL A 157 20.11 -4.35 -30.70
N CYS A 158 20.57 -5.60 -30.66
CA CYS A 158 21.89 -5.86 -30.08
C CYS A 158 22.83 -6.76 -30.87
N GLY A 159 22.41 -7.21 -32.04
CA GLY A 159 23.30 -8.02 -32.86
C GLY A 159 22.57 -8.50 -34.09
N VAL A 160 23.30 -9.17 -34.98
CA VAL A 160 22.75 -9.70 -36.21
C VAL A 160 23.14 -11.15 -36.35
N HIS A 161 22.24 -11.99 -36.87
CA HIS A 161 22.50 -13.43 -36.91
C HIS A 161 23.71 -13.75 -37.79
N ALA A 162 24.63 -14.56 -37.26
CA ALA A 162 25.88 -14.86 -37.96
C ALA A 162 26.20 -16.36 -38.13
N ALA A 163 25.76 -17.21 -37.20
CA ALA A 163 26.15 -18.61 -37.25
C ALA A 163 25.26 -19.47 -36.35
N ALA A 164 25.35 -20.77 -36.54
CA ALA A 164 24.65 -21.70 -35.66
C ALA A 164 25.37 -23.04 -35.76
N THR A 165 25.36 -23.80 -34.67
CA THR A 165 25.96 -25.12 -34.69
C THR A 165 25.15 -26.05 -35.55
N LYS A 166 25.69 -27.24 -35.79
CA LYS A 166 25.00 -28.22 -36.63
C LYS A 166 23.63 -28.64 -36.10
N SER A 167 23.47 -28.87 -34.80
CA SER A 167 22.14 -29.12 -34.26
C SER A 167 21.21 -27.90 -34.46
N GLY A 168 21.79 -26.71 -34.56
CA GLY A 168 21.01 -25.49 -34.62
C GLY A 168 20.64 -24.95 -33.24
N ASN A 169 20.95 -25.72 -32.19
CA ASN A 169 20.58 -25.32 -30.84
C ASN A 169 21.39 -24.16 -30.26
N THR A 170 22.56 -23.92 -30.83
CA THR A 170 23.40 -22.82 -30.39
C THR A 170 23.50 -21.86 -31.55
N VAL A 171 23.25 -20.59 -31.27
CA VAL A 171 23.32 -19.57 -32.31
C VAL A 171 24.33 -18.53 -31.90
N VAL A 172 24.82 -17.77 -32.87
CA VAL A 172 25.73 -16.67 -32.57
C VAL A 172 25.26 -15.44 -33.33
N CYS A 173 25.20 -14.30 -32.63
CA CYS A 173 25.04 -13.04 -33.33
C CYS A 173 26.33 -12.24 -33.31
N ALA A 174 26.63 -11.56 -34.41
CA ALA A 174 27.75 -10.63 -34.44
C ALA A 174 27.30 -9.36 -33.73
N VAL A 175 28.21 -8.73 -32.99
CA VAL A 175 27.87 -7.50 -32.30
C VAL A 175 28.87 -6.42 -32.62
N GLN A 176 28.46 -5.18 -32.47
CA GLN A 176 29.32 -4.05 -32.76
C GLN A 176 30.32 -3.82 -31.63
N ALA A 177 31.60 -3.69 -31.97
CA ALA A 177 32.58 -3.39 -30.92
C ALA A 177 32.54 -1.92 -30.51
N GLY A 178 32.80 -1.68 -29.23
CA GLY A 178 32.77 -0.33 -28.67
C GLY A 178 34.07 0.41 -28.89
N ASP B 1 -35.67 33.12 -2.53
CA ASP B 1 -34.59 33.76 -3.28
C ASP B 1 -34.14 34.96 -2.48
N ASP B 2 -33.01 35.58 -2.82
CA ASP B 2 -32.43 35.63 -4.18
C ASP B 2 -31.34 34.64 -4.66
N ASP B 3 -31.26 33.41 -4.11
CA ASP B 3 -30.13 32.55 -4.47
C ASP B 3 -30.42 31.48 -5.52
N LYS B 4 -31.63 31.42 -6.12
CA LYS B 4 -32.06 30.64 -7.26
C LYS B 4 -32.15 29.13 -7.07
N ALA B 5 -30.96 28.58 -6.65
CA ALA B 5 -30.86 27.13 -6.50
C ALA B 5 -31.27 26.80 -5.05
N PRO B 6 -31.83 25.60 -4.85
CA PRO B 6 -32.21 25.16 -3.49
C PRO B 6 -30.98 24.80 -2.66
N PRO B 7 -31.12 24.79 -1.33
CA PRO B 7 -29.98 24.48 -0.44
C PRO B 7 -29.26 23.18 -0.81
N THR B 8 -29.99 22.12 -1.12
CA THR B 8 -29.31 20.86 -1.47
C THR B 8 -28.37 21.01 -2.68
N LEU B 9 -28.77 21.80 -3.66
CA LEU B 9 -27.93 22.05 -4.83
C LEU B 9 -26.66 22.83 -4.47
N TRP B 10 -26.84 23.90 -3.69
CA TRP B 10 -25.69 24.61 -3.16
C TRP B 10 -24.77 23.70 -2.35
N SER B 11 -25.35 22.76 -1.61
CA SER B 11 -24.52 21.90 -0.77
C SER B 11 -23.62 20.99 -1.59
N ARG B 12 -23.86 20.90 -2.90
CA ARG B 12 -22.99 20.08 -3.76
C ARG B 12 -21.68 20.79 -4.08
N VAL B 13 -21.68 22.12 -4.00
CA VAL B 13 -20.49 22.93 -4.26
C VAL B 13 -19.57 22.80 -3.05
N THR B 14 -18.34 22.35 -3.31
CA THR B 14 -17.47 21.82 -2.28
C THR B 14 -16.06 22.43 -2.40
N LYS B 15 -15.54 22.98 -1.31
CA LYS B 15 -14.18 23.54 -1.33
C LYS B 15 -13.23 22.39 -1.66
N PHE B 16 -12.29 22.62 -2.58
CA PHE B 16 -11.40 21.56 -3.07
C PHE B 16 -10.12 22.18 -3.62
N GLY B 17 -8.97 21.79 -3.11
CA GLY B 17 -7.72 22.35 -3.60
C GLY B 17 -7.73 23.87 -3.62
N SER B 18 -7.34 24.44 -4.75
CA SER B 18 -7.32 25.89 -4.89
C SER B 18 -8.58 26.39 -5.59
N GLY B 19 -9.74 25.86 -5.20
CA GLY B 19 -10.99 26.26 -5.79
C GLY B 19 -12.21 25.54 -5.23
N TRP B 20 -12.86 24.75 -6.08
CA TRP B 20 -14.10 24.06 -5.72
C TRP B 20 -14.31 22.86 -6.64
N GLY B 21 -15.19 21.96 -6.22
CA GLY B 21 -15.73 20.93 -7.10
C GLY B 21 -17.20 20.75 -6.80
N PHE B 22 -17.81 19.74 -7.42
CA PHE B 22 -19.24 19.61 -7.41
C PHE B 22 -19.63 18.13 -7.38
N TRP B 23 -20.43 17.77 -6.39
CA TRP B 23 -20.99 16.41 -6.34
C TRP B 23 -22.16 16.27 -7.28
N VAL B 24 -21.96 15.50 -8.35
CA VAL B 24 -22.99 15.26 -9.37
C VAL B 24 -23.94 14.20 -8.83
N SER B 25 -23.41 13.31 -8.01
CA SER B 25 -24.17 12.23 -7.39
C SER B 25 -23.44 11.83 -6.09
N PRO B 26 -23.96 10.82 -5.37
CA PRO B 26 -23.23 10.39 -4.18
C PRO B 26 -21.80 9.92 -4.43
N THR B 27 -21.49 9.50 -5.65
CA THR B 27 -20.17 8.93 -5.97
C THR B 27 -19.35 9.72 -6.99
N VAL B 28 -19.99 10.64 -7.69
CA VAL B 28 -19.30 11.34 -8.78
C VAL B 28 -19.05 12.80 -8.41
N PHE B 29 -17.79 13.20 -8.50
CA PHE B 29 -17.35 14.54 -8.14
C PHE B 29 -16.62 15.13 -9.34
N ILE B 30 -16.92 16.36 -9.71
CA ILE B 30 -16.25 17.00 -10.84
C ILE B 30 -15.60 18.31 -10.45
N THR B 31 -14.51 18.65 -11.13
CA THR B 31 -13.78 19.86 -10.84
C THR B 31 -12.90 20.22 -12.04
N THR B 32 -12.20 21.33 -11.92
CA THR B 32 -11.32 21.80 -12.96
C THR B 32 -9.91 21.26 -12.65
N THR B 33 -9.27 20.67 -13.66
CA THR B 33 -8.01 19.97 -13.41
C THR B 33 -6.96 20.77 -12.66
N HIS B 34 -6.77 22.04 -13.03
CA HIS B 34 -5.70 22.80 -12.38
C HIS B 34 -5.90 23.13 -10.90
N VAL B 35 -7.11 22.97 -10.36
CA VAL B 35 -7.27 23.16 -8.91
C VAL B 35 -7.03 21.89 -8.10
N VAL B 36 -6.95 20.75 -8.78
CA VAL B 36 -6.82 19.48 -8.05
C VAL B 36 -5.47 19.38 -7.33
N PRO B 37 -5.48 19.03 -6.04
CA PRO B 37 -4.21 18.87 -5.36
C PRO B 37 -3.35 17.75 -5.96
N THR B 38 -2.04 17.95 -6.06
CA THR B 38 -1.16 16.89 -6.52
C THR B 38 -0.33 16.31 -5.38
N GLY B 39 0.22 15.13 -5.62
CA GLY B 39 1.13 14.50 -4.68
C GLY B 39 0.41 13.96 -3.47
N VAL B 40 -0.89 13.72 -3.59
CA VAL B 40 -1.63 13.19 -2.47
C VAL B 40 -1.95 11.72 -2.70
N LYS B 41 -2.29 11.02 -1.63
CA LYS B 41 -2.60 9.61 -1.74
C LYS B 41 -4.06 9.28 -1.58
N GLU B 42 -4.86 10.31 -1.34
CA GLU B 42 -6.27 10.07 -1.13
C GLU B 42 -7.00 11.37 -1.41
N PHE B 43 -8.29 11.25 -1.71
CA PHE B 43 -9.17 12.39 -1.79
C PHE B 43 -10.36 12.14 -0.87
N PHE B 44 -10.74 13.15 -0.10
CA PHE B 44 -11.84 13.00 0.86
C PHE B 44 -11.68 11.74 1.70
N GLY B 45 -10.44 11.40 2.02
CA GLY B 45 -10.16 10.27 2.89
C GLY B 45 -10.12 8.91 2.22
N GLU B 46 -10.40 8.87 0.91
CA GLU B 46 -10.41 7.62 0.18
C GLU B 46 -9.12 7.45 -0.61
N PRO B 47 -8.52 6.26 -0.55
CA PRO B 47 -7.28 6.03 -1.30
C PRO B 47 -7.54 6.08 -2.81
N LEU B 48 -6.56 6.52 -3.59
CA LEU B 48 -6.71 6.56 -5.03
C LEU B 48 -7.20 5.22 -5.59
N SER B 49 -6.82 4.12 -4.97
CA SER B 49 -7.18 2.84 -5.56
C SER B 49 -8.68 2.62 -5.50
N SER B 50 -9.39 3.46 -4.75
CA SER B 50 -10.84 3.31 -4.66
C SER B 50 -11.54 4.43 -5.42
N ILE B 51 -10.82 5.08 -6.33
CA ILE B 51 -11.38 6.19 -7.10
C ILE B 51 -11.02 6.02 -8.55
N ALA B 52 -12.01 6.07 -9.43
CA ALA B 52 -11.71 6.08 -10.85
C ALA B 52 -11.61 7.52 -11.30
N ILE B 53 -10.46 7.90 -11.83
CA ILE B 53 -10.19 9.30 -12.17
C ILE B 53 -10.00 9.52 -13.67
N HIS B 54 -10.75 10.46 -14.25
CA HIS B 54 -10.59 10.83 -15.66
C HIS B 54 -10.37 12.31 -15.79
N GLN B 55 -9.35 12.67 -16.56
CA GLN B 55 -8.97 14.06 -16.72
C GLN B 55 -8.64 14.30 -18.18
N ALA B 56 -9.17 15.39 -18.73
CA ALA B 56 -8.86 15.79 -20.10
C ALA B 56 -9.38 17.19 -20.31
N GLY B 57 -8.57 18.05 -20.93
CA GLY B 57 -9.03 19.37 -21.35
C GLY B 57 -9.53 20.24 -20.21
N GLU B 58 -8.87 20.11 -19.05
CA GLU B 58 -9.17 20.82 -17.78
C GLU B 58 -10.44 20.38 -17.06
N PHE B 59 -11.05 19.30 -17.53
CA PHE B 59 -12.18 18.70 -16.85
C PHE B 59 -11.73 17.43 -16.12
N THR B 60 -12.00 17.36 -14.82
CA THR B 60 -11.62 16.19 -14.02
C THR B 60 -12.87 15.57 -13.43
N GLN B 61 -12.99 14.26 -13.55
CA GLN B 61 -14.08 13.56 -12.89
C GLN B 61 -13.54 12.46 -11.97
N PHE B 62 -14.07 12.41 -10.76
CA PHE B 62 -13.78 11.34 -9.78
C PHE B 62 -15.02 10.47 -9.64
N ARG B 63 -14.88 9.16 -9.73
CA ARG B 63 -15.98 8.25 -9.36
C ARG B 63 -15.49 7.38 -8.21
N PHE B 64 -16.06 7.61 -7.03
CA PHE B 64 -15.68 6.89 -5.83
C PHE B 64 -16.41 5.55 -5.77
N SER B 65 -15.72 4.52 -5.33
CA SER B 65 -16.35 3.22 -5.09
C SER B 65 -17.40 3.32 -4.00
N LYS B 66 -17.09 4.15 -3.00
CA LYS B 66 -17.89 4.30 -1.80
C LYS B 66 -18.82 5.48 -1.99
N LYS B 67 -20.05 5.36 -1.51
CA LYS B 67 -20.92 6.54 -1.56
C LYS B 67 -20.42 7.61 -0.58
N MET B 68 -20.06 8.79 -1.11
CA MET B 68 -19.50 9.87 -0.29
C MET B 68 -20.55 10.91 0.12
N ARG B 69 -21.53 11.13 -0.75
CA ARG B 69 -22.64 12.03 -0.43
C ARG B 69 -23.99 11.32 -0.66
N PRO B 70 -24.31 10.32 0.16
CA PRO B 70 -25.56 9.58 -0.04
C PRO B 70 -26.82 10.39 0.28
N ASP B 71 -26.65 11.62 0.77
CA ASP B 71 -27.77 12.54 0.95
C ASP B 71 -28.28 13.10 -0.39
N LEU B 72 -27.51 12.91 -1.47
CA LEU B 72 -27.83 13.55 -2.75
C LEU B 72 -28.47 12.57 -3.72
N THR B 73 -29.32 13.09 -4.59
CA THR B 73 -29.74 12.34 -5.78
C THR B 73 -28.71 12.52 -6.89
N GLY B 74 -28.70 11.62 -7.87
CA GLY B 74 -27.85 11.81 -9.04
C GLY B 74 -28.48 12.84 -9.95
N MET B 75 -27.64 13.68 -10.54
CA MET B 75 -28.04 14.74 -11.46
C MET B 75 -27.49 14.39 -12.82
N VAL B 76 -28.10 14.94 -13.86
CA VAL B 76 -27.53 14.80 -15.19
C VAL B 76 -26.37 15.78 -15.39
N LEU B 77 -25.25 15.22 -15.86
CA LEU B 77 -24.11 16.00 -16.31
C LEU B 77 -24.16 15.97 -17.84
N GLU B 78 -24.28 17.16 -18.43
CA GLU B 78 -24.26 17.27 -19.89
C GLU B 78 -22.95 17.84 -20.38
N GLU B 79 -22.63 17.61 -21.65
CA GLU B 79 -21.42 18.18 -22.23
C GLU B 79 -21.71 19.62 -22.70
N GLY B 80 -21.52 20.61 -21.83
CA GLY B 80 -21.85 21.99 -22.13
C GLY B 80 -23.35 22.21 -22.15
N CYS B 81 -23.80 23.40 -22.54
CA CYS B 81 -25.23 23.59 -22.81
C CYS B 81 -25.47 24.10 -24.21
N PRO B 82 -26.74 24.19 -24.62
CA PRO B 82 -26.83 24.72 -25.97
C PRO B 82 -26.42 26.14 -25.85
N GLU B 83 -25.75 26.53 -26.91
CA GLU B 83 -25.39 27.88 -27.15
C GLU B 83 -26.61 28.72 -26.97
N GLY B 84 -26.38 29.92 -26.45
CA GLY B 84 -27.42 30.92 -26.43
C GLY B 84 -28.24 30.87 -25.17
N THR B 85 -28.11 29.76 -24.41
CA THR B 85 -28.83 29.52 -23.17
C THR B 85 -28.30 30.41 -22.04
N VAL B 86 -29.17 31.02 -21.26
CA VAL B 86 -28.71 31.59 -19.99
C VAL B 86 -28.56 30.51 -18.93
N CYS B 87 -27.33 30.33 -18.46
CA CYS B 87 -27.03 29.42 -17.37
C CYS B 87 -26.58 30.18 -16.11
N SER B 88 -26.36 29.46 -15.00
CA SER B 88 -25.89 30.10 -13.77
C SER B 88 -24.60 29.44 -13.30
N VAL B 89 -23.66 30.26 -12.80
CA VAL B 89 -22.51 29.67 -12.12
C VAL B 89 -22.77 29.73 -10.63
N LEU B 90 -22.77 28.58 -9.96
CA LEU B 90 -23.01 28.59 -8.52
C LEU B 90 -21.74 28.84 -7.72
N ILE B 91 -21.46 30.10 -7.46
CA ILE B 91 -20.23 30.51 -6.80
C ILE B 91 -20.39 30.57 -5.28
N LYS B 92 -19.54 29.85 -4.56
CA LYS B 92 -19.39 30.08 -3.13
C LYS B 92 -18.11 30.83 -2.90
N ARG B 93 -18.15 31.75 -1.94
CA ARG B 93 -16.96 32.53 -1.59
C ARG B 93 -16.43 32.05 -0.24
N ASP B 94 -15.18 32.38 0.04
CA ASP B 94 -14.53 31.86 1.23
C ASP B 94 -15.25 32.37 2.49
N SER B 95 -15.92 33.52 2.37
CA SER B 95 -16.69 34.07 3.49
C SER B 95 -17.98 33.29 3.77
N GLY B 96 -18.39 32.45 2.81
CA GLY B 96 -19.66 31.75 2.91
C GLY B 96 -20.77 32.31 2.04
N GLU B 97 -20.55 33.51 1.48
CA GLU B 97 -21.56 34.14 0.62
C GLU B 97 -21.83 33.27 -0.60
N LEU B 98 -23.11 33.15 -0.96
CA LEU B 98 -23.53 32.48 -2.20
C LEU B 98 -23.79 33.50 -3.30
N LEU B 99 -23.27 33.25 -4.50
CA LEU B 99 -23.51 34.13 -5.65
C LEU B 99 -23.85 33.37 -6.91
N PRO B 100 -25.14 33.25 -7.24
CA PRO B 100 -25.42 32.61 -8.52
C PRO B 100 -25.25 33.65 -9.63
N LEU B 101 -24.25 33.47 -10.46
CA LEU B 101 -24.01 34.44 -11.54
C LEU B 101 -24.60 33.98 -12.86
N ALA B 102 -25.40 34.83 -13.48
CA ALA B 102 -25.98 34.50 -14.79
C ALA B 102 -25.01 34.70 -15.93
N VAL B 103 -24.96 33.72 -16.81
CA VAL B 103 -24.03 33.76 -17.91
C VAL B 103 -24.72 33.26 -19.17
N ARG B 104 -24.46 33.94 -20.28
CA ARG B 104 -24.94 33.41 -21.53
C ARG B 104 -23.85 32.65 -22.26
N MET B 105 -24.13 31.38 -22.50
CA MET B 105 -23.13 30.49 -23.03
C MET B 105 -23.05 30.56 -24.56
N GLY B 106 -21.83 30.45 -25.04
CA GLY B 106 -21.51 30.55 -26.43
C GLY B 106 -21.00 29.22 -26.95
N ALA B 107 -20.03 29.28 -27.85
CA ALA B 107 -19.55 28.08 -28.52
C ALA B 107 -18.62 27.19 -27.66
N ILE B 108 -18.74 25.87 -27.86
CA ILE B 108 -17.81 24.90 -27.28
C ILE B 108 -16.65 24.79 -28.22
N ALA B 109 -15.44 24.86 -27.68
CA ALA B 109 -14.25 24.85 -28.52
C ALA B 109 -13.04 24.31 -27.78
N SER B 110 -11.94 24.11 -28.51
CA SER B 110 -10.66 23.87 -27.85
C SER B 110 -9.88 25.17 -27.83
N MET B 111 -9.41 25.51 -26.64
CA MET B 111 -8.72 26.75 -26.42
C MET B 111 -7.40 26.42 -25.75
N ARG B 112 -6.47 27.35 -25.79
CA ARG B 112 -5.21 27.20 -25.11
C ARG B 112 -5.19 28.36 -24.16
N ILE B 113 -5.17 28.09 -22.85
CA ILE B 113 -5.33 29.22 -21.96
C ILE B 113 -4.08 29.71 -21.28
N GLN B 114 -3.58 29.12 -20.24
CA GLN B 114 -2.25 29.62 -19.94
C GLN B 114 -1.25 28.53 -20.22
N GLY B 115 -1.23 28.14 -21.49
CA GLY B 115 -0.50 26.97 -21.92
C GLY B 115 -1.21 25.67 -21.58
N ARG B 116 -2.43 25.73 -21.05
CA ARG B 116 -3.18 24.51 -20.80
C ARG B 116 -4.22 24.36 -21.87
N LEU B 117 -4.42 23.12 -22.36
CA LEU B 117 -5.44 22.88 -23.37
C LEU B 117 -6.81 22.78 -22.69
N VAL B 118 -7.71 23.69 -23.04
CA VAL B 118 -9.02 23.68 -22.41
C VAL B 118 -10.10 23.28 -23.41
N HIS B 119 -10.85 22.24 -23.06
CA HIS B 119 -12.00 21.87 -23.86
C HIS B 119 -13.17 22.45 -23.10
N GLY B 120 -13.77 23.51 -23.65
CA GLY B 120 -14.74 24.22 -22.85
C GLY B 120 -15.64 25.09 -23.67
N GLN B 121 -16.36 25.93 -22.98
CA GLN B 121 -17.31 26.78 -23.62
C GLN B 121 -17.11 28.18 -23.11
N SER B 122 -17.07 29.15 -24.00
CA SER B 122 -17.07 30.53 -23.53
C SER B 122 -18.50 30.94 -23.17
N GLY B 123 -18.59 32.01 -22.39
CA GLY B 123 -19.84 32.62 -22.02
C GLY B 123 -19.61 34.08 -21.67
N MET B 124 -20.67 34.87 -21.76
CA MET B 124 -20.63 36.26 -21.31
C MET B 124 -21.38 36.42 -19.98
N LEU B 125 -20.74 37.06 -19.02
CA LEU B 125 -21.44 37.47 -17.82
C LEU B 125 -22.45 38.52 -18.22
N LEU B 126 -23.68 38.38 -17.74
CA LEU B 126 -24.75 39.28 -18.15
C LEU B 126 -24.81 40.61 -17.37
N THR B 127 -25.02 41.71 -18.09
CA THR B 127 -25.29 43.03 -17.49
C THR B 127 -26.47 42.90 -16.54
N GLY B 128 -26.38 43.49 -15.35
CA GLY B 128 -27.43 43.38 -14.36
C GLY B 128 -27.93 44.74 -13.95
N GLY B 137 -18.39 39.76 -10.83
CA GLY B 137 -18.00 38.62 -11.63
C GLY B 137 -17.23 37.57 -10.86
N THR B 138 -16.54 36.68 -11.58
CA THR B 138 -15.75 35.63 -10.93
C THR B 138 -14.42 36.18 -10.43
N ILE B 139 -13.75 35.39 -9.59
CA ILE B 139 -12.41 35.72 -9.12
C ILE B 139 -11.53 34.49 -9.25
N PRO B 140 -10.21 34.66 -9.13
CA PRO B 140 -9.35 33.49 -9.30
C PRO B 140 -9.64 32.31 -8.36
N GLY B 141 -10.21 32.55 -7.20
CA GLY B 141 -10.53 31.44 -6.31
C GLY B 141 -11.79 30.64 -6.67
N ASP B 142 -12.50 31.03 -7.73
CA ASP B 142 -13.78 30.43 -8.09
C ASP B 142 -13.68 29.21 -9.02
N CYS B 143 -12.49 28.82 -9.47
CA CYS B 143 -12.46 27.69 -10.40
C CYS B 143 -13.03 26.43 -9.80
N GLY B 144 -13.74 25.67 -10.64
CA GLY B 144 -14.40 24.46 -10.19
C GLY B 144 -15.87 24.67 -9.88
N ALA B 145 -16.30 25.93 -9.71
CA ALA B 145 -17.75 26.18 -9.49
C ALA B 145 -18.56 25.66 -10.69
N PRO B 146 -19.73 25.08 -10.42
CA PRO B 146 -20.51 24.46 -11.50
C PRO B 146 -21.33 25.45 -12.33
N TYR B 147 -21.42 25.20 -13.64
CA TYR B 147 -22.35 25.92 -14.51
C TYR B 147 -23.61 25.07 -14.61
N VAL B 148 -24.76 25.62 -14.23
CA VAL B 148 -25.97 24.82 -14.19
C VAL B 148 -27.16 25.49 -14.87
N HIS B 149 -28.19 24.70 -15.16
CA HIS B 149 -29.44 25.26 -15.61
C HIS B 149 -30.56 24.26 -15.35
N LYS B 150 -31.80 24.73 -15.39
CA LYS B 150 -32.90 23.89 -14.99
C LYS B 150 -33.69 23.48 -16.20
N ARG B 151 -33.93 22.18 -16.30
CA ARG B 151 -34.58 21.57 -17.45
C ARG B 151 -35.79 20.80 -16.99
N GLY B 152 -36.96 21.29 -17.40
CA GLY B 152 -38.18 20.83 -16.78
C GLY B 152 -38.03 21.18 -15.32
N ASN B 153 -38.25 20.20 -14.46
CA ASN B 153 -38.21 20.40 -13.02
C ASN B 153 -36.86 20.03 -12.42
N ASP B 154 -35.93 19.61 -13.25
CA ASP B 154 -34.64 19.09 -12.74
C ASP B 154 -33.49 20.03 -13.05
N TRP B 155 -32.51 20.04 -12.15
CA TRP B 155 -31.30 20.78 -12.42
C TRP B 155 -30.29 19.93 -13.17
N VAL B 156 -29.52 20.57 -14.04
CA VAL B 156 -28.53 19.85 -14.84
C VAL B 156 -27.21 20.60 -14.69
N VAL B 157 -26.08 19.89 -14.65
CA VAL B 157 -24.79 20.58 -14.62
C VAL B 157 -24.06 20.37 -15.94
N CYS B 158 -23.40 21.43 -16.43
CA CYS B 158 -22.91 21.51 -17.80
C CYS B 158 -21.40 21.73 -17.89
N GLY B 159 -20.77 22.16 -16.82
CA GLY B 159 -19.36 22.50 -16.87
C GLY B 159 -18.87 23.01 -15.53
N VAL B 160 -17.56 23.26 -15.45
CA VAL B 160 -16.92 23.77 -14.25
C VAL B 160 -16.06 24.99 -14.58
N HIS B 161 -16.08 25.99 -13.71
CA HIS B 161 -15.40 27.25 -14.03
C HIS B 161 -13.90 27.04 -14.17
N ALA B 162 -13.34 27.61 -15.24
CA ALA B 162 -11.94 27.35 -15.59
C ALA B 162 -11.12 28.60 -15.89
N ALA B 163 -11.74 29.65 -16.41
CA ALA B 163 -10.97 30.81 -16.83
C ALA B 163 -11.87 32.02 -16.99
N ALA B 164 -11.28 33.22 -17.03
CA ALA B 164 -12.02 34.42 -17.41
C ALA B 164 -11.04 35.43 -17.97
N THR B 165 -11.52 36.32 -18.82
CA THR B 165 -10.67 37.37 -19.34
C THR B 165 -10.38 38.36 -18.25
N LYS B 166 -9.43 39.24 -18.57
CA LYS B 166 -8.99 40.30 -17.70
C LYS B 166 -10.15 41.18 -17.24
N SER B 167 -11.01 41.59 -18.18
CA SER B 167 -12.21 42.35 -17.79
C SER B 167 -13.12 41.55 -16.83
N GLY B 168 -13.14 40.23 -16.97
CA GLY B 168 -14.05 39.39 -16.21
C GLY B 168 -15.33 39.11 -16.98
N ASN B 169 -15.51 39.82 -18.09
CA ASN B 169 -16.77 39.73 -18.81
C ASN B 169 -16.97 38.47 -19.62
N THR B 170 -15.87 37.84 -20.00
CA THR B 170 -15.94 36.58 -20.69
C THR B 170 -15.43 35.52 -19.75
N VAL B 171 -16.20 34.44 -19.60
CA VAL B 171 -15.82 33.34 -18.73
C VAL B 171 -15.73 32.09 -19.58
N VAL B 172 -15.03 31.07 -19.06
CA VAL B 172 -14.95 29.80 -19.77
C VAL B 172 -15.16 28.70 -18.78
N CYS B 173 -16.03 27.74 -19.11
CA CYS B 173 -16.11 26.53 -18.30
C CYS B 173 -15.52 25.35 -19.06
N ALA B 174 -14.83 24.48 -18.35
CA ALA B 174 -14.36 23.24 -18.94
C ALA B 174 -15.55 22.29 -19.01
N VAL B 175 -15.62 21.49 -20.08
CA VAL B 175 -16.68 20.50 -20.20
C VAL B 175 -16.11 19.12 -20.47
N GLN B 176 -16.93 18.12 -20.22
CA GLN B 176 -16.53 16.73 -20.40
C GLN B 176 -16.68 16.35 -21.85
N ALA B 177 -15.66 15.71 -22.42
CA ALA B 177 -15.78 15.25 -23.80
C ALA B 177 -16.64 13.99 -23.89
N GLY B 178 -17.38 13.87 -24.99
CA GLY B 178 -18.25 12.74 -25.23
C GLY B 178 -17.50 11.50 -25.69
N LYS C 4 -46.39 -11.68 -0.08
CA LYS C 4 -46.69 -10.39 -0.69
C LYS C 4 -45.69 -9.34 -0.28
N ALA C 5 -44.61 -9.74 0.40
CA ALA C 5 -43.53 -8.80 0.63
C ALA C 5 -42.91 -8.47 -0.72
N PRO C 6 -42.82 -7.18 -1.03
CA PRO C 6 -42.31 -6.73 -2.35
C PRO C 6 -40.77 -6.77 -2.37
N PRO C 7 -40.18 -6.70 -3.58
CA PRO C 7 -38.71 -6.83 -3.66
C PRO C 7 -37.97 -5.82 -2.80
N THR C 8 -38.44 -4.59 -2.75
CA THR C 8 -37.76 -3.57 -1.93
C THR C 8 -37.66 -4.00 -0.47
N LEU C 9 -38.71 -4.63 0.05
CA LEU C 9 -38.72 -5.04 1.44
C LEU C 9 -37.70 -6.17 1.63
N TRP C 10 -37.71 -7.13 0.73
CA TRP C 10 -36.68 -8.17 0.76
C TRP C 10 -35.28 -7.59 0.70
N SER C 11 -35.11 -6.49 -0.04
CA SER C 11 -33.77 -5.93 -0.24
C SER C 11 -33.21 -5.36 1.07
N ARG C 12 -34.07 -5.18 2.08
CA ARG C 12 -33.58 -4.71 3.39
C ARG C 12 -32.91 -5.83 4.19
N VAL C 13 -33.26 -7.07 3.85
CA VAL C 13 -32.67 -8.24 4.52
C VAL C 13 -31.25 -8.44 4.01
N THR C 14 -30.30 -8.36 4.93
CA THR C 14 -28.89 -8.25 4.60
C THR C 14 -28.03 -9.30 5.30
N LYS C 15 -27.16 -9.95 4.54
CA LYS C 15 -26.20 -10.88 5.17
C LYS C 15 -25.33 -10.17 6.19
N PHE C 16 -25.13 -10.77 7.36
CA PHE C 16 -24.39 -10.11 8.43
C PHE C 16 -23.83 -11.17 9.36
N GLY C 17 -22.51 -11.26 9.41
CA GLY C 17 -21.88 -12.28 10.25
C GLY C 17 -22.39 -13.66 9.90
N SER C 18 -22.72 -14.44 10.92
CA SER C 18 -23.23 -15.78 10.66
C SER C 18 -24.75 -15.79 10.51
N GLY C 19 -25.34 -14.63 10.27
CA GLY C 19 -26.78 -14.54 10.08
C GLY C 19 -27.14 -13.41 9.16
N TRP C 20 -28.07 -12.58 9.59
CA TRP C 20 -28.70 -11.54 8.78
C TRP C 20 -29.01 -10.37 9.67
N GLY C 21 -29.30 -9.23 9.03
CA GLY C 21 -29.87 -8.11 9.74
C GLY C 21 -30.85 -7.45 8.78
N PHE C 22 -31.43 -6.32 9.21
CA PHE C 22 -32.51 -5.70 8.44
C PHE C 22 -32.41 -4.19 8.50
N TRP C 23 -32.41 -3.55 7.33
CA TRP C 23 -32.46 -2.09 7.26
C TRP C 23 -33.86 -1.56 7.53
N VAL C 24 -34.04 -0.94 8.70
CA VAL C 24 -35.31 -0.34 9.08
C VAL C 24 -35.52 0.98 8.34
N SER C 25 -34.41 1.67 8.08
CA SER C 25 -34.40 2.98 7.43
C SER C 25 -33.02 3.21 6.81
N PRO C 26 -32.82 4.36 6.16
CA PRO C 26 -31.49 4.55 5.58
C PRO C 26 -30.38 4.53 6.62
N THR C 27 -30.68 4.85 7.88
CA THR C 27 -29.64 4.96 8.92
C THR C 27 -29.71 3.89 10.01
N VAL C 28 -30.78 3.08 10.04
CA VAL C 28 -30.92 2.13 11.15
C VAL C 28 -30.93 0.68 10.67
N PHE C 29 -30.08 -0.14 11.29
CA PHE C 29 -29.95 -1.56 10.94
C PHE C 29 -30.19 -2.34 12.23
N ILE C 30 -31.00 -3.39 12.16
CA ILE C 30 -31.20 -4.24 13.35
C ILE C 30 -30.77 -5.67 13.08
N THR C 31 -30.39 -6.36 14.14
CA THR C 31 -29.95 -7.73 14.05
C THR C 31 -30.06 -8.41 15.40
N THR C 32 -29.75 -9.70 15.45
CA THR C 32 -29.77 -10.47 16.68
C THR C 32 -28.34 -10.43 17.24
N THR C 33 -28.20 -10.11 18.53
CA THR C 33 -26.89 -9.84 19.11
C THR C 33 -25.85 -10.92 18.84
N HIS C 34 -26.19 -12.18 19.06
CA HIS C 34 -25.17 -13.24 18.93
C HIS C 34 -24.69 -13.47 17.50
N VAL C 35 -25.31 -12.80 16.54
CA VAL C 35 -24.95 -12.88 15.14
C VAL C 35 -23.86 -11.87 14.79
N VAL C 36 -23.79 -10.79 15.57
CA VAL C 36 -22.83 -9.71 15.32
C VAL C 36 -21.36 -10.21 15.30
N PRO C 37 -20.63 -9.98 14.19
CA PRO C 37 -19.24 -10.45 14.07
C PRO C 37 -18.31 -9.85 15.12
N THR C 38 -17.40 -10.65 15.68
CA THR C 38 -16.41 -10.11 16.61
C THR C 38 -15.13 -9.69 15.92
N GLY C 39 -14.35 -8.90 16.64
CA GLY C 39 -13.03 -8.52 16.21
C GLY C 39 -12.99 -7.71 14.93
N VAL C 40 -14.05 -6.98 14.63
CA VAL C 40 -14.01 -6.10 13.47
C VAL C 40 -13.93 -4.65 13.91
N LYS C 41 -13.34 -3.82 13.05
CA LYS C 41 -13.19 -2.38 13.32
C LYS C 41 -14.27 -1.61 12.61
N GLU C 42 -14.98 -2.28 11.70
CA GLU C 42 -16.00 -1.60 10.91
C GLU C 42 -17.15 -2.53 10.56
N PHE C 43 -18.31 -1.95 10.32
CA PHE C 43 -19.45 -2.67 9.75
C PHE C 43 -19.87 -1.87 8.53
N PHE C 44 -20.12 -2.55 7.41
CA PHE C 44 -20.55 -1.88 6.19
C PHE C 44 -19.63 -0.71 5.84
N GLY C 45 -18.34 -0.88 6.11
CA GLY C 45 -17.36 0.11 5.68
C GLY C 45 -17.23 1.31 6.59
N GLU C 46 -17.92 1.27 7.73
CA GLU C 46 -17.90 2.40 8.67
C GLU C 46 -17.33 1.97 10.01
N PRO C 47 -16.41 2.77 10.57
CA PRO C 47 -15.76 2.45 11.84
C PRO C 47 -16.80 2.21 12.92
N LEU C 48 -16.64 1.15 13.71
CA LEU C 48 -17.52 0.89 14.85
C LEU C 48 -17.65 2.10 15.74
N SER C 49 -16.57 2.84 15.91
CA SER C 49 -16.56 3.95 16.85
C SER C 49 -17.48 5.11 16.42
N SER C 50 -17.94 5.07 15.17
CA SER C 50 -18.80 6.12 14.61
C SER C 50 -20.26 5.70 14.58
N ILE C 51 -20.56 4.48 15.03
CA ILE C 51 -21.92 3.96 15.01
C ILE C 51 -22.51 3.99 16.43
N ALA C 52 -23.79 4.35 16.53
CA ALA C 52 -24.48 4.33 17.81
C ALA C 52 -25.07 2.93 17.95
N ILE C 53 -24.54 2.15 18.90
CA ILE C 53 -24.96 0.77 19.04
C ILE C 53 -25.73 0.58 20.33
N HIS C 54 -26.96 0.05 20.21
CA HIS C 54 -27.77 -0.22 21.38
C HIS C 54 -28.10 -1.69 21.38
N GLN C 55 -27.75 -2.36 22.47
CA GLN C 55 -27.91 -3.81 22.54
C GLN C 55 -28.54 -4.26 23.84
N ALA C 56 -29.53 -5.16 23.77
CA ALA C 56 -30.03 -5.77 25.00
C ALA C 56 -30.93 -6.92 24.69
N GLY C 57 -30.83 -7.97 25.52
CA GLY C 57 -31.78 -9.07 25.41
C GLY C 57 -31.79 -9.72 24.03
N GLU C 58 -30.60 -9.73 23.40
CA GLU C 58 -30.37 -10.34 22.08
C GLU C 58 -30.87 -9.52 20.88
N PHE C 59 -31.33 -8.30 21.15
CA PHE C 59 -31.73 -7.38 20.11
C PHE C 59 -30.67 -6.31 19.98
N THR C 60 -30.11 -6.17 18.79
CA THR C 60 -29.09 -5.15 18.55
C THR C 60 -29.54 -4.15 17.48
N GLN C 61 -29.37 -2.86 17.76
CA GLN C 61 -29.65 -1.85 16.76
C GLN C 61 -28.40 -1.01 16.50
N PHE C 62 -28.09 -0.74 15.22
CA PHE C 62 -27.03 0.19 14.83
C PHE C 62 -27.71 1.42 14.26
N ARG C 63 -27.29 2.61 14.67
CA ARG C 63 -27.73 3.82 13.98
C ARG C 63 -26.48 4.52 13.42
N PHE C 64 -26.46 4.69 12.10
CA PHE C 64 -25.34 5.32 11.41
C PHE C 64 -25.56 6.82 11.29
N SER C 65 -24.46 7.60 11.22
CA SER C 65 -24.55 9.05 11.10
C SER C 65 -24.57 9.53 9.63
N LYS C 66 -24.61 8.57 8.72
CA LYS C 66 -24.64 8.80 7.29
C LYS C 66 -25.77 7.94 6.78
N LYS C 67 -26.37 8.29 5.65
CA LYS C 67 -27.36 7.41 5.05
C LYS C 67 -26.67 6.23 4.36
N MET C 68 -26.90 5.03 4.86
CA MET C 68 -26.28 3.83 4.33
C MET C 68 -27.13 3.21 3.24
N ARG C 69 -28.45 3.35 3.36
CA ARG C 69 -29.40 2.85 2.36
C ARG C 69 -30.40 3.94 1.98
N PRO C 70 -29.93 4.96 1.25
CA PRO C 70 -30.78 6.11 0.98
C PRO C 70 -31.93 5.79 0.01
N ASP C 71 -31.88 4.60 -0.58
CA ASP C 71 -32.96 4.11 -1.43
C ASP C 71 -34.25 3.75 -0.64
N LEU C 72 -34.11 3.54 0.67
CA LEU C 72 -35.24 3.07 1.51
C LEU C 72 -36.01 4.19 2.21
N THR C 73 -37.30 3.93 2.42
CA THR C 73 -38.09 4.76 3.32
C THR C 73 -37.92 4.21 4.72
N GLY C 74 -38.17 5.05 5.72
CA GLY C 74 -38.17 4.55 7.09
C GLY C 74 -39.44 3.78 7.37
N MET C 75 -39.29 2.63 8.03
CA MET C 75 -40.42 1.76 8.42
C MET C 75 -40.65 1.86 9.92
N VAL C 76 -41.85 1.54 10.37
CA VAL C 76 -42.12 1.45 11.81
C VAL C 76 -41.51 0.17 12.38
N LEU C 77 -40.75 0.34 13.48
CA LEU C 77 -40.22 -0.75 14.28
C LEU C 77 -40.97 -0.73 15.61
N GLU C 78 -41.55 -1.86 15.98
CA GLU C 78 -42.29 -1.93 17.23
C GLU C 78 -41.73 -3.03 18.13
N GLU C 79 -42.08 -2.97 19.41
CA GLU C 79 -41.61 -3.94 20.38
C GLU C 79 -42.54 -5.15 20.36
N GLY C 80 -42.25 -6.08 19.44
CA GLY C 80 -43.14 -7.22 19.26
C GLY C 80 -44.50 -6.76 18.78
N CYS C 81 -45.48 -7.65 18.90
CA CYS C 81 -46.81 -7.39 18.35
C CYS C 81 -47.82 -8.11 19.21
N PRO C 82 -49.10 -7.77 19.06
CA PRO C 82 -50.16 -8.39 19.86
C PRO C 82 -50.19 -9.90 19.69
N GLU C 83 -50.60 -10.60 20.73
CA GLU C 83 -50.73 -12.05 20.67
C GLU C 83 -51.75 -12.40 19.58
N GLY C 84 -51.42 -13.38 18.75
CA GLY C 84 -52.30 -13.82 17.68
C GLY C 84 -51.98 -13.22 16.33
N THR C 85 -51.12 -12.21 16.32
CA THR C 85 -50.73 -11.59 15.06
C THR C 85 -50.03 -12.61 14.20
N VAL C 86 -50.43 -12.70 12.94
CA VAL C 86 -49.71 -13.52 11.97
C VAL C 86 -48.66 -12.65 11.31
N CYS C 87 -47.40 -13.02 11.55
CA CYS C 87 -46.27 -12.31 10.96
C CYS C 87 -45.69 -13.16 9.88
N SER C 88 -44.72 -12.58 9.19
CA SER C 88 -43.96 -13.29 8.19
C SER C 88 -42.51 -13.14 8.58
N VAL C 89 -41.77 -14.24 8.66
CA VAL C 89 -40.33 -14.14 8.87
C VAL C 89 -39.65 -14.11 7.52
N LEU C 90 -38.98 -13.00 7.19
CA LEU C 90 -38.43 -12.85 5.85
C LEU C 90 -37.05 -13.49 5.78
N ILE C 91 -37.04 -14.78 5.50
CA ILE C 91 -35.81 -15.54 5.50
C ILE C 91 -35.14 -15.55 4.13
N LYS C 92 -33.90 -15.07 4.09
CA LYS C 92 -33.01 -15.33 2.96
C LYS C 92 -32.09 -16.46 3.32
N ARG C 93 -31.84 -17.32 2.34
CA ARG C 93 -30.89 -18.41 2.53
C ARG C 93 -29.59 -18.07 1.80
N ASP C 94 -28.50 -18.74 2.18
CA ASP C 94 -27.22 -18.47 1.55
C ASP C 94 -27.29 -18.75 0.05
N SER C 95 -28.19 -19.65 -0.37
CA SER C 95 -28.34 -20.01 -1.79
C SER C 95 -29.03 -18.91 -2.58
N GLY C 96 -29.64 -17.96 -1.88
CA GLY C 96 -30.43 -16.92 -2.53
C GLY C 96 -31.93 -17.11 -2.41
N GLU C 97 -32.38 -18.32 -2.10
CA GLU C 97 -33.80 -18.57 -1.96
C GLU C 97 -34.46 -17.64 -0.93
N LEU C 98 -35.64 -17.11 -1.28
CA LEU C 98 -36.46 -16.33 -0.34
C LEU C 98 -37.56 -17.20 0.21
N LEU C 99 -37.68 -17.24 1.53
CA LEU C 99 -38.67 -18.05 2.25
C LEU C 99 -39.43 -17.20 3.24
N PRO C 100 -40.58 -16.65 2.83
CA PRO C 100 -41.35 -15.93 3.85
C PRO C 100 -42.13 -16.97 4.68
N LEU C 101 -41.81 -17.08 5.96
CA LEU C 101 -42.44 -18.09 6.80
C LEU C 101 -43.54 -17.46 7.64
N ALA C 102 -44.76 -18.00 7.52
CA ALA C 102 -45.87 -17.49 8.32
C ALA C 102 -45.78 -18.04 9.74
N VAL C 103 -45.93 -17.15 10.73
CA VAL C 103 -45.86 -17.56 12.13
C VAL C 103 -46.97 -16.87 12.90
N ARG C 104 -47.63 -17.62 13.78
CA ARG C 104 -48.61 -17.03 14.66
C ARG C 104 -47.96 -16.69 15.98
N MET C 105 -47.85 -15.39 16.27
CA MET C 105 -47.13 -14.92 17.44
C MET C 105 -47.87 -15.12 18.77
N GLY C 106 -47.12 -15.54 19.79
CA GLY C 106 -47.64 -15.73 21.12
C GLY C 106 -47.18 -14.62 22.05
N ALA C 107 -46.84 -14.97 23.29
CA ALA C 107 -46.53 -13.96 24.30
C ALA C 107 -45.10 -13.47 24.27
N ILE C 108 -44.90 -12.22 24.70
CA ILE C 108 -43.59 -11.67 24.94
C ILE C 108 -43.12 -12.06 26.34
N ALA C 109 -41.90 -12.55 26.44
CA ALA C 109 -41.37 -12.98 27.73
C ALA C 109 -39.85 -12.89 27.77
N SER C 110 -39.29 -12.76 28.96
CA SER C 110 -37.85 -12.94 29.13
C SER C 110 -37.58 -14.42 29.23
N MET C 111 -36.65 -14.92 28.44
CA MET C 111 -36.31 -16.35 28.48
C MET C 111 -34.82 -16.55 28.60
N ARG C 112 -34.45 -17.77 28.93
CA ARG C 112 -33.08 -18.16 29.02
C ARG C 112 -32.86 -19.20 27.94
N ILE C 113 -31.98 -18.92 26.99
CA ILE C 113 -31.71 -19.84 25.90
C ILE C 113 -30.23 -20.06 25.81
N GLN C 114 -29.81 -21.29 26.01
CA GLN C 114 -28.39 -21.58 26.00
C GLN C 114 -27.62 -20.66 26.92
N GLY C 115 -28.23 -20.34 28.05
CA GLY C 115 -27.58 -19.55 29.05
C GLY C 115 -27.71 -18.05 28.92
N ARG C 116 -28.28 -17.58 27.83
CA ARG C 116 -28.43 -16.14 27.74
C ARG C 116 -29.81 -15.65 27.77
N LEU C 117 -29.95 -14.46 28.29
CA LEU C 117 -31.21 -13.81 28.46
C LEU C 117 -31.69 -13.33 27.10
N VAL C 118 -32.84 -13.82 26.67
CA VAL C 118 -33.44 -13.32 25.44
C VAL C 118 -34.75 -12.63 25.79
N HIS C 119 -34.88 -11.34 25.47
CA HIS C 119 -36.18 -10.68 25.62
C HIS C 119 -36.86 -10.90 24.29
N GLY C 120 -37.87 -11.74 24.28
CA GLY C 120 -38.36 -12.23 23.00
C GLY C 120 -39.83 -12.50 22.92
N GLN C 121 -40.27 -12.87 21.74
CA GLN C 121 -41.65 -13.24 21.54
C GLN C 121 -41.67 -14.58 20.85
N SER C 122 -42.49 -15.48 21.38
CA SER C 122 -42.69 -16.81 20.81
C SER C 122 -43.65 -16.76 19.67
N GLY C 123 -43.51 -17.71 18.76
CA GLY C 123 -44.47 -17.87 17.69
C GLY C 123 -44.51 -19.32 17.24
N MET C 124 -45.61 -19.69 16.61
CA MET C 124 -45.81 -21.03 16.07
C MET C 124 -45.83 -20.95 14.58
N LEU C 125 -44.96 -21.71 13.93
CA LEU C 125 -44.96 -21.76 12.48
C LEU C 125 -46.31 -22.30 11.98
N LEU C 126 -46.85 -21.69 10.94
CA LEU C 126 -48.17 -22.12 10.44
C LEU C 126 -48.07 -23.23 9.39
N ASP C 135 -43.79 -28.03 7.41
CA ASP C 135 -43.36 -27.99 6.01
C ASP C 135 -42.04 -27.26 5.79
N LEU C 136 -42.03 -25.97 6.10
CA LEU C 136 -40.81 -25.17 5.94
C LEU C 136 -40.49 -24.55 7.29
N GLY C 137 -39.23 -24.67 7.72
CA GLY C 137 -38.85 -24.17 9.02
C GLY C 137 -37.63 -23.27 8.95
N THR C 138 -37.14 -22.83 10.10
CA THR C 138 -35.89 -22.12 10.20
C THR C 138 -34.69 -23.09 10.37
N ILE C 139 -33.49 -22.55 10.20
CA ILE C 139 -32.22 -23.28 10.38
C ILE C 139 -31.25 -22.40 11.18
N PRO C 140 -30.15 -22.99 11.68
CA PRO C 140 -29.21 -22.21 12.51
C PRO C 140 -28.62 -20.99 11.79
N GLY C 141 -28.63 -20.99 10.46
CA GLY C 141 -28.12 -19.83 9.74
C GLY C 141 -29.07 -18.64 9.57
N ASP C 142 -30.29 -18.73 10.11
CA ASP C 142 -31.33 -17.73 9.83
C ASP C 142 -31.45 -16.63 10.89
N CYS C 143 -30.61 -16.62 11.93
CA CYS C 143 -30.81 -15.57 12.95
C CYS C 143 -30.58 -14.17 12.39
N GLY C 144 -31.34 -13.20 12.89
CA GLY C 144 -31.34 -11.85 12.33
C GLY C 144 -32.46 -11.59 11.33
N ALA C 145 -33.07 -12.64 10.79
CA ALA C 145 -34.15 -12.43 9.84
C ALA C 145 -35.33 -11.69 10.51
N PRO C 146 -35.91 -10.71 9.80
CA PRO C 146 -36.95 -9.92 10.48
C PRO C 146 -38.32 -10.58 10.51
N TYR C 147 -39.06 -10.29 11.58
CA TYR C 147 -40.45 -10.69 11.70
C TYR C 147 -41.25 -9.45 11.37
N VAL C 148 -42.06 -9.51 10.31
CA VAL C 148 -42.81 -8.36 9.87
C VAL C 148 -44.28 -8.71 9.74
N HIS C 149 -45.13 -7.68 9.75
CA HIS C 149 -46.52 -7.87 9.39
C HIS C 149 -47.05 -6.61 8.73
N LYS C 150 -48.08 -6.76 7.90
CA LYS C 150 -48.62 -5.59 7.23
C LYS C 150 -49.85 -5.11 7.97
N ARG C 151 -49.83 -3.84 8.32
CA ARG C 151 -50.92 -3.23 9.06
C ARG C 151 -51.36 -2.03 8.23
N GLY C 152 -52.60 -2.01 7.80
CA GLY C 152 -53.04 -0.96 6.90
C GLY C 152 -52.23 -0.97 5.62
N ASN C 153 -51.72 0.20 5.22
CA ASN C 153 -50.91 0.31 4.00
C ASN C 153 -49.44 0.03 4.25
N ASP C 154 -49.09 -0.24 5.51
CA ASP C 154 -47.69 -0.18 5.95
C ASP C 154 -47.14 -1.50 6.49
N TRP C 155 -45.91 -1.82 6.09
CA TRP C 155 -45.22 -2.92 6.72
C TRP C 155 -44.61 -2.47 8.04
N VAL C 156 -44.69 -3.33 9.04
CA VAL C 156 -44.14 -3.07 10.37
C VAL C 156 -43.16 -4.17 10.68
N VAL C 157 -41.98 -3.83 11.24
CA VAL C 157 -41.08 -4.88 11.71
C VAL C 157 -41.11 -4.91 13.22
N CYS C 158 -41.14 -6.11 13.78
CA CYS C 158 -41.30 -6.19 15.23
C CYS C 158 -40.35 -7.12 15.99
N GLY C 159 -39.44 -7.77 15.28
CA GLY C 159 -38.47 -8.63 15.96
C GLY C 159 -37.45 -9.19 14.98
N VAL C 160 -36.42 -9.87 15.51
CA VAL C 160 -35.42 -10.50 14.67
C VAL C 160 -35.23 -11.95 15.15
N HIS C 161 -35.10 -12.87 14.19
CA HIS C 161 -35.09 -14.30 14.56
C HIS C 161 -33.92 -14.60 15.50
N ALA C 162 -34.18 -15.32 16.59
CA ALA C 162 -33.16 -15.59 17.60
C ALA C 162 -33.00 -17.03 18.01
N ALA C 163 -34.08 -17.82 17.91
CA ALA C 163 -34.07 -19.17 18.47
C ALA C 163 -35.23 -20.03 17.97
N ALA C 164 -35.11 -21.35 18.16
CA ALA C 164 -36.19 -22.27 17.82
C ALA C 164 -36.16 -23.53 18.64
N THR C 165 -37.32 -24.08 18.96
CA THR C 165 -37.42 -25.33 19.73
C THR C 165 -36.86 -26.55 19.02
N LYS C 166 -36.85 -27.67 19.74
CA LYS C 166 -36.24 -28.91 19.26
C LYS C 166 -36.97 -29.42 18.01
N SER C 167 -38.30 -29.37 18.04
CA SER C 167 -39.13 -29.76 16.91
C SER C 167 -39.07 -28.77 15.74
N GLY C 168 -38.82 -27.50 16.06
CA GLY C 168 -38.76 -26.47 15.04
C GLY C 168 -40.08 -25.73 14.87
N ASN C 169 -41.15 -26.28 15.44
CA ASN C 169 -42.45 -25.66 15.29
C ASN C 169 -42.62 -24.34 16.05
N THR C 170 -41.84 -24.17 17.12
CA THR C 170 -41.85 -22.92 17.89
C THR C 170 -40.58 -22.12 17.62
N VAL C 171 -40.76 -20.85 17.29
CA VAL C 171 -39.63 -19.96 17.05
C VAL C 171 -39.69 -18.79 18.01
N VAL C 172 -38.58 -18.06 18.12
CA VAL C 172 -38.53 -16.92 19.02
C VAL C 172 -37.80 -15.80 18.30
N CYS C 173 -38.39 -14.61 18.32
CA CYS C 173 -37.65 -13.46 17.83
C CYS C 173 -37.30 -12.58 19.02
N ALA C 174 -36.11 -11.97 18.98
CA ALA C 174 -35.76 -10.99 19.98
C ALA C 174 -36.51 -9.71 19.65
N VAL C 175 -36.93 -9.00 20.68
CA VAL C 175 -37.64 -7.75 20.47
C VAL C 175 -36.97 -6.65 21.28
N GLN C 176 -37.16 -5.43 20.81
CA GLN C 176 -36.43 -4.31 21.35
C GLN C 176 -37.18 -3.80 22.56
N ALA C 177 -36.52 -3.67 23.70
CA ALA C 177 -37.27 -3.22 24.87
C ALA C 177 -37.42 -1.71 24.91
N ASP D 3 -17.24 16.07 39.75
CA ASP D 3 -15.98 15.67 39.14
C ASP D 3 -16.21 14.94 37.82
N LYS D 4 -17.44 15.05 37.31
CA LYS D 4 -17.79 14.41 36.04
C LYS D 4 -18.20 12.94 36.23
N ALA D 5 -17.19 12.15 36.49
CA ALA D 5 -17.24 10.70 36.65
C ALA D 5 -17.69 10.28 38.05
N PRO D 6 -18.33 9.11 38.16
CA PRO D 6 -18.75 8.61 39.49
C PRO D 6 -17.58 8.10 40.30
N PRO D 7 -17.75 7.99 41.63
CA PRO D 7 -16.65 7.55 42.51
C PRO D 7 -15.96 6.26 42.04
N THR D 8 -16.72 5.27 41.58
CA THR D 8 -16.12 4.00 41.17
C THR D 8 -15.09 4.19 40.05
N LEU D 9 -15.42 5.06 39.11
CA LEU D 9 -14.53 5.35 37.98
C LEU D 9 -13.26 6.07 38.45
N TRP D 10 -13.43 7.05 39.32
CA TRP D 10 -12.27 7.68 39.96
C TRP D 10 -11.41 6.66 40.72
N SER D 11 -12.04 5.65 41.31
CA SER D 11 -11.30 4.70 42.14
C SER D 11 -10.36 3.84 41.30
N ARG D 12 -10.55 3.84 39.98
CA ARG D 12 -9.65 3.11 39.08
C ARG D 12 -8.33 3.86 38.90
N VAL D 13 -8.33 5.17 39.16
CA VAL D 13 -7.13 5.98 38.96
C VAL D 13 -6.27 5.77 40.19
N THR D 14 -5.04 5.32 39.95
CA THR D 14 -4.20 4.73 40.98
C THR D 14 -2.80 5.35 40.99
N LYS D 15 -2.32 5.81 42.15
CA LYS D 15 -0.95 6.34 42.19
C LYS D 15 0.04 5.25 41.77
N PHE D 16 0.97 5.59 40.88
CA PHE D 16 1.90 4.58 40.36
C PHE D 16 3.23 5.20 39.91
N GLY D 17 4.33 4.76 40.52
CA GLY D 17 5.62 5.31 40.12
C GLY D 17 5.63 6.82 40.23
N SER D 18 6.06 7.48 39.17
CA SER D 18 6.11 8.94 39.15
C SER D 18 4.89 9.52 38.43
N GLY D 19 3.73 8.91 38.67
CA GLY D 19 2.51 9.37 38.06
C GLY D 19 1.27 8.62 38.53
N TRP D 20 0.58 7.99 37.58
CA TRP D 20 -0.67 7.27 37.87
C TRP D 20 -0.86 6.15 36.85
N GLY D 21 -1.77 5.25 37.15
CA GLY D 21 -2.23 4.28 36.16
C GLY D 21 -3.72 4.08 36.37
N PHE D 22 -4.31 3.14 35.63
CA PHE D 22 -5.75 3.00 35.61
C PHE D 22 -6.13 1.55 35.52
N TRP D 23 -7.00 1.10 36.43
CA TRP D 23 -7.54 -0.26 36.37
C TRP D 23 -8.67 -0.35 35.33
N VAL D 24 -8.43 -1.04 34.22
CA VAL D 24 -9.42 -1.23 33.16
C VAL D 24 -10.38 -2.32 33.58
N SER D 25 -9.87 -3.28 34.35
CA SER D 25 -10.65 -4.42 34.77
C SER D 25 -10.02 -4.97 36.05
N PRO D 26 -10.57 -6.07 36.58
CA PRO D 26 -9.94 -6.67 37.76
C PRO D 26 -8.48 -7.06 37.59
N THR D 27 -8.05 -7.34 36.35
CA THR D 27 -6.69 -7.82 36.11
C THR D 27 -5.84 -6.93 35.22
N VAL D 28 -6.45 -5.97 34.56
CA VAL D 28 -5.72 -5.15 33.59
C VAL D 28 -5.49 -3.72 34.08
N PHE D 29 -4.23 -3.31 34.08
CA PHE D 29 -3.81 -2.02 34.56
C PHE D 29 -2.99 -1.35 33.46
N ILE D 30 -3.30 -0.10 33.16
CA ILE D 30 -2.59 0.63 32.11
C ILE D 30 -1.96 1.91 32.64
N THR D 31 -0.86 2.30 32.01
CA THR D 31 -0.12 3.47 32.45
C THR D 31 0.79 3.94 31.33
N THR D 32 1.49 5.04 31.58
CA THR D 32 2.43 5.61 30.62
C THR D 32 3.83 5.05 30.93
N THR D 33 4.52 4.55 29.92
CA THR D 33 5.77 3.81 30.19
C THR D 33 6.79 4.54 31.06
N HIS D 34 6.98 5.83 30.79
CA HIS D 34 8.05 6.53 31.49
C HIS D 34 7.77 6.80 32.97
N VAL D 35 6.55 6.56 33.44
CA VAL D 35 6.34 6.65 34.90
C VAL D 35 6.51 5.32 35.64
N VAL D 36 6.64 4.21 34.90
CA VAL D 36 6.75 2.90 35.53
C VAL D 36 8.07 2.77 36.30
N PRO D 37 8.01 2.31 37.57
CA PRO D 37 9.27 2.16 38.31
C PRO D 37 10.14 1.09 37.66
N THR D 38 11.43 1.34 37.59
CA THR D 38 12.33 0.33 37.08
C THR D 38 13.12 -0.34 38.19
N GLY D 39 13.69 -1.50 37.85
CA GLY D 39 14.62 -2.18 38.74
C GLY D 39 13.87 -2.85 39.87
N VAL D 40 12.56 -3.03 39.72
CA VAL D 40 11.77 -3.67 40.76
C VAL D 40 11.42 -5.13 40.42
N LYS D 41 11.06 -5.87 41.44
CA LYS D 41 10.74 -7.28 41.26
C LYS D 41 9.27 -7.57 41.36
N GLU D 42 8.46 -6.54 41.62
CA GLU D 42 7.04 -6.78 41.78
C GLU D 42 6.29 -5.49 41.57
N PHE D 43 5.01 -5.59 41.25
CA PHE D 43 4.13 -4.45 41.17
C PHE D 43 2.88 -4.78 41.99
N PHE D 44 2.48 -3.86 42.87
CA PHE D 44 1.34 -4.09 43.77
C PHE D 44 1.43 -5.43 44.50
N GLY D 45 2.65 -5.81 44.89
CA GLY D 45 2.86 -7.03 45.66
C GLY D 45 2.97 -8.32 44.85
N GLU D 46 2.79 -8.23 43.55
CA GLU D 46 2.83 -9.43 42.70
C GLU D 46 4.15 -9.50 41.96
N PRO D 47 4.81 -10.67 42.01
CA PRO D 47 6.10 -10.81 41.33
C PRO D 47 5.93 -10.71 39.83
N LEU D 48 6.97 -10.20 39.15
CA LEU D 48 6.90 -10.04 37.71
C LEU D 48 6.43 -11.31 36.98
N SER D 49 6.76 -12.47 37.51
CA SER D 49 6.45 -13.71 36.80
C SER D 49 4.96 -13.98 36.74
N SER D 50 4.18 -13.22 37.49
CA SER D 50 2.74 -13.43 37.47
C SER D 50 2.06 -12.23 36.84
N ILE D 51 2.81 -11.48 36.06
CA ILE D 51 2.22 -10.35 35.35
C ILE D 51 2.66 -10.45 33.90
N ALA D 52 1.71 -10.32 32.98
CA ALA D 52 2.05 -10.19 31.56
C ALA D 52 2.12 -8.70 31.24
N ILE D 53 3.28 -8.26 30.75
CA ILE D 53 3.56 -6.86 30.54
C ILE D 53 3.83 -6.57 29.07
N HIS D 54 3.09 -5.61 28.51
CA HIS D 54 3.25 -5.20 27.13
C HIS D 54 3.51 -3.72 27.11
N GLN D 55 4.59 -3.31 26.48
CA GLN D 55 4.94 -1.90 26.40
C GLN D 55 5.25 -1.55 24.94
N ALA D 56 4.69 -0.44 24.46
CA ALA D 56 5.06 0.12 23.15
C ALA D 56 4.61 1.58 23.05
N GLY D 57 5.44 2.44 22.47
CA GLY D 57 4.99 3.79 22.16
C GLY D 57 4.54 4.61 23.36
N GLU D 58 5.14 4.34 24.52
CA GLU D 58 4.82 4.99 25.81
C GLU D 58 3.53 4.51 26.45
N PHE D 59 2.93 3.47 25.89
CA PHE D 59 1.77 2.83 26.50
C PHE D 59 2.19 1.51 27.15
N THR D 60 1.89 1.35 28.43
CA THR D 60 2.22 0.11 29.13
C THR D 60 0.95 -0.52 29.64
N GLN D 61 0.80 -1.82 29.39
CA GLN D 61 -0.29 -2.60 30.00
C GLN D 61 0.22 -3.73 30.86
N PHE D 62 -0.36 -3.89 32.05
CA PHE D 62 -0.08 -5.03 32.93
C PHE D 62 -1.31 -5.91 32.94
N ARG D 63 -1.13 -7.21 32.71
CA ARG D 63 -2.22 -8.13 32.97
C ARG D 63 -1.84 -9.11 34.08
N PHE D 64 -2.48 -8.96 35.23
CA PHE D 64 -2.13 -9.76 36.40
C PHE D 64 -2.82 -11.10 36.37
N SER D 65 -2.10 -12.14 36.76
CA SER D 65 -2.68 -13.48 36.90
C SER D 65 -3.75 -13.50 37.97
N LYS D 66 -3.54 -12.70 39.01
CA LYS D 66 -4.43 -12.66 40.16
C LYS D 66 -5.46 -11.57 39.92
N LYS D 67 -6.70 -11.79 40.35
CA LYS D 67 -7.67 -10.69 40.28
C LYS D 67 -7.28 -9.67 41.35
N MET D 68 -6.96 -8.45 40.92
CA MET D 68 -6.44 -7.43 41.84
C MET D 68 -7.54 -6.48 42.31
N ARG D 69 -8.48 -6.19 41.40
CA ARG D 69 -9.60 -5.31 41.69
C ARG D 69 -10.92 -6.00 41.30
N PRO D 70 -11.25 -7.11 41.96
CA PRO D 70 -12.47 -7.87 41.63
C PRO D 70 -13.76 -7.10 41.93
N ASP D 71 -13.64 -5.96 42.59
CA ASP D 71 -14.79 -5.07 42.77
C ASP D 71 -15.24 -4.35 41.48
N LEU D 72 -14.36 -4.30 40.49
CA LEU D 72 -14.60 -3.51 39.27
C LEU D 72 -15.17 -4.33 38.14
N THR D 73 -16.05 -3.72 37.35
CA THR D 73 -16.40 -4.28 36.07
C THR D 73 -15.28 -4.00 35.07
N GLY D 74 -15.17 -4.86 34.07
CA GLY D 74 -14.30 -4.58 32.94
C GLY D 74 -14.83 -3.44 32.10
N MET D 75 -13.92 -2.57 31.67
CA MET D 75 -14.28 -1.46 30.77
C MET D 75 -13.71 -1.74 29.39
N VAL D 76 -14.32 -1.13 28.39
CA VAL D 76 -13.75 -1.16 27.05
C VAL D 76 -12.55 -0.22 26.95
N LEU D 77 -11.43 -0.76 26.47
CA LEU D 77 -10.23 0.01 26.18
C LEU D 77 -10.05 0.07 24.67
N GLU D 78 -9.96 1.28 24.11
CA GLU D 78 -9.79 1.42 22.68
C GLU D 78 -8.50 2.16 22.37
N GLU D 79 -8.03 1.99 21.14
CA GLU D 79 -6.86 2.70 20.64
C GLU D 79 -7.26 4.12 20.27
N GLY D 80 -7.28 5.02 21.24
CA GLY D 80 -7.69 6.39 20.98
C GLY D 80 -9.18 6.44 20.71
N CYS D 81 -9.62 7.61 20.29
CA CYS D 81 -11.04 7.81 20.00
C CYS D 81 -11.19 8.60 18.70
N PRO D 82 -12.42 8.67 18.16
CA PRO D 82 -12.59 9.42 16.92
C PRO D 82 -12.17 10.89 17.09
N GLU D 83 -11.52 11.44 16.08
CA GLU D 83 -11.19 12.86 16.12
C GLU D 83 -12.47 13.66 16.40
N GLY D 84 -12.38 14.66 17.28
CA GLY D 84 -13.52 15.49 17.60
C GLY D 84 -14.23 15.12 18.90
N THR D 85 -13.97 13.91 19.39
CA THR D 85 -14.52 13.50 20.66
C THR D 85 -13.99 14.42 21.77
N VAL D 86 -14.86 14.86 22.68
CA VAL D 86 -14.39 15.57 23.87
C VAL D 86 -14.21 14.55 24.99
N CYS D 87 -12.96 14.25 25.31
CA CYS D 87 -12.69 13.33 26.42
C CYS D 87 -12.55 14.08 27.74
N SER D 88 -12.68 13.33 28.84
CA SER D 88 -12.33 13.86 30.16
C SER D 88 -11.01 13.20 30.60
N VAL D 89 -10.06 14.00 31.08
CA VAL D 89 -8.84 13.42 31.65
C VAL D 89 -9.08 13.36 33.17
N LEU D 90 -9.03 12.16 33.74
CA LEU D 90 -9.34 12.03 35.15
C LEU D 90 -8.09 12.22 35.99
N ILE D 91 -7.81 13.47 36.35
CA ILE D 91 -6.59 13.81 37.07
C ILE D 91 -6.79 13.82 38.57
N LYS D 92 -6.00 13.01 39.27
CA LYS D 92 -5.88 13.15 40.70
C LYS D 92 -4.54 13.82 40.97
N ARG D 93 -4.52 14.64 42.02
CA ARG D 93 -3.32 15.33 42.44
C ARG D 93 -2.85 14.70 43.76
N ASP D 94 -1.58 14.88 44.09
CA ASP D 94 -0.99 14.24 45.27
C ASP D 94 -1.70 14.67 46.58
N SER D 95 -2.25 15.88 46.58
CA SER D 95 -3.06 16.45 47.68
C SER D 95 -4.38 15.69 47.88
N GLY D 96 -4.78 14.99 46.82
CA GLY D 96 -6.00 14.21 46.79
C GLY D 96 -7.13 14.90 46.04
N GLU D 97 -6.94 16.16 45.68
CA GLU D 97 -7.94 16.88 44.91
C GLU D 97 -8.18 16.21 43.54
N LEU D 98 -9.43 16.21 43.08
CA LEU D 98 -9.80 15.64 41.77
C LEU D 98 -9.96 16.79 40.80
N LEU D 99 -9.36 16.65 39.62
CA LEU D 99 -9.25 17.78 38.71
C LEU D 99 -9.45 17.28 37.28
N PRO D 100 -10.67 16.81 36.99
CA PRO D 100 -11.03 16.35 35.65
C PRO D 100 -10.89 17.49 34.64
N LEU D 101 -10.32 17.19 33.49
CA LEU D 101 -10.13 18.20 32.46
C LEU D 101 -10.80 17.74 31.20
N ALA D 102 -11.49 18.64 30.51
CA ALA D 102 -12.08 18.27 29.22
C ALA D 102 -11.11 18.59 28.08
N VAL D 103 -11.03 17.70 27.10
CA VAL D 103 -10.06 17.85 26.02
C VAL D 103 -10.69 17.49 24.66
N ARG D 104 -10.58 18.39 23.68
CA ARG D 104 -10.99 18.08 22.34
C ARG D 104 -9.93 17.22 21.68
N MET D 105 -10.27 15.97 21.34
CA MET D 105 -9.26 15.07 20.78
C MET D 105 -9.07 15.29 19.27
N GLY D 106 -7.82 15.21 18.85
CA GLY D 106 -7.43 15.41 17.47
C GLY D 106 -6.89 14.12 16.88
N ALA D 107 -5.78 14.18 16.15
CA ALA D 107 -5.34 13.03 15.38
C ALA D 107 -4.45 12.08 16.19
N ILE D 108 -4.58 10.80 15.88
CA ILE D 108 -3.67 9.76 16.36
C ILE D 108 -2.46 9.77 15.46
N ALA D 109 -1.27 9.87 16.07
CA ALA D 109 -0.02 9.85 15.32
C ALA D 109 1.16 9.32 16.11
N SER D 110 2.20 8.94 15.39
CA SER D 110 3.46 8.58 16.05
C SER D 110 4.38 9.80 16.06
N MET D 111 4.98 10.06 17.23
CA MET D 111 5.83 11.21 17.46
C MET D 111 7.05 10.79 18.24
N ARG D 112 7.97 11.73 18.41
CA ARG D 112 9.05 11.54 19.35
C ARG D 112 9.08 12.74 20.28
N ILE D 113 9.01 12.50 21.58
CA ILE D 113 8.79 13.64 22.47
C ILE D 113 9.97 14.15 23.27
N GLN D 114 10.58 13.36 24.13
CA GLN D 114 11.86 13.83 24.63
C GLN D 114 12.83 12.69 24.43
N GLY D 115 13.03 12.39 23.16
CA GLY D 115 13.82 11.25 22.75
C GLY D 115 13.04 9.95 22.82
N ARG D 116 11.80 10.01 23.26
CA ARG D 116 10.98 8.80 23.33
C ARG D 116 9.95 8.71 22.23
N LEU D 117 9.83 7.52 21.64
CA LEU D 117 8.79 7.31 20.65
C LEU D 117 7.42 7.18 21.31
N VAL D 118 6.49 8.02 20.88
CA VAL D 118 5.15 8.02 21.44
C VAL D 118 4.14 7.71 20.36
N HIS D 119 3.34 6.69 20.58
CA HIS D 119 2.23 6.46 19.68
C HIS D 119 1.03 7.05 20.45
N GLY D 120 0.50 8.16 19.97
CA GLY D 120 -0.42 8.89 20.83
C GLY D 120 -1.52 9.61 20.08
N GLN D 121 -2.38 10.29 20.83
CA GLN D 121 -3.38 11.13 20.21
C GLN D 121 -3.26 12.51 20.80
N SER D 122 -3.22 13.55 19.96
CA SER D 122 -3.11 14.91 20.48
C SER D 122 -4.50 15.39 20.81
N GLY D 123 -4.59 16.34 21.74
CA GLY D 123 -5.86 17.00 21.98
C GLY D 123 -5.61 18.39 22.48
N MET D 124 -6.67 19.20 22.54
CA MET D 124 -6.56 20.57 23.00
C MET D 124 -7.46 20.86 24.20
N LEU D 125 -6.91 21.50 25.21
CA LEU D 125 -7.73 22.08 26.27
C LEU D 125 -8.78 23.04 25.69
N LEU D 126 -9.91 23.20 26.38
CA LEU D 126 -11.02 24.02 25.85
C LEU D 126 -11.05 25.51 26.30
N THR D 127 -11.39 26.42 25.39
CA THR D 127 -11.62 27.84 25.72
C THR D 127 -12.77 27.94 26.72
N GLY D 128 -12.65 28.83 27.72
CA GLY D 128 -13.75 29.08 28.63
C GLY D 128 -13.56 28.48 30.02
N GLY D 137 -5.19 22.86 33.70
CA GLY D 137 -4.21 22.22 32.85
C GLY D 137 -3.43 21.13 33.56
N THR D 138 -2.71 20.32 32.78
CA THR D 138 -1.91 19.26 33.38
C THR D 138 -0.56 19.80 33.88
N ILE D 139 0.10 19.00 34.71
CA ILE D 139 1.41 19.32 35.23
C ILE D 139 2.24 18.04 35.23
N PRO D 140 3.57 18.16 35.38
CA PRO D 140 4.45 16.98 35.25
C PRO D 140 4.07 15.72 36.03
N GLY D 141 3.48 15.82 37.20
CA GLY D 141 3.14 14.60 37.91
C GLY D 141 1.86 13.89 37.45
N ASP D 142 1.22 14.39 36.39
CA ASP D 142 -0.09 13.86 35.95
C ASP D 142 -0.01 12.70 34.94
N CYS D 143 1.18 12.26 34.55
CA CYS D 143 1.19 11.23 33.51
C CYS D 143 0.60 9.91 34.03
N GLY D 144 -0.06 9.22 33.09
CA GLY D 144 -0.81 7.99 33.38
C GLY D 144 -2.28 8.22 33.66
N ALA D 145 -2.67 9.47 33.93
CA ALA D 145 -4.11 9.73 34.10
C ALA D 145 -4.90 9.31 32.85
N PRO D 146 -6.06 8.66 33.02
CA PRO D 146 -6.80 8.17 31.85
C PRO D 146 -7.59 9.22 31.09
N TYR D 147 -7.69 9.02 29.78
CA TYR D 147 -8.56 9.82 28.92
C TYR D 147 -9.79 8.96 28.68
N VAL D 148 -10.97 9.47 29.07
CA VAL D 148 -12.19 8.68 28.96
C VAL D 148 -13.33 9.46 28.34
N HIS D 149 -14.33 8.72 27.88
CA HIS D 149 -15.53 9.34 27.33
C HIS D 149 -16.68 8.38 27.49
N LYS D 150 -17.90 8.90 27.55
CA LYS D 150 -19.03 8.03 27.81
C LYS D 150 -19.73 7.61 26.52
N ARG D 151 -20.00 6.32 26.39
CA ARG D 151 -20.67 5.79 25.21
C ARG D 151 -21.90 5.03 25.70
N GLY D 152 -23.08 5.61 25.52
CA GLY D 152 -24.28 5.05 26.12
C GLY D 152 -24.24 5.14 27.65
N ASN D 153 -24.42 4.01 28.32
CA ASN D 153 -24.34 3.98 29.78
C ASN D 153 -22.97 3.57 30.28
N ASP D 154 -22.06 3.32 29.36
CA ASP D 154 -20.76 2.85 29.76
C ASP D 154 -19.65 3.85 29.45
N TRP D 155 -18.62 3.82 30.28
CA TRP D 155 -17.44 4.65 30.06
C TRP D 155 -16.43 3.88 29.23
N VAL D 156 -15.70 4.57 28.37
CA VAL D 156 -14.67 3.93 27.55
C VAL D 156 -13.36 4.63 27.87
N VAL D 157 -12.28 3.87 28.03
CA VAL D 157 -10.96 4.52 28.22
C VAL D 157 -10.16 4.37 26.95
N CYS D 158 -9.44 5.40 26.56
CA CYS D 158 -8.79 5.33 25.26
C CYS D 158 -7.33 5.83 25.22
N GLY D 159 -6.81 6.27 26.35
CA GLY D 159 -5.39 6.64 26.39
C GLY D 159 -4.97 7.02 27.80
N VAL D 160 -3.67 7.24 27.97
CA VAL D 160 -3.12 7.68 29.25
C VAL D 160 -2.25 8.91 29.03
N HIS D 161 -2.29 9.83 29.97
CA HIS D 161 -1.64 11.11 29.73
C HIS D 161 -0.12 10.93 29.60
N ALA D 162 0.46 11.50 28.54
CA ALA D 162 1.91 11.30 28.28
C ALA D 162 2.73 12.56 28.13
N ALA D 163 2.12 13.64 27.66
CA ALA D 163 2.92 14.83 27.31
C ALA D 163 2.05 16.07 27.17
N ALA D 164 2.68 17.24 27.16
CA ALA D 164 1.94 18.45 26.86
C ALA D 164 2.94 19.51 26.46
N THR D 165 2.48 20.47 25.68
CA THR D 165 3.31 21.59 25.30
C THR D 165 3.44 22.51 26.51
N LYS D 166 4.33 23.48 26.40
CA LYS D 166 4.64 24.38 27.51
C LYS D 166 3.44 25.23 27.96
N SER D 167 2.67 25.76 27.00
CA SER D 167 1.42 26.42 27.33
C SER D 167 0.50 25.47 28.10
N GLY D 168 0.67 24.16 27.86
CA GLY D 168 -0.24 23.17 28.38
C GLY D 168 -1.47 23.05 27.49
N ASN D 169 -1.57 23.88 26.46
CA ASN D 169 -2.78 23.90 25.65
C ASN D 169 -2.97 22.69 24.76
N THR D 170 -1.88 22.05 24.36
CA THR D 170 -1.97 20.80 23.62
C THR D 170 -1.47 19.70 24.53
N VAL D 171 -2.24 18.62 24.62
CA VAL D 171 -1.81 17.46 25.36
C VAL D 171 -1.72 16.27 24.43
N VAL D 172 -1.02 15.24 24.86
CA VAL D 172 -0.98 13.98 24.11
C VAL D 172 -1.23 12.81 25.06
N CYS D 173 -2.11 11.89 24.68
CA CYS D 173 -2.23 10.66 25.48
C CYS D 173 -1.62 9.54 24.67
N ALA D 174 -0.89 8.65 25.34
CA ALA D 174 -0.37 7.48 24.66
C ALA D 174 -1.53 6.51 24.46
N VAL D 175 -1.54 5.79 23.34
CA VAL D 175 -2.65 4.88 23.05
C VAL D 175 -2.06 3.54 22.68
N GLN D 176 -2.85 2.49 22.84
CA GLN D 176 -2.38 1.13 22.66
C GLN D 176 -2.52 0.69 21.23
N ALA D 177 -1.43 0.32 20.58
CA ALA D 177 -1.51 -0.14 19.19
C ALA D 177 -2.22 -1.49 19.07
N LYS E 4 -37.52 23.96 5.08
CA LYS E 4 -37.83 25.34 4.76
C LYS E 4 -36.70 26.39 4.97
N ALA E 5 -35.58 26.06 5.64
CA ALA E 5 -34.47 27.03 5.72
C ALA E 5 -33.89 27.35 4.35
N PRO E 6 -33.88 28.64 3.94
CA PRO E 6 -33.42 28.97 2.60
C PRO E 6 -31.88 29.02 2.53
N PRO E 7 -31.31 29.02 1.31
CA PRO E 7 -29.86 28.97 1.13
C PRO E 7 -29.15 30.10 1.87
N THR E 8 -29.69 31.31 1.86
CA THR E 8 -29.03 32.42 2.56
C THR E 8 -28.88 32.13 4.06
N LEU E 9 -29.89 31.51 4.67
CA LEU E 9 -29.81 31.16 6.09
C LEU E 9 -28.70 30.11 6.32
N TRP E 10 -28.66 29.08 5.49
CA TRP E 10 -27.60 28.09 5.61
C TRP E 10 -26.22 28.71 5.43
N SER E 11 -26.12 29.73 4.59
CA SER E 11 -24.83 30.35 4.29
C SER E 11 -24.25 31.08 5.49
N ARG E 12 -25.09 31.30 6.51
CA ARG E 12 -24.63 31.91 7.76
C ARG E 12 -23.86 30.93 8.63
N VAL E 13 -24.13 29.64 8.42
CA VAL E 13 -23.51 28.57 9.21
C VAL E 13 -22.12 28.35 8.64
N THR E 14 -21.12 28.56 9.48
CA THR E 14 -19.73 28.75 9.08
C THR E 14 -18.80 27.82 9.87
N LYS E 15 -17.91 27.13 9.16
CA LYS E 15 -16.93 26.29 9.87
C LYS E 15 -16.07 27.15 10.78
N PHE E 16 -15.85 26.69 12.00
CA PHE E 16 -15.13 27.49 12.97
C PHE E 16 -14.48 26.59 14.03
N GLY E 17 -13.15 26.63 14.15
CA GLY E 17 -12.50 25.80 15.14
C GLY E 17 -12.89 24.36 14.96
N SER E 18 -13.26 23.65 16.03
CA SER E 18 -13.62 22.25 15.90
C SER E 18 -15.14 22.05 15.77
N GLY E 19 -15.80 23.12 15.35
CA GLY E 19 -17.22 23.12 15.17
C GLY E 19 -17.68 24.16 14.19
N TRP E 20 -18.68 24.93 14.56
CA TRP E 20 -19.31 25.91 13.68
C TRP E 20 -19.68 27.17 14.40
N GLY E 21 -20.01 28.21 13.65
CA GLY E 21 -20.57 29.42 14.22
C GLY E 21 -21.62 29.95 13.26
N PHE E 22 -22.24 31.07 13.59
CA PHE E 22 -23.37 31.56 12.84
C PHE E 22 -23.30 33.08 12.72
N TRP E 23 -23.36 33.59 11.48
CA TRP E 23 -23.45 35.02 11.24
C TRP E 23 -24.87 35.53 11.48
N VAL E 24 -25.06 36.22 12.61
CA VAL E 24 -26.35 36.82 12.94
C VAL E 24 -26.58 38.06 12.08
N SER E 25 -25.50 38.75 11.74
CA SER E 25 -25.60 39.96 10.93
C SER E 25 -24.24 40.20 10.31
N PRO E 26 -24.07 41.31 9.57
CA PRO E 26 -22.74 41.50 8.97
C PRO E 26 -21.57 41.56 9.95
N THR E 27 -21.83 41.99 11.19
CA THR E 27 -20.78 42.18 12.17
C THR E 27 -20.82 41.20 13.36
N VAL E 28 -21.91 40.45 13.52
CA VAL E 28 -22.05 39.61 14.73
C VAL E 28 -22.01 38.11 14.42
N PHE E 29 -21.11 37.38 15.08
CA PHE E 29 -20.93 35.95 14.85
C PHE E 29 -21.08 35.28 16.21
N ILE E 30 -21.86 34.21 16.25
CA ILE E 30 -22.05 33.50 17.51
C ILE E 30 -21.61 32.06 17.40
N THR E 31 -21.23 31.50 18.54
CA THR E 31 -20.73 30.13 18.59
C THR E 31 -20.78 29.61 20.03
N THR E 32 -20.45 28.34 20.20
CA THR E 32 -20.38 27.71 21.51
C THR E 32 -18.95 27.90 22.06
N THR E 33 -18.84 28.34 23.31
CA THR E 33 -17.56 28.77 23.84
C THR E 33 -16.46 27.73 23.68
N HIS E 34 -16.75 26.47 23.98
CA HIS E 34 -15.68 25.47 23.90
C HIS E 34 -15.15 25.17 22.50
N VAL E 35 -15.85 25.69 21.48
CA VAL E 35 -15.46 25.53 20.08
C VAL E 35 -14.38 26.55 19.68
N VAL E 36 -14.37 27.69 20.38
CA VAL E 36 -13.47 28.79 20.03
C VAL E 36 -12.02 28.35 20.13
N PRO E 37 -11.26 28.45 19.02
CA PRO E 37 -9.86 28.00 19.11
C PRO E 37 -8.99 28.82 20.07
N THR E 38 -8.04 28.15 20.72
CA THR E 38 -7.10 28.84 21.59
C THR E 38 -5.84 29.18 20.83
N GLY E 39 -5.08 30.12 21.39
CA GLY E 39 -3.77 30.43 20.86
C GLY E 39 -3.78 31.12 19.50
N VAL E 40 -4.91 31.66 19.08
CA VAL E 40 -4.94 32.42 17.83
C VAL E 40 -4.92 33.91 18.09
N LYS E 41 -4.46 34.70 17.11
CA LYS E 41 -4.40 36.14 17.29
C LYS E 41 -5.40 36.90 16.41
N GLU E 42 -6.11 36.17 15.55
CA GLU E 42 -7.06 36.80 14.64
C GLU E 42 -8.18 35.79 14.38
N PHE E 43 -9.35 36.28 13.99
CA PHE E 43 -10.44 35.42 13.53
C PHE E 43 -10.94 35.99 12.22
N PHE E 44 -11.07 35.15 11.19
CA PHE E 44 -11.51 35.60 9.88
C PHE E 44 -10.62 36.73 9.38
N GLY E 45 -9.33 36.60 9.70
CA GLY E 45 -8.32 37.55 9.27
C GLY E 45 -8.39 38.90 9.97
N GLU E 46 -9.14 38.99 11.07
CA GLU E 46 -9.20 40.22 11.83
C GLU E 46 -8.50 40.03 13.15
N PRO E 47 -7.69 41.02 13.58
CA PRO E 47 -7.03 40.84 14.87
C PRO E 47 -8.02 40.97 16.02
N LEU E 48 -7.73 40.23 17.09
CA LEU E 48 -8.52 40.28 18.31
C LEU E 48 -8.68 41.71 18.72
N SER E 49 -7.66 42.51 18.46
CA SER E 49 -7.64 43.89 18.88
C SER E 49 -8.94 44.56 18.45
N SER E 50 -9.43 44.20 17.26
CA SER E 50 -10.62 44.82 16.68
C SER E 50 -11.98 44.23 17.14
N ILE E 51 -11.97 42.99 17.63
CA ILE E 51 -13.23 42.30 17.94
C ILE E 51 -13.70 42.54 19.38
N ALA E 52 -15.01 42.75 19.58
CA ALA E 52 -15.55 42.73 20.94
C ALA E 52 -16.08 41.32 21.18
N ILE E 53 -15.56 40.68 22.21
CA ILE E 53 -15.94 39.31 22.51
C ILE E 53 -16.64 39.27 23.84
N HIS E 54 -17.85 38.72 23.83
CA HIS E 54 -18.66 38.62 25.02
C HIS E 54 -19.02 37.16 25.23
N GLN E 55 -18.52 36.58 26.30
CA GLN E 55 -18.80 35.18 26.58
C GLN E 55 -19.53 35.03 27.88
N ALA E 56 -20.44 34.06 27.92
CA ALA E 56 -20.85 33.50 29.20
C ALA E 56 -21.76 32.31 29.03
N GLY E 57 -21.60 31.35 29.94
CA GLY E 57 -22.50 30.22 30.02
C GLY E 57 -22.44 29.35 28.78
N GLU E 58 -21.27 29.33 28.15
CA GLU E 58 -21.01 28.50 26.98
C GLU E 58 -21.53 29.13 25.71
N PHE E 59 -22.03 30.37 25.80
CA PHE E 59 -22.40 31.14 24.61
C PHE E 59 -21.36 32.23 24.37
N THR E 60 -20.78 32.26 23.18
CA THR E 60 -19.85 33.31 22.81
C THR E 60 -20.33 34.16 21.64
N GLN E 61 -20.24 35.48 21.77
CA GLN E 61 -20.58 36.38 20.69
C GLN E 61 -19.36 37.20 20.32
N PHE E 62 -19.09 37.29 19.02
CA PHE E 62 -18.05 38.17 18.50
C PHE E 62 -18.76 39.30 17.78
N ARG E 63 -18.39 40.55 18.09
CA ARG E 63 -18.86 41.67 17.31
C ARG E 63 -17.67 42.35 16.62
N PHE E 64 -17.57 42.19 15.30
CA PHE E 64 -16.43 42.73 14.55
C PHE E 64 -16.59 44.24 14.29
N SER E 65 -15.45 44.92 14.12
CA SER E 65 -15.42 46.35 13.81
C SER E 65 -15.76 46.64 12.36
N LYS E 66 -15.53 45.66 11.49
CA LYS E 66 -15.82 45.80 10.06
C LYS E 66 -16.96 44.87 9.74
N LYS E 67 -17.69 45.17 8.66
CA LYS E 67 -18.64 44.21 8.14
C LYS E 67 -17.93 43.04 7.50
N MET E 68 -18.11 41.87 8.07
CA MET E 68 -17.41 40.68 7.59
C MET E 68 -18.31 39.90 6.63
N ARG E 69 -19.62 40.09 6.78
CA ARG E 69 -20.58 39.48 5.84
C ARG E 69 -21.58 40.57 5.40
N PRO E 70 -21.09 41.55 4.62
CA PRO E 70 -21.92 42.69 4.23
C PRO E 70 -23.09 42.30 3.34
N ASP E 71 -23.07 41.06 2.86
CA ASP E 71 -24.17 40.52 2.05
C ASP E 71 -25.42 40.20 2.85
N LEU E 72 -25.28 40.03 4.16
CA LEU E 72 -26.38 39.56 5.00
C LEU E 72 -27.15 40.71 5.62
N THR E 73 -28.44 40.47 5.87
CA THR E 73 -29.19 41.35 6.74
C THR E 73 -29.09 40.83 8.18
N GLY E 74 -29.37 41.71 9.14
CA GLY E 74 -29.42 41.32 10.53
C GLY E 74 -30.65 40.53 10.84
N MET E 75 -30.50 39.54 11.72
CA MET E 75 -31.55 38.62 12.16
C MET E 75 -31.74 38.84 13.65
N VAL E 76 -32.91 38.48 14.19
CA VAL E 76 -33.13 38.55 15.63
C VAL E 76 -32.49 37.36 16.34
N LEU E 77 -31.74 37.66 17.40
CA LEU E 77 -31.17 36.66 18.30
C LEU E 77 -31.89 36.77 19.65
N GLU E 78 -32.45 35.65 20.13
CA GLU E 78 -33.16 35.66 21.40
C GLU E 78 -32.56 34.68 22.39
N GLU E 79 -32.93 34.85 23.67
CA GLU E 79 -32.40 34.02 24.72
C GLU E 79 -33.25 32.76 24.84
N GLY E 80 -32.95 31.78 24.01
CA GLY E 80 -33.77 30.58 23.92
C GLY E 80 -35.16 30.92 23.41
N CYS E 81 -36.08 30.00 23.63
CA CYS E 81 -37.44 30.16 23.13
C CYS E 81 -38.40 29.51 24.11
N PRO E 82 -39.71 29.75 23.94
CA PRO E 82 -40.69 29.15 24.84
C PRO E 82 -40.69 27.63 24.77
N GLU E 83 -40.95 27.02 25.91
CA GLU E 83 -41.07 25.58 25.96
C GLU E 83 -42.11 25.10 24.96
N GLY E 84 -41.79 24.03 24.26
CA GLY E 84 -42.67 23.49 23.24
C GLY E 84 -42.39 23.99 21.83
N THR E 85 -41.60 25.06 21.69
CA THR E 85 -41.25 25.54 20.35
C THR E 85 -40.52 24.45 19.58
N VAL E 86 -40.89 24.26 18.33
CA VAL E 86 -40.18 23.32 17.46
C VAL E 86 -39.10 24.09 16.69
N CYS E 87 -37.83 23.81 16.99
CA CYS E 87 -36.75 24.50 16.30
C CYS E 87 -36.15 23.60 15.24
N SER E 88 -35.30 24.17 14.40
CA SER E 88 -34.47 23.36 13.51
C SER E 88 -33.03 23.63 13.90
N VAL E 89 -32.25 22.58 14.10
CA VAL E 89 -30.81 22.76 14.23
C VAL E 89 -30.19 22.69 12.85
N LEU E 90 -29.55 23.78 12.40
CA LEU E 90 -29.03 23.83 11.03
C LEU E 90 -27.62 23.24 11.01
N ILE E 91 -27.57 21.93 10.95
CA ILE E 91 -26.28 21.23 10.99
C ILE E 91 -25.66 21.08 9.60
N LYS E 92 -24.46 21.60 9.44
CA LYS E 92 -23.67 21.25 8.27
C LYS E 92 -22.66 20.20 8.70
N ARG E 93 -22.38 19.28 7.78
CA ARG E 93 -21.33 18.30 8.04
C ARG E 93 -20.09 18.60 7.21
N ASP E 94 -18.95 18.05 7.62
CA ASP E 94 -17.72 18.30 6.88
C ASP E 94 -17.84 17.87 5.42
N SER E 95 -18.67 16.88 5.12
CA SER E 95 -18.84 16.42 3.74
C SER E 95 -19.59 17.46 2.90
N GLY E 96 -20.25 18.39 3.59
CA GLY E 96 -21.11 19.37 2.93
C GLY E 96 -22.60 19.10 3.05
N GLU E 97 -22.95 17.92 3.53
CA GLU E 97 -24.34 17.57 3.74
C GLU E 97 -25.00 18.57 4.69
N LEU E 98 -26.20 19.01 4.31
CA LEU E 98 -27.03 19.77 5.20
C LEU E 98 -27.93 18.80 5.93
N LEU E 99 -28.03 19.00 7.24
CA LEU E 99 -28.81 18.10 8.09
C LEU E 99 -29.68 18.91 9.05
N PRO E 100 -30.77 19.51 8.57
CA PRO E 100 -31.65 20.22 9.49
C PRO E 100 -32.33 19.23 10.44
N LEU E 101 -32.13 19.37 11.74
CA LEU E 101 -32.75 18.47 12.71
C LEU E 101 -33.91 19.17 13.42
N ALA E 102 -35.09 18.58 13.37
CA ALA E 102 -36.23 19.13 14.10
C ALA E 102 -36.09 18.77 15.58
N VAL E 103 -36.31 19.74 16.47
CA VAL E 103 -36.16 19.52 17.90
C VAL E 103 -37.26 20.24 18.65
N ARG E 104 -37.91 19.53 19.54
CA ARG E 104 -38.93 20.15 20.38
C ARG E 104 -38.28 20.63 21.66
N MET E 105 -38.33 21.94 21.86
CA MET E 105 -37.56 22.53 22.93
C MET E 105 -38.21 22.40 24.32
N GLY E 106 -37.37 22.20 25.33
CA GLY E 106 -37.80 22.03 26.71
C GLY E 106 -37.43 23.27 27.52
N ALA E 107 -37.07 23.05 28.78
CA ALA E 107 -36.79 24.17 29.68
C ALA E 107 -35.37 24.72 29.59
N ILE E 108 -35.25 26.02 29.85
CA ILE E 108 -33.96 26.66 30.05
C ILE E 108 -33.47 26.42 31.47
N ALA E 109 -32.23 25.96 31.60
CA ALA E 109 -31.68 25.65 32.91
C ALA E 109 -30.16 25.76 32.90
N SER E 110 -29.57 25.95 34.08
CA SER E 110 -28.14 25.87 34.20
C SER E 110 -27.78 24.41 34.40
N MET E 111 -26.87 23.93 33.56
CA MET E 111 -26.42 22.55 33.65
C MET E 111 -24.92 22.53 33.79
N ARG E 112 -24.40 21.46 34.36
CA ARG E 112 -22.96 21.26 34.41
C ARG E 112 -22.67 20.03 33.55
N ILE E 113 -21.85 20.23 32.52
CA ILE E 113 -21.63 19.22 31.49
C ILE E 113 -20.14 19.07 31.28
N GLN E 114 -19.62 17.86 31.51
CA GLN E 114 -18.18 17.63 31.52
C GLN E 114 -17.45 18.80 32.19
N GLY E 115 -17.96 19.19 33.36
CA GLY E 115 -17.29 20.16 34.20
C GLY E 115 -17.55 21.61 33.83
N ARG E 116 -18.24 21.86 32.73
CA ARG E 116 -18.52 23.22 32.29
C ARG E 116 -19.90 23.65 32.71
N LEU E 117 -20.04 24.90 33.14
CA LEU E 117 -21.35 25.47 33.43
C LEU E 117 -21.99 25.94 32.14
N VAL E 118 -23.13 25.36 31.77
CA VAL E 118 -23.81 25.68 30.53
C VAL E 118 -25.17 26.28 30.82
N HIS E 119 -25.36 27.54 30.45
CA HIS E 119 -26.68 28.13 30.54
C HIS E 119 -27.37 27.69 29.26
N GLY E 120 -28.29 26.76 29.34
CA GLY E 120 -28.69 26.08 28.12
C GLY E 120 -30.18 25.78 28.06
N GLN E 121 -30.63 25.32 26.91
CA GLN E 121 -32.00 24.87 26.75
C GLN E 121 -31.95 23.44 26.22
N SER E 122 -32.66 22.53 26.90
CA SER E 122 -32.77 21.16 26.44
C SER E 122 -33.83 21.06 25.34
N GLY E 123 -33.67 20.08 24.45
CA GLY E 123 -34.74 19.69 23.55
C GLY E 123 -34.66 18.23 23.16
N MET E 124 -35.77 17.70 22.65
CA MET E 124 -35.82 16.31 22.17
C MET E 124 -35.92 16.25 20.66
N LEU E 125 -35.01 15.52 20.05
CA LEU E 125 -35.08 15.33 18.61
C LEU E 125 -36.41 14.72 18.20
N LEU E 126 -36.97 15.20 17.09
CA LEU E 126 -38.26 14.71 16.59
C LEU E 126 -38.10 13.63 15.54
N ASP E 135 -34.09 8.37 13.91
CA ASP E 135 -33.29 7.97 12.78
C ASP E 135 -32.09 8.88 12.61
N LEU E 136 -32.16 10.07 13.20
CA LEU E 136 -31.12 11.09 12.97
C LEU E 136 -30.50 11.53 14.30
N GLY E 137 -29.39 12.25 14.24
CA GLY E 137 -28.77 12.74 15.48
C GLY E 137 -27.56 13.63 15.25
N THR E 138 -27.05 14.21 16.33
CA THR E 138 -25.86 15.05 16.26
C THR E 138 -24.59 14.21 16.46
N ILE E 139 -23.45 14.83 16.20
CA ILE E 139 -22.15 14.21 16.45
C ILE E 139 -21.25 15.24 17.16
N PRO E 140 -20.08 14.81 17.67
CA PRO E 140 -19.21 15.75 18.39
C PRO E 140 -18.73 16.94 17.59
N GLY E 141 -18.69 16.81 16.26
CA GLY E 141 -18.27 17.93 15.42
C GLY E 141 -19.32 18.99 15.15
N ASP E 142 -20.53 18.84 15.70
CA ASP E 142 -21.67 19.72 15.36
C ASP E 142 -21.80 20.94 16.27
N CYS E 143 -20.93 21.10 17.27
CA CYS E 143 -21.20 22.23 18.21
C CYS E 143 -21.05 23.56 17.51
N GLY E 144 -21.86 24.52 17.97
CA GLY E 144 -21.92 25.82 17.30
C GLY E 144 -23.06 25.97 16.29
N ALA E 145 -23.62 24.84 15.82
CA ALA E 145 -24.72 24.91 14.85
C ALA E 145 -25.90 25.65 15.48
N PRO E 146 -26.56 26.51 14.70
CA PRO E 146 -27.61 27.32 15.31
C PRO E 146 -28.95 26.59 15.49
N TYR E 147 -29.68 26.94 16.53
CA TYR E 147 -31.04 26.47 16.74
C TYR E 147 -31.94 27.63 16.31
N VAL E 148 -32.76 27.43 15.28
CA VAL E 148 -33.58 28.51 14.72
C VAL E 148 -35.05 28.14 14.64
N HIS E 149 -35.90 29.14 14.55
CA HIS E 149 -37.30 28.85 14.28
C HIS E 149 -37.90 30.02 13.54
N LYS E 150 -38.97 29.76 12.79
CA LYS E 150 -39.55 30.81 12.01
C LYS E 150 -40.75 31.32 12.76
N ARG E 151 -40.82 32.62 12.94
CA ARG E 151 -41.93 33.22 13.62
C ARG E 151 -42.48 34.29 12.69
N GLY E 152 -43.72 34.11 12.23
CA GLY E 152 -44.25 34.95 11.18
C GLY E 152 -43.42 34.77 9.91
N ASN E 153 -42.88 35.87 9.41
CA ASN E 153 -42.03 35.81 8.22
C ASN E 153 -40.56 35.95 8.54
N ASP E 154 -40.23 35.89 9.82
CA ASP E 154 -38.83 36.07 10.23
C ASP E 154 -38.24 34.82 10.86
N TRP E 155 -37.02 34.50 10.47
CA TRP E 155 -36.26 33.48 11.18
C TRP E 155 -35.62 34.09 12.43
N VAL E 156 -35.64 33.33 13.52
CA VAL E 156 -35.08 33.79 14.78
C VAL E 156 -34.03 32.76 15.17
N VAL E 157 -32.87 33.20 15.64
CA VAL E 157 -31.88 32.26 16.18
C VAL E 157 -31.92 32.36 17.71
N CYS E 158 -31.93 31.23 18.39
CA CYS E 158 -32.07 31.30 19.85
C CYS E 158 -31.07 30.49 20.65
N GLY E 159 -30.16 29.79 19.97
CA GLY E 159 -29.11 29.08 20.69
C GLY E 159 -28.10 28.45 19.76
N VAL E 160 -27.02 27.92 20.32
CA VAL E 160 -26.00 27.22 19.55
C VAL E 160 -25.74 25.83 20.16
N HIS E 161 -25.55 24.83 19.31
CA HIS E 161 -25.47 23.46 19.80
C HIS E 161 -24.29 23.28 20.74
N ALA E 162 -24.51 22.66 21.89
CA ALA E 162 -23.46 22.53 22.91
C ALA E 162 -23.22 21.13 23.46
N ALA E 163 -24.26 20.30 23.48
CA ALA E 163 -24.14 18.99 24.11
C ALA E 163 -25.25 18.02 23.72
N ALA E 164 -25.08 16.75 24.03
CA ALA E 164 -26.15 15.79 23.86
C ALA E 164 -26.09 14.76 24.98
N THR E 165 -27.24 14.14 25.29
CA THR E 165 -27.30 13.12 26.32
C THR E 165 -26.98 11.75 25.77
N LYS E 166 -26.88 10.79 26.69
CA LYS E 166 -26.28 9.50 26.35
C LYS E 166 -27.03 8.78 25.24
N SER E 167 -28.34 8.96 25.20
CA SER E 167 -29.16 8.40 24.14
C SER E 167 -28.97 9.18 22.83
N GLY E 168 -28.56 10.44 22.93
CA GLY E 168 -28.51 11.34 21.80
C GLY E 168 -29.88 11.92 21.47
N ASN E 169 -30.91 11.42 22.18
CA ASN E 169 -32.28 11.89 21.95
C ASN E 169 -32.47 13.30 22.46
N THR E 170 -31.69 13.66 23.47
CA THR E 170 -31.78 14.99 24.08
C THR E 170 -30.54 15.80 23.74
N VAL E 171 -30.78 16.99 23.23
CA VAL E 171 -29.69 17.88 22.88
C VAL E 171 -29.82 19.13 23.72
N VAL E 172 -28.73 19.90 23.81
CA VAL E 172 -28.75 21.13 24.57
C VAL E 172 -28.10 22.22 23.75
N CYS E 173 -28.75 23.37 23.65
CA CYS E 173 -28.09 24.52 23.04
C CYS E 173 -27.71 25.49 24.12
N ALA E 174 -26.57 26.14 23.95
CA ALA E 174 -26.25 27.24 24.84
C ALA E 174 -27.07 28.45 24.44
N VAL E 175 -27.53 29.20 25.43
CA VAL E 175 -28.33 30.40 25.14
C VAL E 175 -27.66 31.62 25.78
N GLN E 176 -27.93 32.80 25.23
CA GLN E 176 -27.19 34.00 25.61
C GLN E 176 -27.92 34.76 26.71
N ALA E 177 -27.31 34.88 27.88
CA ALA E 177 -27.96 35.59 28.98
C ALA E 177 -28.06 37.07 28.65
N GLY E 178 -29.20 37.67 28.96
CA GLY E 178 -29.41 39.08 28.70
C GLY E 178 -28.77 39.92 29.80
N ASP F 2 13.58 -32.33 10.17
CA ASP F 2 14.63 -32.88 11.04
C ASP F 2 15.99 -32.76 10.36
N ASP F 3 16.27 -31.62 9.73
CA ASP F 3 17.57 -31.41 9.12
C ASP F 3 18.48 -30.55 10.00
N LYS F 4 18.09 -30.42 11.28
CA LYS F 4 18.91 -29.77 12.32
C LYS F 4 19.17 -28.29 12.28
N ALA F 5 19.80 -27.90 11.18
CA ALA F 5 20.25 -26.55 10.94
C ALA F 5 19.17 -25.86 10.14
N PRO F 6 19.06 -24.53 10.31
CA PRO F 6 18.09 -23.73 9.56
C PRO F 6 18.51 -23.58 8.10
N PRO F 7 17.55 -23.22 7.22
CA PRO F 7 17.88 -23.11 5.79
C PRO F 7 19.07 -22.18 5.49
N THR F 8 19.19 -21.07 6.19
CA THR F 8 20.30 -20.15 5.93
C THR F 8 21.66 -20.81 6.12
N LEU F 9 21.77 -21.63 7.16
CA LEU F 9 23.00 -22.31 7.49
C LEU F 9 23.30 -23.35 6.40
N TRP F 10 22.31 -24.15 6.01
CA TRP F 10 22.50 -25.01 4.85
C TRP F 10 22.91 -24.25 3.55
N SER F 11 22.42 -23.02 3.39
CA SER F 11 22.70 -22.28 2.16
C SER F 11 24.17 -21.86 2.07
N ARG F 12 24.89 -21.96 3.18
CA ARG F 12 26.33 -21.70 3.17
C ARG F 12 27.10 -22.87 2.54
N VAL F 13 26.50 -24.07 2.53
CA VAL F 13 27.20 -25.25 2.00
C VAL F 13 27.05 -25.20 0.49
N THR F 14 28.20 -25.23 -0.19
CA THR F 14 28.27 -24.86 -1.60
C THR F 14 29.03 -25.89 -2.44
N LYS F 15 28.48 -26.28 -3.58
CA LYS F 15 29.19 -27.23 -4.43
C LYS F 15 30.49 -26.60 -4.88
N PHE F 16 31.58 -27.35 -4.83
CA PHE F 16 32.89 -26.77 -5.14
C PHE F 16 33.90 -27.84 -5.57
N GLY F 17 34.41 -27.72 -6.79
CA GLY F 17 35.40 -28.69 -7.24
C GLY F 17 34.82 -30.09 -7.16
N SER F 18 35.60 -31.03 -6.63
CA SER F 18 35.15 -32.40 -6.49
C SER F 18 34.48 -32.64 -5.15
N GLY F 19 34.04 -31.55 -4.52
CA GLY F 19 33.37 -31.63 -3.23
C GLY F 19 32.53 -30.42 -2.94
N TRP F 20 32.67 -29.87 -1.75
CA TRP F 20 31.91 -28.70 -1.34
C TRP F 20 32.72 -27.81 -0.44
N GLY F 21 32.23 -26.60 -0.21
CA GLY F 21 32.91 -25.64 0.64
C GLY F 21 31.84 -24.93 1.43
N PHE F 22 32.24 -23.98 2.27
CA PHE F 22 31.31 -23.36 3.20
C PHE F 22 31.58 -21.86 3.33
N TRP F 23 30.54 -21.05 3.15
CA TRP F 23 30.64 -19.61 3.39
C TRP F 23 30.59 -19.29 4.89
N VAL F 24 31.74 -18.93 5.46
CA VAL F 24 31.83 -18.51 6.87
C VAL F 24 31.22 -17.12 7.04
N SER F 25 31.39 -16.29 6.03
CA SER F 25 30.95 -14.91 6.06
C SER F 25 30.74 -14.41 4.64
N PRO F 26 30.41 -13.13 4.47
CA PRO F 26 30.25 -12.65 3.11
C PRO F 26 31.49 -12.77 2.24
N THR F 27 32.69 -12.83 2.83
CA THR F 27 33.93 -12.84 2.07
C THR F 27 34.80 -14.08 2.29
N VAL F 28 34.47 -14.88 3.30
CA VAL F 28 35.35 -15.99 3.65
C VAL F 28 34.70 -17.35 3.34
N PHE F 29 35.42 -18.17 2.59
CA PHE F 29 34.92 -19.45 2.11
C PHE F 29 36.00 -20.48 2.48
N ILE F 30 35.59 -21.61 3.06
CA ILE F 30 36.56 -22.62 3.50
C ILE F 30 36.24 -23.96 2.82
N THR F 31 37.26 -24.78 2.62
CA THR F 31 37.06 -26.05 1.95
C THR F 31 38.25 -26.95 2.24
N THR F 32 38.19 -28.17 1.74
CA THR F 32 39.27 -29.14 1.95
C THR F 32 40.19 -29.05 0.72
N THR F 33 41.49 -28.98 0.95
CA THR F 33 42.41 -28.63 -0.14
C THR F 33 42.29 -29.52 -1.35
N HIS F 34 42.21 -30.84 -1.13
CA HIS F 34 42.20 -31.76 -2.26
C HIS F 34 40.97 -31.69 -3.15
N VAL F 35 39.91 -31.02 -2.74
CA VAL F 35 38.79 -30.84 -3.67
C VAL F 35 38.86 -29.56 -4.52
N VAL F 36 39.79 -28.67 -4.20
CA VAL F 36 39.89 -27.40 -4.92
C VAL F 36 40.33 -27.63 -6.36
N PRO F 37 39.60 -27.06 -7.34
CA PRO F 37 40.04 -27.20 -8.74
C PRO F 37 41.43 -26.59 -8.93
N THR F 38 42.29 -27.25 -9.69
CA THR F 38 43.58 -26.67 -10.01
C THR F 38 43.64 -26.19 -11.46
N GLY F 39 44.63 -25.34 -11.75
CA GLY F 39 44.85 -24.83 -13.09
C GLY F 39 43.78 -23.84 -13.52
N VAL F 40 43.07 -23.25 -12.57
CA VAL F 40 42.08 -22.25 -12.94
C VAL F 40 42.56 -20.85 -12.63
N LYS F 41 41.88 -19.88 -13.23
CA LYS F 41 42.27 -18.50 -13.06
C LYS F 41 41.27 -17.71 -12.25
N GLU F 42 40.18 -18.34 -11.86
CA GLU F 42 39.17 -17.64 -11.08
C GLU F 42 38.40 -18.66 -10.24
N PHE F 43 37.80 -18.19 -9.15
CA PHE F 43 36.90 -18.97 -8.32
C PHE F 43 35.63 -18.11 -8.18
N PHE F 44 34.47 -18.72 -8.43
CA PHE F 44 33.19 -18.01 -8.41
C PHE F 44 33.22 -16.72 -9.22
N GLY F 45 33.89 -16.76 -10.38
CA GLY F 45 33.94 -15.59 -11.25
C GLY F 45 34.93 -14.50 -10.86
N GLU F 46 35.64 -14.68 -9.74
CA GLU F 46 36.62 -13.69 -9.30
C GLU F 46 38.03 -14.14 -9.65
N PRO F 47 38.83 -13.26 -10.27
CA PRO F 47 40.21 -13.65 -10.60
C PRO F 47 41.05 -13.89 -9.33
N LEU F 48 42.05 -14.75 -9.45
CA LEU F 48 42.88 -15.07 -8.30
C LEU F 48 43.43 -13.84 -7.59
N SER F 49 43.72 -12.79 -8.33
CA SER F 49 44.37 -11.62 -7.74
C SER F 49 43.46 -10.89 -6.76
N SER F 50 42.17 -11.20 -6.78
CA SER F 50 41.24 -10.55 -5.87
C SER F 50 40.82 -11.53 -4.78
N ILE F 51 41.64 -12.54 -4.56
CA ILE F 51 41.37 -13.52 -3.50
C ILE F 51 42.66 -13.81 -2.73
N ALA F 52 42.59 -13.76 -1.40
CA ALA F 52 43.70 -14.17 -0.55
C ALA F 52 43.44 -15.61 -0.17
N ILE F 53 44.37 -16.48 -0.53
CA ILE F 53 44.21 -17.91 -0.39
C ILE F 53 45.27 -18.43 0.58
N HIS F 54 44.83 -19.12 1.63
CA HIS F 54 45.75 -19.74 2.59
C HIS F 54 45.41 -21.21 2.66
N GLN F 55 46.41 -22.06 2.51
CA GLN F 55 46.19 -23.49 2.54
C GLN F 55 47.23 -24.12 3.45
N ALA F 56 46.82 -25.05 4.28
CA ALA F 56 47.73 -25.81 5.14
C ALA F 56 47.03 -27.05 5.66
N GLY F 57 47.70 -28.20 5.65
CA GLY F 57 47.16 -29.41 6.26
C GLY F 57 45.78 -29.85 5.80
N GLU F 58 45.51 -29.64 4.51
CA GLU F 58 44.22 -29.96 3.88
C GLU F 58 43.09 -28.99 4.20
N PHE F 59 43.41 -27.90 4.88
CA PHE F 59 42.39 -26.87 5.10
C PHE F 59 42.69 -25.71 4.16
N THR F 60 41.69 -25.24 3.41
CA THR F 60 41.91 -24.14 2.48
C THR F 60 40.94 -23.02 2.82
N GLN F 61 41.45 -21.80 2.95
CA GLN F 61 40.57 -20.64 3.12
C GLN F 61 40.74 -19.64 1.98
N PHE F 62 39.61 -19.17 1.44
CA PHE F 62 39.59 -18.07 0.48
C PHE F 62 39.03 -16.84 1.15
N ARG F 63 39.74 -15.72 1.07
CA ARG F 63 39.14 -14.45 1.46
C ARG F 63 39.03 -13.53 0.25
N PHE F 64 37.79 -13.28 -0.17
CA PHE F 64 37.48 -12.50 -1.37
C PHE F 64 37.47 -11.02 -1.09
N SER F 65 38.05 -10.24 -1.99
CA SER F 65 38.02 -8.79 -1.90
C SER F 65 36.61 -8.24 -1.99
N LYS F 66 35.78 -8.92 -2.78
CA LYS F 66 34.41 -8.52 -3.03
C LYS F 66 33.50 -9.27 -2.04
N LYS F 67 32.44 -8.63 -1.57
CA LYS F 67 31.46 -9.36 -0.78
C LYS F 67 30.68 -10.29 -1.70
N MET F 68 30.81 -11.58 -1.47
CA MET F 68 30.22 -12.59 -2.35
C MET F 68 28.85 -13.07 -1.85
N ARG F 69 28.69 -13.08 -0.53
CA ARG F 69 27.43 -13.50 0.08
C ARG F 69 27.04 -12.48 1.15
N PRO F 70 26.70 -11.25 0.76
CA PRO F 70 26.37 -10.19 1.72
C PRO F 70 25.04 -10.44 2.43
N ASP F 71 24.31 -11.47 1.99
CA ASP F 71 23.13 -11.90 2.72
C ASP F 71 23.46 -12.58 4.07
N LEU F 72 24.69 -13.04 4.24
CA LEU F 72 25.04 -13.83 5.40
C LEU F 72 25.65 -13.02 6.52
N THR F 73 25.36 -13.40 7.75
CA THR F 73 26.15 -12.92 8.86
C THR F 73 27.47 -13.70 8.95
N GLY F 74 28.49 -13.07 9.51
CA GLY F 74 29.73 -13.75 9.85
C GLY F 74 29.55 -14.72 10.99
N MET F 75 30.09 -15.93 10.82
CA MET F 75 30.07 -16.97 11.84
C MET F 75 31.45 -17.09 12.45
N VAL F 76 31.52 -17.63 13.66
CA VAL F 76 32.79 -17.95 14.28
C VAL F 76 33.36 -19.25 13.70
N LEU F 77 34.60 -19.16 13.25
CA LEU F 77 35.37 -20.30 12.78
C LEU F 77 36.47 -20.56 13.79
N GLU F 78 36.51 -21.79 14.30
CA GLU F 78 37.51 -22.18 15.30
C GLU F 78 38.33 -23.35 14.81
N GLU F 79 39.50 -23.53 15.42
CA GLU F 79 40.39 -24.64 15.12
C GLU F 79 39.90 -25.89 15.83
N GLY F 80 38.94 -26.56 15.21
CA GLY F 80 38.34 -27.74 15.81
C GLY F 80 37.50 -27.36 17.01
N CYS F 81 37.10 -28.36 17.77
CA CYS F 81 36.26 -28.11 18.93
C CYS F 81 36.74 -28.97 20.10
N PRO F 82 36.24 -28.68 21.30
CA PRO F 82 36.69 -29.51 22.44
C PRO F 82 36.35 -30.99 22.25
N GLU F 83 37.27 -31.87 22.66
CA GLU F 83 36.98 -33.30 22.63
C GLU F 83 35.68 -33.57 23.37
N GLY F 84 34.85 -34.44 22.80
CA GLY F 84 33.56 -34.79 23.38
C GLY F 84 32.40 -34.02 22.77
N THR F 85 32.69 -32.90 22.13
CA THR F 85 31.60 -32.18 21.47
C THR F 85 30.91 -33.07 20.42
N VAL F 86 29.59 -33.05 20.37
CA VAL F 86 28.89 -33.70 19.26
C VAL F 86 28.60 -32.67 18.17
N CYS F 87 29.34 -32.78 17.06
CA CYS F 87 29.15 -31.90 15.93
C CYS F 87 28.12 -32.47 14.95
N SER F 88 27.57 -31.61 14.11
CA SER F 88 26.78 -32.06 12.96
C SER F 88 27.60 -31.80 11.70
N VAL F 89 27.70 -32.79 10.81
CA VAL F 89 28.32 -32.54 9.51
C VAL F 89 27.20 -32.25 8.53
N LEU F 90 27.24 -31.07 7.91
CA LEU F 90 26.14 -30.66 7.05
C LEU F 90 26.41 -31.12 5.63
N ILE F 91 25.99 -32.34 5.36
CA ILE F 91 26.24 -32.95 4.05
C ILE F 91 25.11 -32.70 3.05
N LYS F 92 25.47 -32.11 1.93
CA LYS F 92 24.59 -32.09 0.78
C LYS F 92 25.06 -33.16 -0.19
N ARG F 93 24.11 -33.80 -0.85
CA ARG F 93 24.45 -34.74 -1.91
C ARG F 93 24.13 -34.15 -3.28
N ASP F 94 24.72 -34.73 -4.33
CA ASP F 94 24.56 -34.22 -5.68
C ASP F 94 23.09 -34.17 -6.14
N SER F 95 22.30 -35.13 -5.66
CA SER F 95 20.84 -35.25 -5.89
C SER F 95 20.07 -34.10 -5.28
N GLY F 96 20.70 -33.43 -4.31
CA GLY F 96 20.07 -32.35 -3.59
C GLY F 96 19.63 -32.71 -2.18
N GLU F 97 19.55 -34.01 -1.87
CA GLU F 97 19.17 -34.41 -0.51
C GLU F 97 20.12 -33.88 0.56
N LEU F 98 19.56 -33.47 1.71
CA LEU F 98 20.33 -33.01 2.85
C LEU F 98 20.49 -34.17 3.84
N LEU F 99 21.73 -34.42 4.24
CA LEU F 99 22.02 -35.58 5.07
C LEU F 99 22.98 -35.24 6.20
N PRO F 100 22.48 -34.45 7.17
CA PRO F 100 23.26 -34.06 8.35
C PRO F 100 23.64 -35.33 9.14
N LEU F 101 24.88 -35.38 9.59
CA LEU F 101 25.37 -36.52 10.35
C LEU F 101 25.86 -36.02 11.69
N ALA F 102 25.57 -36.75 12.76
CA ALA F 102 26.10 -36.36 14.06
C ALA F 102 27.38 -37.15 14.33
N VAL F 103 28.39 -36.49 14.88
CA VAL F 103 29.72 -37.10 15.09
C VAL F 103 30.28 -36.71 16.47
N ARG F 104 30.72 -37.69 17.26
CA ARG F 104 31.39 -37.43 18.52
C ARG F 104 32.83 -37.05 18.21
N MET F 105 33.22 -35.82 18.53
CA MET F 105 34.57 -35.36 18.17
C MET F 105 35.62 -35.82 19.19
N GLY F 106 36.76 -36.24 18.65
CA GLY F 106 37.88 -36.76 19.41
C GLY F 106 39.06 -35.81 19.39
N ALA F 107 40.27 -36.33 19.24
CA ALA F 107 41.48 -35.50 19.34
C ALA F 107 41.86 -34.80 18.05
N ILE F 108 42.38 -33.58 18.20
CA ILE F 108 43.03 -32.85 17.13
C ILE F 108 44.45 -33.38 17.00
N ALA F 109 44.86 -33.71 15.77
CA ALA F 109 46.21 -34.22 15.54
C ALA F 109 46.66 -34.04 14.11
N SER F 110 47.95 -34.21 13.88
CA SER F 110 48.46 -34.18 12.52
C SER F 110 48.70 -35.61 12.09
N MET F 111 48.34 -35.90 10.85
CA MET F 111 48.42 -37.25 10.34
C MET F 111 48.73 -37.15 8.87
N ARG F 112 48.86 -38.29 8.22
CA ARG F 112 49.13 -38.30 6.80
C ARG F 112 48.18 -39.31 6.19
N ILE F 113 47.36 -38.89 5.25
CA ILE F 113 46.25 -39.77 4.87
C ILE F 113 46.39 -40.52 3.55
N GLN F 114 46.50 -39.85 2.43
CA GLN F 114 46.89 -40.66 1.29
C GLN F 114 48.11 -39.99 0.74
N GLY F 115 49.13 -39.98 1.58
CA GLY F 115 50.34 -39.25 1.31
C GLY F 115 50.17 -37.74 1.45
N ARG F 116 49.01 -37.29 1.94
CA ARG F 116 48.79 -35.86 2.21
C ARG F 116 48.83 -35.57 3.69
N LEU F 117 49.53 -34.51 4.06
CA LEU F 117 49.56 -34.11 5.46
C LEU F 117 48.21 -33.50 5.81
N VAL F 118 47.62 -33.98 6.90
CA VAL F 118 46.33 -33.46 7.34
C VAL F 118 46.44 -32.98 8.78
N HIS F 119 46.08 -31.73 8.99
CA HIS F 119 45.93 -31.25 10.35
C HIS F 119 44.46 -31.29 10.61
N GLY F 120 44.03 -32.21 11.46
CA GLY F 120 42.59 -32.41 11.55
C GLY F 120 42.11 -32.88 12.91
N GLN F 121 40.81 -33.14 12.99
CA GLN F 121 40.26 -33.68 14.22
C GLN F 121 39.49 -34.93 13.88
N SER F 122 39.75 -36.02 14.61
CA SER F 122 39.00 -37.25 14.35
C SER F 122 37.65 -37.20 15.06
N GLY F 123 36.69 -37.96 14.52
CA GLY F 123 35.42 -38.09 15.21
C GLY F 123 34.85 -39.45 14.90
N MET F 124 33.85 -39.86 15.67
CA MET F 124 33.18 -41.13 15.44
C MET F 124 31.68 -40.96 15.18
N LEU F 125 31.19 -41.62 14.14
CA LEU F 125 29.73 -41.67 13.94
C LEU F 125 29.06 -42.31 15.14
N LEU F 126 27.81 -41.96 15.38
CA LEU F 126 27.08 -42.43 16.58
C LEU F 126 26.30 -43.76 16.47
N THR F 127 26.39 -44.62 17.50
CA THR F 127 25.59 -45.86 17.58
C THR F 127 24.11 -45.50 17.47
N GLY F 137 26.34 -42.42 6.84
CA GLY F 137 27.77 -42.28 6.66
C GLY F 137 28.20 -41.34 5.55
N THR F 138 29.47 -40.97 5.53
CA THR F 138 30.00 -40.17 4.44
C THR F 138 30.42 -41.03 3.25
N ILE F 139 30.57 -40.38 2.11
CA ILE F 139 31.02 -41.02 0.89
C ILE F 139 32.04 -40.10 0.20
N PRO F 140 32.83 -40.65 -0.73
CA PRO F 140 33.91 -39.88 -1.36
C PRO F 140 33.58 -38.45 -1.84
N GLY F 141 32.36 -38.19 -2.29
CA GLY F 141 32.06 -36.85 -2.78
C GLY F 141 31.71 -35.80 -1.72
N ASP F 142 31.78 -36.20 -0.45
CA ASP F 142 31.34 -35.34 0.66
C ASP F 142 32.42 -34.40 1.20
N CYS F 143 33.63 -34.46 0.66
CA CYS F 143 34.67 -33.61 1.25
C CYS F 143 34.38 -32.12 1.10
N GLY F 144 34.76 -31.37 2.13
CA GLY F 144 34.45 -29.96 2.21
C GLY F 144 33.23 -29.64 3.07
N ALA F 145 32.38 -30.63 3.33
CA ALA F 145 31.20 -30.38 4.17
C ALA F 145 31.61 -29.88 5.56
N PRO F 146 30.90 -28.87 6.07
CA PRO F 146 31.36 -28.30 7.35
C PRO F 146 30.96 -29.11 8.57
N TYR F 147 31.79 -29.06 9.62
CA TYR F 147 31.48 -29.64 10.91
C TYR F 147 31.08 -28.49 11.81
N VAL F 148 29.86 -28.51 12.31
CA VAL F 148 29.33 -27.40 13.10
C VAL F 148 28.76 -27.81 14.43
N HIS F 149 28.63 -26.84 15.32
CA HIS F 149 27.96 -27.07 16.59
C HIS F 149 27.38 -25.78 17.11
N LYS F 150 26.33 -25.87 17.92
CA LYS F 150 25.66 -24.65 18.36
C LYS F 150 26.18 -24.20 19.72
N ARG F 151 26.48 -22.90 19.83
CA ARG F 151 26.96 -22.33 21.07
C ARG F 151 26.06 -21.14 21.40
N GLY F 152 25.20 -21.31 22.39
CA GLY F 152 24.18 -20.30 22.67
C GLY F 152 23.20 -20.20 21.53
N ASN F 153 23.00 -19.00 20.99
CA ASN F 153 22.11 -18.84 19.84
C ASN F 153 22.84 -18.80 18.53
N ASP F 154 24.15 -19.06 18.57
CA ASP F 154 24.95 -18.98 17.36
C ASP F 154 25.58 -20.31 16.99
N TRP F 155 25.75 -20.51 15.70
CA TRP F 155 26.43 -21.70 15.21
C TRP F 155 27.91 -21.42 15.07
N VAL F 156 28.74 -22.43 15.32
CA VAL F 156 30.18 -22.31 15.19
C VAL F 156 30.62 -23.37 14.17
N VAL F 157 31.53 -23.01 13.26
CA VAL F 157 32.06 -24.01 12.32
C VAL F 157 33.49 -24.28 12.73
N CYS F 158 33.88 -25.56 12.73
CA CYS F 158 35.21 -25.86 13.24
C CYS F 158 36.04 -26.81 12.39
N GLY F 159 35.51 -27.25 11.27
CA GLY F 159 36.32 -28.06 10.36
C GLY F 159 35.57 -28.35 9.07
N VAL F 160 36.29 -28.94 8.12
CA VAL F 160 35.70 -29.38 6.88
C VAL F 160 36.03 -30.85 6.62
N HIS F 161 35.05 -31.59 6.09
CA HIS F 161 35.25 -33.02 5.97
C HIS F 161 36.43 -33.37 5.05
N ALA F 162 37.33 -34.25 5.52
CA ALA F 162 38.54 -34.57 4.76
C ALA F 162 38.78 -36.05 4.48
N ALA F 163 38.33 -36.93 5.37
CA ALA F 163 38.68 -38.34 5.26
C ALA F 163 37.79 -39.21 6.13
N ALA F 164 37.79 -40.51 5.84
CA ALA F 164 37.15 -41.46 6.71
C ALA F 164 37.74 -42.83 6.47
N THR F 165 37.61 -43.67 7.48
CA THR F 165 38.05 -45.04 7.37
C THR F 165 37.09 -45.84 6.54
N LYS F 166 37.50 -47.07 6.26
CA LYS F 166 36.80 -48.01 5.40
C LYS F 166 35.36 -48.20 5.87
N SER F 167 35.18 -48.55 7.14
CA SER F 167 33.86 -48.67 7.72
C SER F 167 33.07 -47.38 7.59
N GLY F 168 33.78 -46.26 7.51
CA GLY F 168 33.15 -44.95 7.60
C GLY F 168 32.90 -44.55 9.05
N ASN F 169 33.21 -45.45 10.00
CA ASN F 169 32.89 -45.16 11.41
C ASN F 169 33.75 -44.08 12.05
N THR F 170 34.96 -43.89 11.54
CA THR F 170 35.80 -42.79 11.99
C THR F 170 35.92 -41.80 10.84
N VAL F 171 35.67 -40.53 11.12
CA VAL F 171 35.88 -39.48 10.15
C VAL F 171 36.97 -38.52 10.65
N VAL F 172 37.53 -37.74 9.73
CA VAL F 172 38.45 -36.67 10.07
C VAL F 172 38.01 -35.39 9.36
N CYS F 173 37.92 -34.29 10.11
CA CYS F 173 37.76 -33.00 9.46
C CYS F 173 39.08 -32.25 9.50
N ALA F 174 39.43 -31.55 8.43
CA ALA F 174 40.63 -30.72 8.45
C ALA F 174 40.29 -29.48 9.24
N VAL F 175 41.27 -28.96 9.99
CA VAL F 175 41.03 -27.78 10.79
C VAL F 175 42.10 -26.75 10.49
N GLN F 176 41.77 -25.49 10.74
CA GLN F 176 42.65 -24.40 10.41
C GLN F 176 43.61 -24.10 11.55
N ALA F 177 44.92 -24.16 11.30
CA ALA F 177 45.90 -23.85 12.34
C ALA F 177 45.88 -22.37 12.72
N LYS G 4 16.83 17.17 12.15
CA LYS G 4 18.10 17.10 11.41
C LYS G 4 18.28 15.72 10.77
N ALA G 5 18.71 15.69 9.50
CA ALA G 5 19.08 14.42 8.87
C ALA G 5 20.27 13.79 9.61
N PRO G 6 20.11 12.54 10.05
CA PRO G 6 21.19 11.92 10.80
C PRO G 6 22.26 11.35 9.87
N PRO G 7 23.43 11.01 10.42
CA PRO G 7 24.54 10.57 9.59
C PRO G 7 24.14 9.38 8.73
N THR G 8 23.39 8.42 9.27
CA THR G 8 23.03 7.26 8.42
C THR G 8 22.29 7.67 7.15
N LEU G 9 21.39 8.64 7.27
CA LEU G 9 20.61 9.13 6.13
C LEU G 9 21.54 9.80 5.10
N TRP G 10 22.46 10.63 5.57
CA TRP G 10 23.48 11.20 4.69
C TRP G 10 24.34 10.13 4.00
N SER G 11 24.63 9.03 4.71
CA SER G 11 25.50 7.98 4.13
C SER G 11 24.86 7.29 2.94
N ARG G 12 23.56 7.48 2.78
CA ARG G 12 22.82 6.92 1.61
C ARG G 12 23.09 7.69 0.33
N VAL G 13 23.44 8.97 0.46
CA VAL G 13 23.74 9.84 -0.67
C VAL G 13 25.15 9.51 -1.16
N THR G 14 25.25 9.11 -2.41
CA THR G 14 26.41 8.43 -2.98
C THR G 14 26.83 9.06 -4.30
N LYS G 15 28.12 9.29 -4.50
CA LYS G 15 28.59 9.90 -5.74
C LYS G 15 28.29 8.93 -6.86
N PHE G 16 27.77 9.43 -7.96
CA PHE G 16 27.37 8.59 -9.07
C PHE G 16 27.45 9.34 -10.38
N GLY G 17 28.31 8.89 -11.28
CA GLY G 17 28.49 9.57 -12.56
C GLY G 17 28.72 11.06 -12.36
N SER G 18 27.97 11.87 -13.08
CA SER G 18 28.09 13.32 -12.96
C SER G 18 27.05 13.90 -12.00
N GLY G 19 26.92 13.27 -10.84
CA GLY G 19 25.96 13.73 -9.85
C GLY G 19 25.96 12.92 -8.56
N TRP G 20 24.82 12.31 -8.27
CA TRP G 20 24.63 11.54 -7.04
C TRP G 20 23.47 10.59 -7.21
N GLY G 21 23.41 9.61 -6.32
CA GLY G 21 22.24 8.77 -6.19
C GLY G 21 21.98 8.48 -4.71
N PHE G 22 20.96 7.67 -4.43
CA PHE G 22 20.52 7.48 -3.06
C PHE G 22 20.15 6.03 -2.82
N TRP G 23 20.76 5.41 -1.82
CA TRP G 23 20.34 4.08 -1.38
C TRP G 23 19.06 4.11 -0.57
N VAL G 24 17.98 3.63 -1.17
CA VAL G 24 16.68 3.54 -0.51
C VAL G 24 16.66 2.35 0.45
N SER G 25 17.40 1.31 0.10
CA SER G 25 17.43 0.11 0.93
C SER G 25 18.70 -0.60 0.54
N PRO G 26 18.95 -1.78 1.09
CA PRO G 26 20.20 -2.46 0.71
C PRO G 26 20.32 -2.80 -0.77
N THR G 27 19.20 -2.94 -1.47
CA THR G 27 19.22 -3.35 -2.86
C THR G 27 18.71 -2.30 -3.85
N VAL G 28 18.14 -1.21 -3.35
CA VAL G 28 17.53 -0.24 -4.27
C VAL G 28 18.24 1.11 -4.24
N PHE G 29 18.66 1.58 -5.41
CA PHE G 29 19.41 2.83 -5.58
C PHE G 29 18.65 3.67 -6.59
N ILE G 30 18.43 4.93 -6.25
CA ILE G 30 17.73 5.82 -7.16
C ILE G 30 18.56 7.01 -7.56
N THR G 31 18.30 7.54 -8.75
CA THR G 31 19.07 8.68 -9.27
C THR G 31 18.24 9.36 -10.34
N THR G 32 18.78 10.43 -10.88
CA THR G 32 18.16 11.18 -11.97
C THR G 32 18.70 10.60 -13.26
N THR G 33 17.83 10.32 -14.22
CA THR G 33 18.22 9.57 -15.43
C THR G 33 19.42 10.14 -16.16
N HIS G 34 19.45 11.44 -16.36
CA HIS G 34 20.55 12.02 -17.14
C HIS G 34 21.93 11.95 -16.45
N VAL G 35 21.95 11.58 -15.18
CA VAL G 35 23.19 11.40 -14.42
C VAL G 35 23.83 10.05 -14.69
N VAL G 36 23.03 9.07 -15.11
CA VAL G 36 23.51 7.70 -15.26
C VAL G 36 24.55 7.67 -16.34
N PRO G 37 25.75 7.13 -16.00
CA PRO G 37 26.80 7.11 -17.02
C PRO G 37 26.46 6.18 -18.18
N THR G 38 26.93 6.56 -19.37
CA THR G 38 26.80 5.72 -20.54
C THR G 38 28.04 4.89 -20.73
N GLY G 39 27.91 3.87 -21.58
CA GLY G 39 29.04 3.07 -21.98
C GLY G 39 29.56 2.14 -20.91
N VAL G 40 28.88 2.02 -19.77
CA VAL G 40 29.42 1.16 -18.73
C VAL G 40 28.76 -0.22 -18.71
N LYS G 41 29.51 -1.22 -18.27
CA LYS G 41 28.96 -2.57 -18.21
C LYS G 41 28.65 -3.01 -16.77
N GLU G 42 28.96 -2.17 -15.79
CA GLU G 42 28.72 -2.53 -14.40
C GLU G 42 28.47 -1.26 -13.60
N PHE G 43 27.73 -1.40 -12.50
CA PHE G 43 27.66 -0.32 -11.52
C PHE G 43 27.96 -0.89 -10.14
N PHE G 44 28.79 -0.18 -9.36
CA PHE G 44 29.14 -0.65 -8.03
C PHE G 44 29.71 -2.06 -8.11
N GLY G 45 30.37 -2.34 -9.24
CA GLY G 45 31.06 -3.59 -9.45
C GLY G 45 30.14 -4.74 -9.76
N GLU G 46 28.88 -4.43 -10.02
CA GLU G 46 27.93 -5.47 -10.40
C GLU G 46 27.65 -5.35 -11.90
N PRO G 47 27.65 -6.48 -12.63
CA PRO G 47 27.37 -6.34 -14.05
C PRO G 47 25.90 -6.02 -14.31
N LEU G 48 25.63 -5.26 -15.37
CA LEU G 48 24.26 -4.92 -15.75
C LEU G 48 23.40 -6.16 -15.78
N SER G 49 24.01 -7.26 -16.19
CA SER G 49 23.29 -8.50 -16.34
C SER G 49 22.41 -8.78 -15.11
N SER G 50 22.85 -8.36 -13.94
CA SER G 50 22.16 -8.72 -12.70
C SER G 50 21.19 -7.66 -12.14
N ILE G 51 21.34 -6.41 -12.56
CA ILE G 51 20.50 -5.34 -12.06
C ILE G 51 19.18 -5.17 -12.83
N ALA G 52 18.08 -4.95 -12.12
CA ALA G 52 16.85 -4.53 -12.77
C ALA G 52 16.81 -3.01 -12.78
N ILE G 53 16.74 -2.44 -13.98
CA ILE G 53 16.75 -0.99 -14.13
C ILE G 53 15.40 -0.57 -14.64
N HIS G 54 14.76 0.33 -13.90
CA HIS G 54 13.46 0.85 -14.27
C HIS G 54 13.56 2.35 -14.39
N GLN G 55 13.44 2.86 -15.62
CA GLN G 55 13.53 4.29 -15.83
C GLN G 55 12.22 4.85 -16.35
N ALA G 56 11.89 6.06 -15.92
CA ALA G 56 10.94 6.86 -16.67
C ALA G 56 10.82 8.27 -16.14
N GLY G 57 10.61 9.22 -17.05
CA GLY G 57 10.36 10.60 -16.65
C GLY G 57 11.49 11.23 -15.88
N GLU G 58 12.71 10.79 -16.17
CA GLU G 58 13.90 11.39 -15.58
C GLU G 58 14.17 10.80 -14.18
N PHE G 59 13.34 9.85 -13.77
CA PHE G 59 13.61 9.07 -12.54
C PHE G 59 14.13 7.66 -12.88
N THR G 60 15.30 7.30 -12.36
CA THR G 60 15.84 5.97 -12.58
C THR G 60 16.01 5.19 -11.27
N GLN G 61 15.56 3.94 -11.25
CA GLN G 61 15.76 3.06 -10.11
C GLN G 61 16.53 1.84 -10.55
N PHE G 62 17.52 1.47 -9.75
CA PHE G 62 18.25 0.22 -9.94
C PHE G 62 17.87 -0.69 -8.80
N ARG G 63 17.51 -1.93 -9.09
CA ARG G 63 17.33 -2.91 -8.03
C ARG G 63 18.36 -4.00 -8.23
N PHE G 64 19.32 -4.10 -7.29
CA PHE G 64 20.42 -5.03 -7.40
C PHE G 64 19.99 -6.42 -6.92
N SER G 65 20.59 -7.45 -7.50
CA SER G 65 20.33 -8.84 -7.11
C SER G 65 20.91 -9.18 -5.75
N LYS G 66 21.95 -8.46 -5.35
CA LYS G 66 22.64 -8.75 -4.10
C LYS G 66 22.58 -7.50 -3.21
N LYS G 67 22.64 -7.67 -1.90
CA LYS G 67 22.65 -6.54 -0.99
C LYS G 67 23.95 -5.74 -1.12
N MET G 68 23.83 -4.53 -1.66
CA MET G 68 24.99 -3.69 -1.88
C MET G 68 25.24 -2.80 -0.65
N ARG G 69 24.18 -2.54 0.11
CA ARG G 69 24.33 -1.77 1.36
C ARG G 69 23.61 -2.52 2.48
N PRO G 70 24.13 -3.67 2.88
CA PRO G 70 23.42 -4.51 3.84
C PRO G 70 23.34 -3.87 5.23
N ASP G 71 24.12 -2.81 5.44
CA ASP G 71 24.07 -2.06 6.68
C ASP G 71 22.79 -1.26 6.84
N LEU G 72 22.10 -0.99 5.73
CA LEU G 72 20.96 -0.07 5.75
C LEU G 72 19.63 -0.77 5.99
N THR G 73 18.69 -0.07 6.60
CA THR G 73 17.31 -0.51 6.56
C THR G 73 16.59 0.14 5.37
N GLY G 74 15.49 -0.48 4.93
CA GLY G 74 14.66 0.08 3.90
C GLY G 74 13.87 1.28 4.37
N MET G 75 13.77 2.27 3.48
CA MET G 75 13.05 3.51 3.69
C MET G 75 11.87 3.56 2.72
N VAL G 76 10.84 4.35 3.06
CA VAL G 76 9.72 4.63 2.16
C VAL G 76 10.11 5.59 1.04
N LEU G 77 9.84 5.18 -0.19
CA LEU G 77 9.95 6.03 -1.38
C LEU G 77 8.55 6.33 -1.90
N GLU G 78 8.21 7.61 -2.05
CA GLU G 78 6.87 8.00 -2.50
C GLU G 78 6.95 8.83 -3.76
N GLU G 79 5.84 8.95 -4.49
CA GLU G 79 5.80 9.71 -5.73
C GLU G 79 5.55 11.18 -5.40
N GLY G 80 6.61 11.90 -5.08
CA GLY G 80 6.50 13.28 -4.63
C GLY G 80 5.78 13.37 -3.31
N CYS G 81 5.32 14.58 -2.99
CA CYS G 81 4.70 14.81 -1.70
C CYS G 81 3.60 15.85 -1.86
N PRO G 82 2.75 16.01 -0.84
CA PRO G 82 1.68 17.01 -0.96
C PRO G 82 2.24 18.41 -1.17
N GLU G 83 1.49 19.25 -1.89
CA GLU G 83 1.89 20.63 -2.08
C GLU G 83 1.99 21.30 -0.70
N GLY G 84 3.02 22.11 -0.51
CA GLY G 84 3.22 22.77 0.75
C GLY G 84 4.18 22.03 1.68
N THR G 85 4.47 20.76 1.42
CA THR G 85 5.41 20.01 2.23
C THR G 85 6.78 20.67 2.18
N VAL G 86 7.40 20.83 3.35
CA VAL G 86 8.75 21.35 3.40
C VAL G 86 9.73 20.18 3.39
N CYS G 87 10.47 20.04 2.28
CA CYS G 87 11.46 18.96 2.20
C CYS G 87 12.86 19.48 2.48
N SER G 88 13.80 18.56 2.60
CA SER G 88 15.22 18.90 2.62
C SER G 88 15.87 18.23 1.43
N VAL G 89 16.63 18.98 0.66
CA VAL G 89 17.42 18.36 -0.39
C VAL G 89 18.78 18.05 0.21
N LEU G 90 19.14 16.76 0.29
CA LEU G 90 20.38 16.36 0.96
C LEU G 90 21.54 16.45 0.00
N ILE G 91 22.07 17.66 -0.14
CA ILE G 91 23.15 17.89 -1.09
C ILE G 91 24.53 17.62 -0.46
N LYS G 92 25.28 16.73 -1.11
CA LYS G 92 26.68 16.62 -0.79
C LYS G 92 27.45 17.37 -1.89
N ARG G 93 28.55 18.03 -1.53
CA ARG G 93 29.41 18.62 -2.55
C ARG G 93 30.69 17.80 -2.67
N ASP G 94 31.38 17.97 -3.79
CA ASP G 94 32.65 17.27 -4.01
C ASP G 94 33.68 17.51 -2.89
N SER G 95 33.62 18.67 -2.24
CA SER G 95 34.55 18.99 -1.14
C SER G 95 34.24 18.14 0.09
N GLY G 96 33.04 17.58 0.12
CA GLY G 96 32.54 16.84 1.28
C GLY G 96 31.53 17.61 2.14
N GLU G 97 31.43 18.91 1.89
CA GLU G 97 30.43 19.73 2.56
C GLU G 97 29.02 19.14 2.41
N LEU G 98 28.29 19.12 3.52
CA LEU G 98 26.88 18.76 3.52
C LEU G 98 26.10 20.04 3.43
N LEU G 99 25.14 20.07 2.51
CA LEU G 99 24.31 21.25 2.31
C LEU G 99 22.83 20.88 2.27
N PRO G 100 22.21 20.65 3.43
CA PRO G 100 20.77 20.39 3.43
C PRO G 100 20.04 21.66 3.01
N LEU G 101 19.29 21.63 1.92
CA LEU G 101 18.54 22.83 1.49
C LEU G 101 17.06 22.66 1.79
N ALA G 102 16.47 23.58 2.54
CA ALA G 102 15.03 23.52 2.81
C ALA G 102 14.25 23.97 1.57
N VAL G 103 13.18 23.23 1.20
CA VAL G 103 12.42 23.58 0.00
C VAL G 103 10.94 23.39 0.25
N ARG G 104 10.15 24.39 -0.08
CA ARG G 104 8.70 24.29 0.00
C ARG G 104 8.17 23.77 -1.32
N MET G 105 7.60 22.58 -1.29
CA MET G 105 7.21 21.93 -2.53
C MET G 105 5.90 22.46 -3.12
N GLY G 106 5.86 22.48 -4.44
CA GLY G 106 4.70 22.93 -5.19
C GLY G 106 4.08 21.76 -5.91
N ALA G 107 3.60 22.00 -7.13
CA ALA G 107 2.82 21.00 -7.83
C ALA G 107 3.68 20.00 -8.63
N ILE G 108 3.14 18.79 -8.76
CA ILE G 108 3.71 17.81 -9.65
C ILE G 108 3.21 18.08 -11.07
N ALA G 109 4.10 18.00 -12.05
CA ALA G 109 3.71 18.29 -13.42
C ALA G 109 4.69 17.69 -14.40
N SER G 110 4.25 17.44 -15.62
CA SER G 110 5.19 17.10 -16.69
C SER G 110 5.78 18.39 -17.22
N MET G 111 7.11 18.42 -17.27
CA MET G 111 7.83 19.58 -17.76
C MET G 111 8.74 19.11 -18.87
N ARG G 112 9.11 20.01 -19.76
CA ARG G 112 10.13 19.65 -20.72
C ARG G 112 11.32 20.59 -20.47
N ILE G 113 12.47 19.99 -20.20
CA ILE G 113 13.62 20.76 -19.73
C ILE G 113 14.83 20.39 -20.56
N GLN G 114 15.41 21.40 -21.22
CA GLN G 114 16.49 21.19 -22.17
C GLN G 114 16.21 19.96 -23.01
N GLY G 115 14.98 19.90 -23.50
CA GLY G 115 14.56 18.88 -24.44
C GLY G 115 14.09 17.58 -23.84
N ARG G 116 14.25 17.40 -22.54
CA ARG G 116 13.88 16.15 -21.88
C ARG G 116 12.53 16.28 -21.22
N LEU G 117 11.74 15.22 -21.27
CA LEU G 117 10.47 15.14 -20.55
C LEU G 117 10.71 14.76 -19.09
N VAL G 118 10.34 15.64 -18.18
CA VAL G 118 10.61 15.43 -16.76
C VAL G 118 9.30 15.36 -15.99
N HIS G 119 8.99 14.20 -15.43
CA HIS G 119 7.84 14.09 -14.55
C HIS G 119 8.36 14.52 -13.18
N GLY G 120 7.98 15.71 -12.75
CA GLY G 120 8.71 16.29 -11.65
C GLY G 120 7.85 17.09 -10.71
N GLN G 121 8.46 17.51 -9.61
CA GLN G 121 7.78 18.39 -8.67
C GLN G 121 8.64 19.64 -8.49
N SER G 122 8.03 20.81 -8.67
CA SER G 122 8.72 22.07 -8.40
C SER G 122 8.71 22.37 -6.91
N GLY G 123 9.70 23.14 -6.49
CA GLY G 123 9.70 23.70 -5.15
C GLY G 123 10.46 25.00 -5.12
N MET G 124 10.23 25.78 -4.06
CA MET G 124 10.91 27.05 -3.88
C MET G 124 11.86 26.94 -2.70
N LEU G 125 13.12 27.30 -2.91
CA LEU G 125 14.09 27.28 -1.81
C LEU G 125 13.67 28.21 -0.69
N LEU G 126 13.90 27.80 0.56
CA LEU G 126 13.50 28.60 1.72
C LEU G 126 14.65 29.47 2.25
N ASP G 135 22.05 33.55 1.32
CA ASP G 135 21.25 32.47 0.67
C ASP G 135 22.03 31.45 -0.07
N LEU G 136 21.34 30.38 -0.45
CA LEU G 136 21.98 29.16 -0.81
C LEU G 136 21.34 28.70 -2.09
N GLY G 137 21.88 27.65 -2.69
CA GLY G 137 21.29 27.17 -3.93
C GLY G 137 22.01 25.94 -4.41
N THR G 138 21.46 25.35 -5.47
CA THR G 138 22.05 24.20 -6.13
C THR G 138 23.04 24.61 -7.22
N ILE G 139 23.77 23.61 -7.72
CA ILE G 139 24.73 23.77 -8.80
C ILE G 139 24.56 22.59 -9.77
N PRO G 140 25.15 22.69 -10.97
CA PRO G 140 24.94 21.61 -11.95
C PRO G 140 25.39 20.22 -11.52
N GLY G 141 26.34 20.15 -10.59
CA GLY G 141 26.81 18.88 -10.07
C GLY G 141 25.91 18.20 -9.05
N ASP G 142 24.77 18.82 -8.71
CA ASP G 142 23.93 18.32 -7.62
C ASP G 142 22.84 17.33 -8.05
N CYS G 143 22.71 17.02 -9.33
CA CYS G 143 21.58 16.17 -9.70
C CYS G 143 21.70 14.78 -9.07
N GLY G 144 20.54 14.24 -8.73
CA GLY G 144 20.44 12.96 -8.07
C GLY G 144 20.33 13.06 -6.55
N ALA G 145 20.68 14.22 -5.97
CA ALA G 145 20.49 14.39 -4.52
C ALA G 145 19.01 14.20 -4.11
N PRO G 146 18.77 13.51 -2.99
CA PRO G 146 17.38 13.17 -2.66
C PRO G 146 16.63 14.33 -2.02
N TYR G 147 15.33 14.41 -2.32
CA TYR G 147 14.43 15.29 -1.62
C TYR G 147 13.74 14.43 -0.57
N VAL G 148 13.89 14.79 0.70
CA VAL G 148 13.35 14.00 1.80
C VAL G 148 12.51 14.84 2.76
N HIS G 149 11.63 14.17 3.50
CA HIS G 149 10.98 14.85 4.60
C HIS G 149 10.68 13.84 5.68
N LYS G 150 10.55 14.35 6.90
CA LYS G 150 10.27 13.47 8.02
C LYS G 150 8.79 13.50 8.32
N ARG G 151 8.20 12.31 8.35
CA ARG G 151 6.78 12.15 8.64
C ARG G 151 6.70 11.28 9.88
N GLY G 152 6.24 11.88 10.97
CA GLY G 152 6.26 11.21 12.25
C GLY G 152 7.70 10.89 12.61
N ASN G 153 7.98 9.60 12.71
CA ASN G 153 9.29 9.11 13.11
C ASN G 153 10.12 8.61 11.95
N ASP G 154 9.59 8.73 10.74
CA ASP G 154 10.26 8.12 9.60
C ASP G 154 10.62 9.15 8.56
N TRP G 155 11.82 9.02 8.01
CA TRP G 155 12.18 9.81 6.84
C TRP G 155 11.61 9.16 5.58
N VAL G 156 11.17 10.01 4.66
CA VAL G 156 10.53 9.57 3.44
C VAL G 156 11.34 10.21 2.32
N VAL G 157 11.64 9.46 1.27
CA VAL G 157 12.28 10.11 0.11
C VAL G 157 11.22 10.18 -1.00
N CYS G 158 11.13 11.34 -1.65
CA CYS G 158 10.07 11.49 -2.62
C CYS G 158 10.52 12.04 -3.99
N GLY G 159 11.81 12.29 -4.18
CA GLY G 159 12.30 12.74 -5.49
C GLY G 159 13.82 12.85 -5.53
N VAL G 160 14.38 13.06 -6.72
CA VAL G 160 15.81 13.26 -6.89
C VAL G 160 16.05 14.54 -7.70
N HIS G 161 17.06 15.32 -7.31
CA HIS G 161 17.23 16.63 -7.92
C HIS G 161 17.48 16.53 -9.45
N ALA G 162 16.79 17.36 -10.22
CA ALA G 162 16.86 17.21 -11.68
C ALA G 162 17.12 18.52 -12.42
N ALA G 163 16.71 19.66 -11.86
CA ALA G 163 16.84 20.92 -12.59
C ALA G 163 16.64 22.13 -11.70
N ALA G 164 17.01 23.32 -12.20
CA ALA G 164 16.66 24.57 -11.52
C ALA G 164 16.31 25.63 -12.57
N THR G 165 15.53 26.62 -12.14
CA THR G 165 15.14 27.73 -13.00
C THR G 165 16.17 28.83 -12.94
N LYS G 166 15.96 29.84 -13.78
CA LYS G 166 17.02 30.79 -14.09
C LYS G 166 17.44 31.61 -12.87
N SER G 167 16.51 31.83 -11.95
CA SER G 167 16.83 32.52 -10.73
C SER G 167 17.53 31.58 -9.73
N GLY G 168 17.41 30.28 -9.96
CA GLY G 168 17.90 29.30 -9.00
C GLY G 168 16.97 29.16 -7.79
N ASN G 169 15.96 30.01 -7.69
CA ASN G 169 15.03 29.99 -6.56
C ASN G 169 14.10 28.80 -6.58
N THR G 170 13.80 28.31 -7.78
CA THR G 170 12.89 27.18 -7.98
C THR G 170 13.69 25.98 -8.44
N VAL G 171 13.47 24.85 -7.78
CA VAL G 171 14.17 23.65 -8.15
C VAL G 171 13.12 22.61 -8.55
N VAL G 172 13.56 21.58 -9.25
CA VAL G 172 12.65 20.51 -9.63
C VAL G 172 13.27 19.18 -9.30
N CYS G 173 12.52 18.28 -8.66
CA CYS G 173 12.98 16.91 -8.49
C CYS G 173 12.19 16.03 -9.41
N ALA G 174 12.85 15.04 -10.00
CA ALA G 174 12.13 14.01 -10.72
C ALA G 174 11.46 13.10 -9.70
N VAL G 175 10.24 12.67 -10.02
CA VAL G 175 9.51 11.77 -9.13
C VAL G 175 9.14 10.49 -9.91
N GLN G 176 9.01 9.38 -9.19
CA GLN G 176 8.80 8.08 -9.82
C GLN G 176 7.32 7.83 -10.07
N ALA G 177 6.94 7.58 -11.31
CA ALA G 177 5.53 7.31 -11.61
C ALA G 177 5.18 5.87 -11.24
N GLY G 178 3.97 5.66 -10.75
CA GLY G 178 3.50 4.33 -10.38
C GLY G 178 3.06 3.48 -11.56
N ASP H 3 6.10 -20.58 9.97
CA ASP H 3 5.57 -20.93 8.65
C ASP H 3 6.63 -20.65 7.57
N LYS H 4 7.89 -20.75 7.97
CA LYS H 4 9.01 -20.61 7.07
C LYS H 4 9.18 -21.94 6.34
N ALA H 5 9.66 -21.88 5.11
CA ALA H 5 9.91 -23.12 4.38
C ALA H 5 11.08 -23.80 5.04
N PRO H 6 10.92 -25.09 5.36
CA PRO H 6 12.00 -25.83 6.03
C PRO H 6 13.06 -26.29 5.03
N PRO H 7 14.23 -26.70 5.53
CA PRO H 7 15.32 -27.13 4.65
C PRO H 7 14.91 -28.20 3.67
N THR H 8 14.11 -29.17 4.10
CA THR H 8 13.73 -30.23 3.17
C THR H 8 12.99 -29.68 1.94
N LEU H 9 12.10 -28.73 2.15
CA LEU H 9 11.35 -28.13 1.05
C LEU H 9 12.29 -27.38 0.10
N TRP H 10 13.20 -26.60 0.67
CA TRP H 10 14.24 -25.98 -0.14
C TRP H 10 15.05 -27.01 -0.93
N SER H 11 15.30 -28.18 -0.33
CA SER H 11 16.16 -29.14 -1.01
C SER H 11 15.51 -29.69 -2.28
N ARG H 12 14.21 -29.46 -2.45
CA ARG H 12 13.51 -29.85 -3.69
C ARG H 12 13.80 -28.94 -4.88
N VAL H 13 14.19 -27.71 -4.57
CA VAL H 13 14.53 -26.72 -5.60
C VAL H 13 15.90 -27.06 -6.16
N THR H 14 15.97 -27.33 -7.46
CA THR H 14 17.12 -27.99 -8.07
C THR H 14 17.59 -27.22 -9.30
N LYS H 15 18.90 -27.03 -9.45
CA LYS H 15 19.40 -26.33 -10.62
C LYS H 15 19.11 -27.15 -11.85
N PHE H 16 18.66 -26.52 -12.92
CA PHE H 16 18.28 -27.22 -14.15
C PHE H 16 18.42 -26.32 -15.36
N GLY H 17 19.28 -26.68 -16.29
CA GLY H 17 19.47 -25.86 -17.48
C GLY H 17 19.81 -24.44 -17.07
N SER H 18 19.11 -23.45 -17.63
CA SER H 18 19.44 -22.07 -17.31
C SER H 18 18.54 -21.52 -16.19
N GLY H 19 17.86 -22.42 -15.49
CA GLY H 19 17.10 -22.04 -14.31
C GLY H 19 17.04 -23.16 -13.30
N TRP H 20 15.81 -23.55 -12.93
CA TRP H 20 15.58 -24.40 -11.79
C TRP H 20 14.40 -25.28 -12.09
N GLY H 21 14.25 -26.32 -11.29
CA GLY H 21 13.02 -27.09 -11.26
C GLY H 21 12.74 -27.51 -9.82
N PHE H 22 11.73 -28.34 -9.61
CA PHE H 22 11.25 -28.68 -8.28
C PHE H 22 10.79 -30.13 -8.19
N TRP H 23 11.35 -30.89 -7.24
CA TRP H 23 10.88 -32.25 -6.98
C TRP H 23 9.57 -32.21 -6.19
N VAL H 24 8.48 -32.54 -6.87
CA VAL H 24 7.17 -32.64 -6.24
C VAL H 24 7.08 -33.92 -5.40
N SER H 25 7.82 -34.95 -5.83
CA SER H 25 7.79 -36.27 -5.18
C SER H 25 9.03 -37.03 -5.60
N PRO H 26 9.20 -38.25 -5.11
CA PRO H 26 10.43 -38.93 -5.50
C PRO H 26 10.53 -39.18 -7.01
N THR H 27 9.40 -39.16 -7.72
CA THR H 27 9.41 -39.50 -9.15
C THR H 27 9.00 -38.35 -10.06
N VAL H 28 8.57 -37.21 -9.51
CA VAL H 28 8.01 -36.17 -10.37
C VAL H 28 8.76 -34.86 -10.21
N PHE H 29 9.25 -34.32 -11.31
CA PHE H 29 10.01 -33.07 -11.32
C PHE H 29 9.26 -32.10 -12.23
N ILE H 30 9.11 -30.85 -11.80
CA ILE H 30 8.45 -29.84 -12.65
C ILE H 30 9.40 -28.67 -12.89
N THR H 31 9.23 -28.01 -14.04
CA THR H 31 10.05 -26.85 -14.39
C THR H 31 9.31 -26.03 -15.42
N THR H 32 9.92 -24.94 -15.83
CA THR H 32 9.33 -24.05 -16.84
C THR H 32 9.93 -24.49 -18.17
N THR H 33 9.08 -24.65 -19.18
CA THR H 33 9.50 -25.25 -20.44
C THR H 33 10.75 -24.62 -21.08
N HIS H 34 10.82 -23.30 -21.14
CA HIS H 34 11.93 -22.67 -21.87
C HIS H 34 13.28 -22.81 -21.15
N VAL H 35 13.25 -23.37 -19.96
CA VAL H 35 14.43 -23.60 -19.15
C VAL H 35 15.05 -24.95 -19.48
N VAL H 36 14.24 -25.88 -19.96
CA VAL H 36 14.71 -27.25 -20.25
C VAL H 36 15.90 -27.23 -21.25
N PRO H 37 17.04 -27.87 -20.90
CA PRO H 37 18.22 -27.88 -21.79
C PRO H 37 17.94 -28.62 -23.09
N THR H 38 18.44 -28.13 -24.23
CA THR H 38 18.31 -28.96 -25.42
C THR H 38 19.57 -29.73 -25.79
N GLY H 39 19.42 -30.64 -26.74
CA GLY H 39 20.53 -31.46 -27.17
C GLY H 39 21.10 -32.38 -26.11
N VAL H 40 20.31 -32.73 -25.11
CA VAL H 40 20.78 -33.71 -24.13
C VAL H 40 20.05 -35.04 -24.29
N LYS H 41 20.75 -36.13 -23.97
CA LYS H 41 20.22 -37.48 -24.06
C LYS H 41 19.64 -37.95 -22.75
N GLU H 42 19.96 -37.25 -21.67
CA GLU H 42 19.52 -37.66 -20.36
C GLU H 42 19.30 -36.45 -19.49
N PHE H 43 18.48 -36.63 -18.47
CA PHE H 43 18.32 -35.66 -17.39
C PHE H 43 18.58 -36.41 -16.10
N PHE H 44 19.37 -35.84 -15.19
CA PHE H 44 19.65 -36.48 -13.91
C PHE H 44 20.12 -37.92 -14.08
N GLY H 45 20.86 -38.17 -15.15
CA GLY H 45 21.48 -39.46 -15.35
C GLY H 45 20.57 -40.51 -15.96
N GLU H 46 19.37 -40.09 -16.35
CA GLU H 46 18.39 -41.04 -16.92
C GLU H 46 18.06 -40.67 -18.37
N PRO H 47 18.01 -41.68 -19.27
CA PRO H 47 17.76 -41.36 -20.68
C PRO H 47 16.41 -40.68 -20.88
N LEU H 48 16.37 -39.62 -21.69
CA LEU H 48 15.12 -38.92 -22.00
C LEU H 48 14.04 -39.89 -22.44
N SER H 49 14.44 -40.90 -23.21
CA SER H 49 13.46 -41.84 -23.76
C SER H 49 12.77 -42.70 -22.70
N SER H 50 13.26 -42.67 -21.46
CA SER H 50 12.70 -43.45 -20.35
C SER H 50 11.85 -42.59 -19.42
N ILE H 51 11.79 -41.28 -19.69
CA ILE H 51 11.04 -40.35 -18.85
C ILE H 51 9.71 -40.00 -19.50
N ALA H 52 8.65 -39.92 -18.69
CA ALA H 52 7.36 -39.48 -19.21
C ALA H 52 7.29 -37.96 -19.11
N ILE H 53 7.28 -37.30 -20.26
CA ILE H 53 7.41 -35.85 -20.31
C ILE H 53 6.10 -35.26 -20.81
N HIS H 54 5.51 -34.42 -19.98
CA HIS H 54 4.30 -33.72 -20.37
C HIS H 54 4.55 -32.22 -20.35
N GLN H 55 4.31 -31.57 -21.49
CA GLN H 55 4.64 -30.16 -21.61
C GLN H 55 3.49 -29.36 -22.20
N ALA H 56 3.14 -28.22 -21.61
CA ALA H 56 2.14 -27.35 -22.22
C ALA H 56 2.14 -25.99 -21.58
N GLY H 57 2.02 -24.94 -22.38
CA GLY H 57 1.82 -23.60 -21.86
C GLY H 57 2.91 -23.15 -20.91
N GLU H 58 4.12 -23.62 -21.21
CA GLU H 58 5.36 -23.29 -20.47
C GLU H 58 5.53 -24.04 -19.15
N PHE H 59 4.63 -24.99 -18.88
CA PHE H 59 4.75 -25.88 -17.73
C PHE H 59 5.20 -27.25 -18.20
N THR H 60 6.33 -27.72 -17.67
CA THR H 60 6.87 -29.03 -18.02
C THR H 60 6.91 -29.95 -16.80
N GLN H 61 6.42 -31.17 -16.96
CA GLN H 61 6.51 -32.17 -15.90
C GLN H 61 7.26 -33.40 -16.40
N PHE H 62 8.19 -33.92 -15.59
CA PHE H 62 8.90 -35.17 -15.89
C PHE H 62 8.40 -36.17 -14.87
N ARG H 63 8.01 -37.37 -15.31
CA ARG H 63 7.79 -38.45 -14.34
C ARG H 63 8.77 -39.58 -14.64
N PHE H 64 9.60 -39.91 -13.65
CA PHE H 64 10.59 -40.96 -13.79
C PHE H 64 10.02 -42.31 -13.37
N SER H 65 10.52 -43.40 -13.95
CA SER H 65 10.06 -44.74 -13.59
C SER H 65 10.84 -45.35 -12.41
N LYS H 66 11.68 -44.55 -11.79
CA LYS H 66 12.57 -44.97 -10.73
C LYS H 66 12.49 -43.85 -9.69
N LYS H 67 12.66 -44.16 -8.41
CA LYS H 67 12.70 -43.09 -7.42
C LYS H 67 14.00 -42.28 -7.50
N MET H 68 13.88 -41.03 -7.91
CA MET H 68 15.05 -40.16 -8.04
C MET H 68 15.38 -39.43 -6.75
N ARG H 69 14.35 -39.14 -5.95
CA ARG H 69 14.53 -38.45 -4.67
C ARG H 69 13.72 -39.20 -3.60
N PRO H 70 14.18 -40.40 -3.24
CA PRO H 70 13.41 -41.25 -2.33
C PRO H 70 13.36 -40.68 -0.91
N ASP H 71 14.16 -39.66 -0.64
CA ASP H 71 14.13 -38.99 0.65
C ASP H 71 12.88 -38.12 0.83
N LEU H 72 12.19 -37.81 -0.25
CA LEU H 72 11.04 -36.89 -0.22
C LEU H 72 9.69 -37.58 -0.10
N THR H 73 8.76 -36.90 0.56
CA THR H 73 7.37 -37.29 0.49
C THR H 73 6.74 -36.62 -0.73
N GLY H 74 5.64 -37.18 -1.22
CA GLY H 74 4.89 -36.54 -2.29
C GLY H 74 4.11 -35.34 -1.79
N MET H 75 4.18 -34.23 -2.51
CA MET H 75 3.44 -33.00 -2.18
C MET H 75 2.29 -32.83 -3.14
N VAL H 76 1.27 -32.07 -2.72
CA VAL H 76 0.18 -31.69 -3.63
C VAL H 76 0.63 -30.63 -4.63
N LEU H 77 0.37 -30.91 -5.90
CA LEU H 77 0.57 -29.96 -6.99
C LEU H 77 -0.81 -29.57 -7.49
N GLU H 78 -1.11 -28.28 -7.50
CA GLU H 78 -2.40 -27.82 -7.94
C GLU H 78 -2.24 -26.88 -9.12
N GLU H 79 -3.32 -26.62 -9.85
CA GLU H 79 -3.29 -25.74 -11.01
C GLU H 79 -3.49 -24.31 -10.58
N GLY H 80 -2.41 -23.65 -10.17
CA GLY H 80 -2.52 -22.32 -9.61
C GLY H 80 -3.26 -22.35 -8.28
N CYS H 81 -3.73 -21.18 -7.84
CA CYS H 81 -4.34 -21.05 -6.53
C CYS H 81 -5.36 -19.91 -6.59
N PRO H 82 -6.24 -19.84 -5.59
CA PRO H 82 -7.27 -18.80 -5.62
C PRO H 82 -6.68 -17.39 -5.68
N GLU H 83 -7.39 -16.49 -6.33
CA GLU H 83 -6.98 -15.09 -6.33
C GLU H 83 -6.89 -14.62 -4.89
N GLY H 84 -5.83 -13.87 -4.58
CA GLY H 84 -5.60 -13.38 -3.24
C GLY H 84 -4.65 -14.24 -2.43
N THR H 85 -4.41 -15.46 -2.89
CA THR H 85 -3.53 -16.32 -2.13
C THR H 85 -2.14 -15.68 -2.04
N VAL H 86 -1.55 -15.63 -0.85
CA VAL H 86 -0.16 -15.18 -0.72
C VAL H 86 0.73 -16.41 -0.83
N CYS H 87 1.53 -16.47 -1.89
CA CYS H 87 2.47 -17.57 -2.06
C CYS H 87 3.87 -17.14 -1.71
N SER H 88 4.77 -18.11 -1.71
CA SER H 88 6.19 -17.85 -1.58
C SER H 88 6.83 -18.39 -2.84
N VAL H 89 7.66 -17.59 -3.50
CA VAL H 89 8.44 -18.13 -4.61
C VAL H 89 9.78 -18.55 -3.99
N LEU H 90 10.09 -19.85 -4.05
CA LEU H 90 11.29 -20.36 -3.40
C LEU H 90 12.48 -20.23 -4.33
N ILE H 91 13.08 -19.03 -4.32
CA ILE H 91 14.16 -18.71 -5.20
C ILE H 91 15.51 -19.14 -4.61
N LYS H 92 16.23 -20.00 -5.32
CA LYS H 92 17.66 -20.20 -5.08
C LYS H 92 18.42 -19.39 -6.10
N ARG H 93 19.53 -18.80 -5.66
CA ARG H 93 20.40 -18.09 -6.56
C ARG H 93 21.66 -18.92 -6.81
N ASP H 94 22.37 -18.63 -7.91
CA ASP H 94 23.59 -19.36 -8.24
C ASP H 94 24.60 -19.29 -7.09
N SER H 95 24.57 -18.20 -6.32
CA SER H 95 25.49 -17.99 -5.19
C SER H 95 25.19 -18.90 -4.01
N GLY H 96 23.98 -19.47 -3.97
CA GLY H 96 23.56 -20.28 -2.84
C GLY H 96 22.52 -19.60 -1.98
N GLU H 97 22.36 -18.28 -2.12
CA GLU H 97 21.39 -17.53 -1.32
C GLU H 97 19.96 -18.07 -1.53
N LEU H 98 19.22 -18.18 -0.44
CA LEU H 98 17.80 -18.56 -0.49
C LEU H 98 16.96 -17.31 -0.30
N LEU H 99 16.07 -17.04 -1.25
CA LEU H 99 15.19 -15.88 -1.19
C LEU H 99 13.74 -16.27 -1.33
N PRO H 100 13.04 -16.41 -0.21
CA PRO H 100 11.62 -16.74 -0.40
C PRO H 100 10.85 -15.43 -0.66
N LEU H 101 10.29 -15.28 -1.85
CA LEU H 101 9.66 -14.00 -2.19
C LEU H 101 8.15 -14.11 -1.99
N ALA H 102 7.59 -13.26 -1.14
CA ALA H 102 6.15 -13.21 -0.96
C ALA H 102 5.48 -12.53 -2.14
N VAL H 103 4.42 -13.17 -2.64
CA VAL H 103 3.66 -12.67 -3.79
C VAL H 103 2.18 -12.86 -3.56
N ARG H 104 1.38 -11.85 -3.91
CA ARG H 104 -0.07 -11.96 -3.81
C ARG H 104 -0.58 -12.32 -5.19
N MET H 105 -1.13 -13.52 -5.32
CA MET H 105 -1.51 -14.02 -6.63
C MET H 105 -2.81 -13.39 -7.16
N GLY H 106 -2.87 -13.22 -8.47
CA GLY H 106 -4.04 -12.65 -9.14
C GLY H 106 -4.69 -13.72 -10.02
N ALA H 107 -5.10 -13.35 -11.22
CA ALA H 107 -5.88 -14.25 -12.07
C ALA H 107 -5.05 -15.21 -12.93
N ILE H 108 -5.62 -16.37 -13.19
CA ILE H 108 -5.05 -17.31 -14.14
C ILE H 108 -5.50 -16.89 -15.53
N ALA H 109 -4.56 -16.84 -16.48
CA ALA H 109 -4.90 -16.49 -17.85
C ALA H 109 -3.93 -17.08 -18.86
N SER H 110 -4.37 -17.21 -20.10
CA SER H 110 -3.43 -17.47 -21.18
C SER H 110 -2.86 -16.14 -21.58
N MET H 111 -1.54 -16.07 -21.70
CA MET H 111 -0.87 -14.84 -22.08
C MET H 111 0.15 -15.11 -23.19
N ARG H 112 0.51 -14.05 -23.89
CA ARG H 112 1.50 -14.14 -24.93
C ARG H 112 2.73 -13.39 -24.40
N ILE H 113 3.84 -14.11 -24.19
CA ILE H 113 5.05 -13.49 -23.66
C ILE H 113 6.22 -13.78 -24.58
N GLN H 114 6.82 -12.72 -25.13
CA GLN H 114 7.86 -12.88 -26.14
C GLN H 114 7.48 -13.91 -27.21
N GLY H 115 6.22 -13.88 -27.62
CA GLY H 115 5.75 -14.70 -28.72
C GLY H 115 5.25 -16.06 -28.29
N ARG H 116 5.52 -16.39 -27.04
CA ARG H 116 5.22 -17.72 -26.50
C ARG H 116 3.92 -17.74 -25.76
N LEU H 117 3.17 -18.82 -25.93
CA LEU H 117 1.93 -19.02 -25.20
C LEU H 117 2.24 -19.45 -23.77
N VAL H 118 1.84 -18.65 -22.79
CA VAL H 118 2.05 -19.04 -21.40
C VAL H 118 0.71 -19.18 -20.70
N HIS H 119 0.40 -20.39 -20.23
CA HIS H 119 -0.77 -20.55 -19.38
C HIS H 119 -0.29 -20.31 -17.98
N GLY H 120 -0.68 -19.18 -17.40
CA GLY H 120 -0.06 -18.81 -16.15
C GLY H 120 -0.94 -18.07 -15.17
N GLN H 121 -0.35 -17.72 -14.04
CA GLN H 121 -1.03 -16.91 -13.06
C GLN H 121 -0.12 -15.73 -12.72
N SER H 122 -0.71 -14.55 -12.71
CA SER H 122 0.01 -13.33 -12.37
C SER H 122 0.04 -13.17 -10.88
N GLY H 123 0.99 -12.38 -10.40
CA GLY H 123 1.03 -12.04 -9.00
C GLY H 123 1.84 -10.78 -8.81
N MET H 124 1.66 -10.13 -7.67
CA MET H 124 2.39 -8.91 -7.36
C MET H 124 3.28 -9.17 -6.19
N LEU H 125 4.54 -8.83 -6.33
CA LEU H 125 5.46 -8.98 -5.23
C LEU H 125 5.05 -8.07 -4.08
N LEU H 126 5.21 -8.55 -2.85
CA LEU H 126 4.81 -7.76 -1.67
C LEU H 126 5.98 -6.97 -1.06
N MET H 134 8.81 -4.73 -2.60
CA MET H 134 9.60 -3.55 -2.93
C MET H 134 11.10 -3.85 -3.17
N ASP H 135 11.74 -4.47 -2.18
CA ASP H 135 13.20 -4.56 -2.13
C ASP H 135 13.80 -5.71 -2.89
N LEU H 136 13.06 -6.80 -3.00
CA LEU H 136 13.63 -8.01 -3.53
C LEU H 136 12.73 -8.52 -4.63
N GLY H 137 13.32 -8.85 -5.77
CA GLY H 137 12.57 -9.32 -6.91
C GLY H 137 13.23 -10.51 -7.56
N THR H 138 12.69 -10.89 -8.70
CA THR H 138 13.25 -11.96 -9.52
C THR H 138 14.26 -11.44 -10.55
N ILE H 139 15.03 -12.38 -11.11
CA ILE H 139 16.03 -12.09 -12.13
C ILE H 139 15.86 -13.13 -13.25
N PRO H 140 16.45 -12.87 -14.41
CA PRO H 140 16.29 -13.81 -15.54
C PRO H 140 16.76 -15.24 -15.24
N GLY H 141 17.62 -15.40 -14.24
CA GLY H 141 18.08 -16.74 -13.90
C GLY H 141 17.18 -17.55 -12.98
N ASP H 142 16.01 -17.00 -12.62
CA ASP H 142 15.12 -17.60 -11.62
C ASP H 142 14.02 -18.48 -12.20
N CYS H 143 13.91 -18.60 -13.51
CA CYS H 143 12.79 -19.41 -14.02
C CYS H 143 12.87 -20.87 -13.56
N GLY H 144 11.70 -21.46 -13.31
CA GLY H 144 11.62 -22.79 -12.73
C GLY H 144 11.38 -22.82 -11.23
N ALA H 145 11.63 -21.70 -10.56
CA ALA H 145 11.44 -21.65 -9.10
C ALA H 145 9.98 -21.85 -8.72
N PRO H 146 9.73 -22.70 -7.71
CA PRO H 146 8.30 -23.01 -7.46
C PRO H 146 7.57 -21.92 -6.69
N TYR H 147 6.27 -21.80 -6.96
CA TYR H 147 5.37 -20.97 -6.18
C TYR H 147 4.61 -21.90 -5.24
N VAL H 148 4.78 -21.70 -3.94
CA VAL H 148 4.18 -22.58 -2.94
C VAL H 148 3.38 -21.78 -1.91
N HIS H 149 2.45 -22.47 -1.27
CA HIS H 149 1.79 -21.89 -0.10
C HIS H 149 1.45 -23.00 0.88
N LYS H 150 1.37 -22.63 2.16
CA LYS H 150 1.05 -23.62 3.16
C LYS H 150 -0.44 -23.54 3.45
N ARG H 151 -1.08 -24.70 3.39
CA ARG H 151 -2.51 -24.80 3.64
C ARG H 151 -2.68 -25.87 4.70
N GLY H 152 -3.20 -25.48 5.86
CA GLY H 152 -3.26 -26.41 6.97
C GLY H 152 -1.85 -26.85 7.34
N ASN H 153 -1.64 -28.15 7.42
CA ASN H 153 -0.35 -28.70 7.81
C ASN H 153 0.59 -28.93 6.64
N ASP H 154 0.09 -28.61 5.45
CA ASP H 154 0.69 -29.10 4.21
C ASP H 154 1.16 -28.01 3.28
N TRP H 155 2.33 -28.19 2.70
CA TRP H 155 2.79 -27.31 1.65
C TRP H 155 2.20 -27.73 0.31
N VAL H 156 1.79 -26.75 -0.48
CA VAL H 156 1.22 -26.99 -1.80
C VAL H 156 2.05 -26.24 -2.82
N VAL H 157 2.35 -26.88 -3.97
CA VAL H 157 3.02 -26.17 -5.04
C VAL H 157 2.02 -25.96 -6.18
N CYS H 158 2.01 -24.76 -6.73
CA CYS H 158 0.97 -24.43 -7.69
C CYS H 158 1.46 -23.73 -8.97
N GLY H 159 2.76 -23.56 -9.13
CA GLY H 159 3.28 -22.98 -10.36
C GLY H 159 4.81 -22.91 -10.37
N VAL H 160 5.38 -22.53 -11.50
CA VAL H 160 6.82 -22.41 -11.62
C VAL H 160 7.11 -21.08 -12.30
N HIS H 161 8.13 -20.37 -11.83
CA HIS H 161 8.39 -19.01 -12.27
C HIS H 161 8.65 -18.95 -13.78
N ALA H 162 7.96 -18.08 -14.50
CA ALA H 162 8.11 -18.05 -15.95
C ALA H 162 8.41 -16.68 -16.55
N ALA H 163 8.01 -15.59 -15.88
CA ALA H 163 8.16 -14.27 -16.48
C ALA H 163 7.98 -13.14 -15.47
N ALA H 164 8.37 -11.92 -15.85
CA ALA H 164 8.12 -10.76 -14.98
C ALA H 164 8.00 -9.48 -15.81
N THR H 165 7.27 -8.49 -15.30
CA THR H 165 7.16 -7.23 -16.01
C THR H 165 8.41 -6.36 -15.90
N LYS H 166 8.33 -5.17 -16.48
CA LYS H 166 9.48 -4.28 -16.55
C LYS H 166 9.83 -3.63 -15.20
N SER H 167 8.80 -3.21 -14.46
CA SER H 167 9.01 -2.77 -13.08
C SER H 167 9.57 -3.91 -12.26
N GLY H 168 9.19 -5.13 -12.64
CA GLY H 168 9.58 -6.31 -11.88
C GLY H 168 8.57 -6.61 -10.80
N ASN H 169 7.66 -5.66 -10.53
CA ASN H 169 6.67 -5.85 -9.48
C ASN H 169 5.60 -6.91 -9.79
N THR H 170 5.35 -7.19 -11.06
CA THR H 170 4.45 -8.26 -11.44
C THR H 170 5.21 -9.45 -11.98
N VAL H 171 4.91 -10.63 -11.46
CA VAL H 171 5.55 -11.86 -11.90
C VAL H 171 4.48 -12.85 -12.37
N VAL H 172 4.91 -13.85 -13.13
CA VAL H 172 3.97 -14.84 -13.67
C VAL H 172 4.57 -16.22 -13.50
N CYS H 173 3.78 -17.15 -12.95
CA CYS H 173 4.23 -18.54 -12.90
C CYS H 173 3.39 -19.33 -13.89
N ALA H 174 4.02 -20.26 -14.58
CA ALA H 174 3.30 -21.17 -15.45
C ALA H 174 2.56 -22.14 -14.56
N VAL H 175 1.35 -22.51 -14.96
CA VAL H 175 0.59 -23.46 -14.16
C VAL H 175 0.17 -24.63 -15.03
N GLN H 176 -0.04 -25.77 -14.39
CA GLN H 176 -0.29 -26.97 -15.16
C GLN H 176 -1.76 -27.01 -15.53
N ALA H 177 -2.11 -27.20 -16.80
CA ALA H 177 -3.54 -27.24 -17.12
C ALA H 177 -4.08 -28.66 -17.08
C1 PHQ I 1 -6.98 34.18 -19.60
O1 PHQ I 1 -5.90 33.84 -20.09
O2 PHQ I 1 -7.91 34.76 -20.39
C2 PHQ I 1 -7.71 34.67 -21.82
C3 PHQ I 1 -8.77 33.95 -22.38
C4 PHQ I 1 -8.64 32.92 -23.30
C5 PHQ I 1 -9.77 32.26 -23.78
C6 PHQ I 1 -11.04 32.62 -23.33
C7 PHQ I 1 -11.18 33.64 -22.41
C8 PHQ I 1 -10.04 34.29 -21.93
N ALA I 2 -7.20 34.26 -18.29
CA ALA I 2 -6.30 33.67 -17.29
C ALA I 2 -7.04 32.52 -16.58
N LEU I 3 -6.52 31.38 -16.25
CA LEU I 3 -7.15 30.27 -15.51
C LEU I 3 -7.58 30.88 -14.19
C 1HB I 4 -9.23 29.86 -11.28
CD 1HB I 4 -11.12 34.12 -13.23
CG 1HB I 4 -9.99 33.10 -13.27
N 1HB I 4 -8.65 30.38 -13.75
OE1 1HB I 4 -12.28 33.77 -12.99
NE2 1HB I 4 -10.73 35.38 -13.37
CH1 1HB I 4 -9.31 35.66 -13.67
CH2 1HB I 4 -11.74 36.47 -13.35
CA 1HB I 4 -9.14 30.90 -12.44
CB 1HB I 4 -10.39 31.82 -12.50
O 1HB I 4 -8.35 28.99 -11.13
C1 PHQ J 1 29.62 -23.40 -37.38
O1 PHQ J 1 30.77 -23.58 -37.78
O2 PHQ J 1 29.28 -23.72 -36.09
C2 PHQ J 1 30.36 -23.95 -35.18
C3 PHQ J 1 30.26 -23.02 -34.13
C4 PHQ J 1 31.35 -22.45 -33.47
C5 PHQ J 1 31.13 -21.52 -32.46
C6 PHQ J 1 29.84 -21.15 -32.08
C7 PHQ J 1 28.76 -21.72 -32.75
C8 PHQ J 1 28.98 -22.64 -33.77
N ALA J 2 28.59 -23.18 -38.19
CA ALA J 2 28.77 -22.83 -39.60
C ALA J 2 28.15 -21.44 -39.80
N LEU J 3 28.66 -20.52 -40.51
CA LEU J 3 28.11 -19.17 -40.78
C LEU J 3 26.75 -19.42 -41.42
C 1HB J 4 24.08 -17.54 -42.61
CD 1HB J 4 22.61 -21.15 -39.40
CG 1HB J 4 23.78 -20.59 -40.21
N 1HB J 4 25.92 -18.56 -41.12
OE1 1HB J 4 21.76 -20.43 -38.86
NE2 1HB J 4 22.54 -22.48 -39.40
CH1 1HB J 4 23.63 -23.23 -40.07
CH2 1HB J 4 21.47 -23.16 -38.67
CA 1HB J 4 24.57 -18.71 -41.71
CB 1HB J 4 23.46 -19.17 -40.74
O 1HB J 4 24.83 -16.96 -43.41
C1 PHQ K 1 -33.04 -23.99 22.35
O1 PHQ K 1 -32.23 -24.21 23.19
O2 PHQ K 1 -34.35 -24.05 22.85
C2 PHQ K 1 -35.40 -23.54 22.01
C3 PHQ K 1 -36.18 -22.64 22.77
C4 PHQ K 1 -35.68 -22.28 24.02
C5 PHQ K 1 -36.38 -21.40 24.85
C6 PHQ K 1 -37.57 -20.85 24.41
C7 PHQ K 1 -38.08 -21.21 23.16
C8 PHQ K 1 -37.38 -22.09 22.33
N ALA K 2 -32.75 -23.47 21.17
CA ALA K 2 -31.38 -23.41 20.69
C ALA K 2 -31.25 -22.09 19.94
N LEU K 3 -30.33 -21.24 20.21
CA LEU K 3 -30.13 -19.97 19.48
C LEU K 3 -29.93 -20.37 18.04
C 1HB K 4 -29.35 -18.66 14.97
CD 1HB K 4 -32.97 -22.23 14.76
CG 1HB K 4 -31.81 -21.65 15.56
N 1HB K 4 -30.30 -19.54 17.16
OE1 1HB K 4 -33.71 -21.51 14.10
NE2 1HB K 4 -33.06 -23.59 14.78
CH1 1HB K 4 -32.14 -24.38 15.61
CH2 1HB K 4 -34.16 -24.21 14.02
CA 1HB K 4 -30.09 -19.82 15.73
CB 1HB K 4 -31.33 -20.30 14.99
O 1HB K 4 -28.26 -18.22 15.34
C1 PHQ L 1 6.98 18.44 25.05
O1 PHQ L 1 8.06 18.14 24.55
O2 PHQ L 1 6.08 19.20 24.38
C2 PHQ L 1 6.30 19.30 22.98
C3 PHQ L 1 5.40 18.52 22.26
C4 PHQ L 1 5.70 17.91 21.05
C5 PHQ L 1 4.70 17.18 20.39
C6 PHQ L 1 3.43 17.04 20.94
C7 PHQ L 1 3.14 17.64 22.16
C8 PHQ L 1 4.12 18.38 22.80
N ALA L 2 6.74 18.35 26.34
CA ALA L 2 7.61 17.58 27.21
C ALA L 2 6.82 16.43 27.82
N LEU L 3 7.39 15.36 28.17
CA LEU L 3 6.72 14.19 28.80
C LEU L 3 6.24 14.70 30.14
C 1HB L 4 4.49 13.44 32.86
CD 1HB L 4 2.68 17.93 31.14
CG 1HB L 4 3.81 16.86 31.06
N 1HB L 4 5.15 14.18 30.51
OE1 1HB L 4 1.52 17.62 31.36
NE2 1HB L 4 3.11 19.19 31.10
CH1 1HB L 4 4.54 19.47 30.83
CH2 1HB L 4 2.13 20.28 31.17
CA 1HB L 4 4.62 14.60 31.82
CB 1HB L 4 3.38 15.55 31.75
O 1HB L 4 5.39 12.62 33.10
C1 PHQ M 1 -22.85 14.94 28.43
O1 PHQ M 1 -21.94 14.82 29.26
O2 PHQ M 1 -24.13 14.80 28.82
C2 PHQ M 1 -24.37 14.85 30.22
C3 PHQ M 1 -25.35 15.82 30.53
C4 PHQ M 1 -25.57 16.27 31.84
C5 PHQ M 1 -26.53 17.25 32.09
C6 PHQ M 1 -27.28 17.79 31.05
C7 PHQ M 1 -27.05 17.36 29.75
C8 PHQ M 1 -26.08 16.39 29.50
N ALA M 2 -22.61 14.91 27.13
CA ALA M 2 -21.27 15.05 26.58
C ALA M 2 -21.25 16.35 25.75
N LEU M 3 -20.40 17.27 25.87
CA LEU M 3 -20.27 18.47 25.02
C LEU M 3 -20.08 17.93 23.63
C 1HB M 4 -19.54 19.49 20.50
CD 1HB M 4 -22.97 15.68 20.72
CG 1HB M 4 -21.84 16.47 21.44
N 1HB M 4 -20.39 18.72 22.77
OE1 1HB M 4 -23.79 16.23 20.00
NE2 1HB M 4 -22.92 14.36 20.85
CH1 1HB M 4 -21.95 13.70 21.75
CH2 1HB M 4 -23.98 13.61 20.17
CA 1HB M 4 -20.23 18.39 21.33
CB 1HB M 4 -21.49 17.79 20.69
O 1HB M 4 -18.48 19.99 20.85
C1 PHQ N 1 41.87 -43.34 4.70
O1 PHQ N 1 43.03 -43.46 4.30
O2 PHQ N 1 41.48 -43.79 5.90
C2 PHQ N 1 42.50 -44.18 6.79
C3 PHQ N 1 42.39 -43.32 7.87
C4 PHQ N 1 43.29 -43.31 8.92
C5 PHQ N 1 43.08 -42.41 9.97
C6 PHQ N 1 41.99 -41.54 9.96
C7 PHQ N 1 41.10 -41.57 8.91
C8 PHQ N 1 41.31 -42.45 7.87
N ALA N 2 40.86 -42.97 3.94
CA ALA N 2 41.06 -42.45 2.61
C ALA N 2 40.44 -41.04 2.54
N LEU N 3 41.02 -40.20 1.80
CA LEU N 3 40.54 -38.81 1.61
C LEU N 3 39.18 -38.96 0.98
C 1HB N 4 36.59 -36.83 0.01
CD 1HB N 4 35.03 -40.65 2.96
CG 1HB N 4 36.22 -40.05 2.18
N 1HB N 4 38.36 -38.01 1.36
OE1 1HB N 4 34.21 -39.92 3.54
NE2 1HB N 4 34.91 -41.99 2.89
CH1 1HB N 4 35.95 -42.78 2.20
CH2 1HB N 4 33.83 -42.65 3.60
CA 1HB N 4 37.02 -38.10 0.78
CB 1HB N 4 35.92 -38.62 1.73
O 1HB N 4 37.26 -36.33 -0.90
C1 PHQ O 1 16.34 24.97 -17.39
O1 PHQ O 1 16.58 24.83 -18.58
O2 PHQ O 1 15.12 25.47 -17.12
C2 PHQ O 1 14.64 25.47 -15.80
C3 PHQ O 1 13.31 25.03 -15.84
C4 PHQ O 1 12.56 25.23 -17.01
C5 PHQ O 1 11.26 24.76 -17.11
C6 PHQ O 1 10.68 24.09 -16.04
C7 PHQ O 1 11.43 23.88 -14.89
C8 PHQ O 1 12.74 24.34 -14.78
N ALA O 2 17.11 24.47 -16.43
CA ALA O 2 18.44 23.93 -16.78
C ALA O 2 18.61 22.62 -16.03
N LEU O 3 18.87 21.55 -16.78
CA LEU O 3 19.12 20.28 -16.07
C LEU O 3 20.34 20.54 -15.22
C 1HB O 4 22.10 18.47 -12.83
CD 1HB O 4 20.91 23.21 -11.25
CG 1HB O 4 20.98 22.22 -12.42
N 1HB O 4 20.35 19.77 -14.09
OE1 1HB O 4 20.63 22.84 -10.12
NE2 1HB O 4 21.29 24.46 -11.51
CH1 1HB O 4 21.58 24.88 -12.91
CH2 1HB O 4 21.23 25.43 -10.40
CA 1HB O 4 21.49 19.85 -13.16
CB 1HB O 4 21.24 20.76 -11.90
O 1HB O 4 22.44 17.67 -13.72
C1 PHQ P 1 7.80 -9.76 -20.50
O1 PHQ P 1 7.73 -9.87 -21.72
O2 PHQ P 1 6.97 -8.98 -19.77
C2 PHQ P 1 5.70 -8.48 -20.25
C3 PHQ P 1 4.58 -9.29 -20.03
C4 PHQ P 1 4.48 -9.88 -18.77
C5 PHQ P 1 3.40 -10.69 -18.45
C6 PHQ P 1 2.39 -10.89 -19.37
C7 PHQ P 1 2.47 -10.29 -20.63
C8 PHQ P 1 3.56 -9.48 -20.96
N ALA P 2 8.90 -10.12 -19.85
CA ALA P 2 9.90 -10.96 -20.48
C ALA P 2 10.01 -12.31 -19.78
N LEU P 3 10.24 -13.28 -20.46
CA LEU P 3 10.42 -14.63 -19.89
C LEU P 3 11.63 -14.50 -19.00
C 1HB P 4 13.43 -16.75 -16.88
CD 1HB P 4 12.30 -12.24 -14.86
CG 1HB P 4 12.39 -13.09 -16.11
N 1HB P 4 11.66 -15.31 -18.01
OE1 1HB P 4 11.99 -12.75 -13.79
NE2 1HB P 4 12.66 -10.95 -14.99
CH1 1HB P 4 12.99 -10.39 -16.30
CH2 1HB P 4 12.57 -10.10 -13.79
CA 1HB P 4 12.81 -15.34 -17.09
CB 1HB P 4 12.57 -14.58 -15.76
O 1HB P 4 13.84 -17.44 -17.82
S DMS Q . 5.72 -7.13 -41.63
O DMS Q . 4.39 -6.01 -41.20
C1 DMS Q . 5.52 -8.20 -43.10
C2 DMS Q . 7.05 -6.24 -42.53
S DMS R . -24.83 26.50 1.04
O DMS R . -26.58 26.38 1.21
C1 DMS R . -24.26 27.36 2.51
C2 DMS R . -24.30 24.80 1.27
S DMS S . -12.47 9.31 44.49
O DMS S . -14.12 8.91 45.07
C1 DMS S . -11.27 9.97 45.72
C2 DMS S . -11.39 7.84 44.32
S DMS T . 18.88 -25.88 1.73
O DMS T . 17.52 -24.89 2.32
C1 DMS T . 18.72 -26.72 0.10
C2 DMS T . 20.23 -24.85 1.05
#